data_7AZF
#
_entry.id   7AZF
#
_cell.length_a   70.418
_cell.length_b   82.034
_cell.length_c   82.392
_cell.angle_alpha   116.870
_cell.angle_beta   100.260
_cell.angle_gamma   95.470
#
_symmetry.space_group_name_H-M   'P 1'
#
loop_
_entity.id
_entity.type
_entity.pdbx_description
1 polymer 'Beta sliding clamp'
2 polymer 'Peptide 8'
3 non-polymer GLYCEROL
4 non-polymer DI(HYDROXYETHYL)ETHER
5 water water
#
loop_
_entity_poly.entity_id
_entity_poly.type
_entity_poly.pdbx_seq_one_letter_code
_entity_poly.pdbx_strand_id
1 'polypeptide(L)'
;GSHMKFTVEREHLLKPLQQVSGPLGGRPTLPILGNLLLQVADGTLSLTGTDLEMEMVARVALVQPHEPGATTVPARKFFD
ICRGLPEGAEIAVQLEGERMLVRSGRSRFSLSTLPAADFPNLDDWQSEVEFTLPQATMKRLIEATQFSMAHQDVRYYLNG
MLFETEGEELRTVATDGHRLAVCSMPIGQSLPSHSVIVPRKGVIELMRMLDGGDNPLRVQIGSNNIRAHVGDFIFTSKLV
DGRFPDYRRVLPKNPDKHLEAGCDLLKQAFARAAILSNEKFRGVRLYVSENQLKITANNPEQEEAEEILDVTYSGAEMEI
GFNVSYVLDVLNALKCENVRMMLTDSVSSVQIEDAASQSAAYVVMPMRL
;
A,B,C,D
2 'polypeptide(L)' (SGK)Q(ALC)DLF H,I,J,K
#
# COMPACT_ATOMS: atom_id res chain seq x y z
N GLY A 1 18.82 18.96 -38.32
CA GLY A 1 19.97 18.09 -38.52
C GLY A 1 19.69 16.62 -38.21
N SER A 2 20.48 15.71 -38.84
CA SER A 2 20.29 14.28 -38.65
C SER A 2 21.30 13.69 -37.67
N HIS A 3 22.43 14.35 -37.49
CA HIS A 3 23.54 13.79 -36.74
C HIS A 3 23.87 14.64 -35.55
N MET A 4 22.88 14.81 -34.62
CA MET A 4 23.05 15.59 -33.41
CA MET A 4 23.06 15.59 -33.42
C MET A 4 24.34 15.18 -32.66
N LYS A 5 25.12 16.13 -32.18
CA LYS A 5 26.34 15.84 -31.44
C LYS A 5 26.68 17.08 -30.64
N PHE A 6 27.20 16.92 -29.44
CA PHE A 6 27.66 18.05 -28.62
C PHE A 6 28.63 17.55 -27.55
N THR A 7 29.48 18.44 -27.04
CA THR A 7 30.40 18.13 -25.96
C THR A 7 30.31 19.24 -24.92
N VAL A 8 30.07 18.92 -23.68
CA VAL A 8 29.89 19.98 -22.70
C VAL A 8 30.48 19.48 -21.39
N GLU A 9 30.85 20.39 -20.48
CA GLU A 9 31.34 20.00 -19.15
C GLU A 9 30.17 19.44 -18.33
N ARG A 10 30.45 18.40 -17.53
CA ARG A 10 29.48 17.78 -16.63
C ARG A 10 28.82 18.83 -15.76
N GLU A 11 29.61 19.77 -15.25
CA GLU A 11 29.14 20.82 -14.34
C GLU A 11 27.99 21.67 -14.92
N HIS A 12 28.07 22.01 -16.21
CA HIS A 12 27.04 22.80 -16.86
C HIS A 12 25.72 22.05 -17.07
N LEU A 13 25.70 20.71 -16.89
CA LEU A 13 24.48 19.92 -17.11
C LEU A 13 23.75 19.61 -15.88
N LEU A 14 24.44 19.56 -14.76
CA LEU A 14 23.83 19.04 -13.56
C LEU A 14 22.62 19.80 -13.12
N LYS A 15 22.71 21.15 -13.00
CA LYS A 15 21.58 21.94 -12.48
C LYS A 15 20.45 21.91 -13.50
N PRO A 16 20.73 22.12 -14.81
CA PRO A 16 19.66 21.99 -15.80
C PRO A 16 18.88 20.69 -15.75
N LEU A 17 19.62 19.53 -15.72
CA LEU A 17 19.04 18.18 -15.65
C LEU A 17 18.23 17.90 -14.39
N GLN A 18 18.63 18.37 -13.24
CA GLN A 18 17.81 18.22 -12.05
C GLN A 18 16.49 19.04 -12.19
N GLN A 19 16.61 20.28 -12.70
CA GLN A 19 15.42 21.14 -12.84
C GLN A 19 14.48 20.57 -13.85
N VAL A 20 14.99 20.10 -14.96
CA VAL A 20 14.12 19.57 -16.02
C VAL A 20 13.62 18.13 -15.71
N SER A 21 14.41 17.34 -14.97
CA SER A 21 14.01 15.97 -14.57
C SER A 21 13.04 16.01 -13.42
N GLY A 22 12.74 17.20 -12.90
CA GLY A 22 11.82 17.45 -11.79
C GLY A 22 10.34 17.30 -12.06
N PRO A 23 9.76 17.98 -13.09
CA PRO A 23 8.31 17.81 -13.35
C PRO A 23 7.88 16.40 -13.75
N LEU A 24 8.80 15.39 -13.61
CA LEU A 24 8.58 14.01 -14.00
C LEU A 24 8.30 13.13 -12.76
N GLY A 25 7.86 11.90 -13.04
CA GLY A 25 7.57 10.89 -12.02
C GLY A 25 8.01 9.52 -12.46
N GLY A 26 7.90 8.56 -11.55
CA GLY A 26 8.25 7.17 -11.83
C GLY A 26 7.36 6.52 -12.87
N ARG A 27 6.10 7.02 -13.03
CA ARG A 27 5.12 6.45 -13.95
C ARG A 27 4.59 7.49 -14.94
N PRO A 28 5.18 7.63 -16.15
CA PRO A 28 4.63 8.61 -17.09
C PRO A 28 3.30 8.13 -17.70
N THR A 29 2.41 9.09 -18.03
CA THR A 29 1.12 8.85 -18.68
C THR A 29 1.36 8.15 -20.02
N LEU A 30 2.37 8.64 -20.76
CA LEU A 30 2.75 8.10 -22.05
C LEU A 30 4.27 7.78 -21.96
N PRO A 31 4.78 6.74 -22.64
CA PRO A 31 6.21 6.43 -22.50
C PRO A 31 7.16 7.61 -22.82
N ILE A 32 6.80 8.45 -23.82
CA ILE A 32 7.67 9.58 -24.17
C ILE A 32 7.72 10.66 -23.07
N LEU A 33 6.74 10.69 -22.14
CA LEU A 33 6.80 11.69 -21.06
C LEU A 33 7.88 11.35 -20.00
N GLY A 34 8.40 10.12 -20.04
CA GLY A 34 9.51 9.72 -19.18
C GLY A 34 10.84 10.17 -19.77
N ASN A 35 10.85 10.68 -21.04
CA ASN A 35 12.07 11.16 -21.70
C ASN A 35 12.20 12.68 -21.63
N LEU A 36 13.43 13.18 -21.82
CA LEU A 36 13.73 14.60 -22.00
C LEU A 36 13.93 14.88 -23.47
N LEU A 37 13.41 16.02 -23.95
CA LEU A 37 13.72 16.43 -25.31
C LEU A 37 15.05 17.20 -25.32
N LEU A 38 16.02 16.74 -26.11
CA LEU A 38 17.33 17.39 -26.26
C LEU A 38 17.33 18.05 -27.64
N GLN A 39 17.61 19.36 -27.71
CA GLN A 39 17.77 20.07 -29.01
C GLN A 39 19.05 20.83 -29.03
N VAL A 40 19.78 20.70 -30.12
CA VAL A 40 21.03 21.38 -30.34
C VAL A 40 20.80 22.24 -31.52
N ALA A 41 20.98 23.56 -31.39
CA ALA A 41 20.96 24.47 -32.55
C ALA A 41 21.70 25.74 -32.21
N ASP A 42 22.48 26.27 -33.18
CA ASP A 42 23.18 27.55 -33.13
C ASP A 42 23.72 27.93 -31.73
N GLY A 43 24.65 27.11 -31.24
CA GLY A 43 25.35 27.37 -30.01
C GLY A 43 24.57 27.12 -28.73
N THR A 44 23.38 26.48 -28.80
CA THR A 44 22.57 26.23 -27.59
C THR A 44 22.09 24.78 -27.52
N LEU A 45 22.15 24.21 -26.33
CA LEU A 45 21.52 22.92 -26.03
C LEU A 45 20.28 23.22 -25.22
N SER A 46 19.12 22.75 -25.68
CA SER A 46 17.87 22.90 -24.94
C SER A 46 17.43 21.54 -24.38
N LEU A 47 16.99 21.51 -23.12
CA LEU A 47 16.50 20.30 -22.40
C LEU A 47 15.12 20.58 -21.92
N THR A 48 14.17 19.72 -22.32
CA THR A 48 12.77 19.89 -21.94
C THR A 48 12.22 18.63 -21.32
N GLY A 49 11.52 18.79 -20.20
CA GLY A 49 10.72 17.76 -19.55
C GLY A 49 9.26 18.22 -19.48
N THR A 50 8.29 17.29 -19.57
CA THR A 50 6.85 17.64 -19.54
C THR A 50 5.99 16.48 -19.02
N ASP A 51 4.79 16.78 -18.57
CA ASP A 51 3.80 15.75 -18.23
C ASP A 51 2.49 16.05 -18.93
N LEU A 52 2.50 16.92 -19.96
CA LEU A 52 1.32 17.43 -20.68
C LEU A 52 0.56 18.55 -19.93
N GLU A 53 0.67 18.67 -18.61
CA GLU A 53 0.03 19.75 -17.88
CA GLU A 53 0.04 19.76 -17.87
C GLU A 53 1.05 20.86 -17.65
N MET A 54 2.34 20.55 -17.50
CA MET A 54 3.34 21.55 -17.36
C MET A 54 4.65 21.12 -18.00
N GLU A 55 5.55 22.10 -18.20
CA GLU A 55 6.84 21.82 -18.81
C GLU A 55 7.97 22.64 -18.25
N MET A 56 9.19 22.10 -18.27
CA MET A 56 10.34 22.82 -17.77
C MET A 56 11.40 22.77 -18.86
N VAL A 57 11.95 23.94 -19.24
CA VAL A 57 12.97 24.04 -20.30
C VAL A 57 14.23 24.66 -19.72
N ALA A 58 15.39 24.03 -19.92
CA ALA A 58 16.67 24.66 -19.57
C ALA A 58 17.51 24.85 -20.83
N ARG A 59 18.22 25.96 -20.91
CA ARG A 59 19.13 26.26 -22.03
C ARG A 59 20.55 26.32 -21.54
N VAL A 60 21.45 25.62 -22.26
CA VAL A 60 22.87 25.51 -21.95
C VAL A 60 23.69 25.98 -23.19
N ALA A 61 24.59 26.94 -22.98
CA ALA A 61 25.47 27.44 -24.05
C ALA A 61 26.41 26.35 -24.45
N LEU A 62 26.63 26.20 -25.76
CA LEU A 62 27.56 25.23 -26.29
C LEU A 62 28.78 25.96 -26.86
N VAL A 63 29.92 25.91 -26.16
CA VAL A 63 31.16 26.57 -26.59
C VAL A 63 31.98 25.69 -27.53
N GLN A 64 31.92 24.36 -27.33
CA GLN A 64 32.70 23.41 -28.14
C GLN A 64 31.96 23.07 -29.41
N PRO A 65 32.66 22.53 -30.44
CA PRO A 65 31.96 22.16 -31.69
C PRO A 65 30.77 21.22 -31.45
N HIS A 66 29.73 21.37 -32.26
CA HIS A 66 28.49 20.59 -32.14
C HIS A 66 27.78 20.51 -33.49
N GLU A 67 26.85 19.56 -33.63
CA GLU A 67 26.06 19.45 -34.85
C GLU A 67 24.59 19.51 -34.43
N PRO A 68 23.78 20.26 -35.20
CA PRO A 68 22.38 20.40 -34.85
C PRO A 68 21.57 19.11 -34.92
N GLY A 69 20.48 19.10 -34.17
CA GLY A 69 19.57 17.97 -34.18
C GLY A 69 18.79 17.85 -32.89
N ALA A 70 17.99 16.82 -32.81
CA ALA A 70 17.17 16.63 -31.62
C ALA A 70 16.83 15.17 -31.42
N THR A 71 16.58 14.81 -30.17
CA THR A 71 16.20 13.45 -29.82
C THR A 71 15.54 13.52 -28.47
N THR A 72 14.99 12.39 -27.97
CA THR A 72 14.51 12.30 -26.61
C THR A 72 15.17 11.04 -26.00
N VAL A 73 15.50 11.12 -24.74
CA VAL A 73 16.13 10.05 -23.96
C VAL A 73 15.50 9.91 -22.61
N PRO A 74 15.57 8.72 -22.06
CA PRO A 74 15.10 8.53 -20.67
C PRO A 74 15.71 9.50 -19.67
N ALA A 75 14.84 10.30 -19.00
CA ALA A 75 15.29 11.45 -18.19
C ALA A 75 16.13 11.05 -17.01
N ARG A 76 15.62 10.15 -16.22
CA ARG A 76 16.25 9.75 -14.99
C ARG A 76 17.56 8.99 -15.26
N LYS A 77 17.57 8.14 -16.27
CA LYS A 77 18.81 7.41 -16.59
C LYS A 77 19.90 8.40 -17.08
N PHE A 78 19.51 9.33 -17.97
CA PHE A 78 20.48 10.32 -18.47
C PHE A 78 21.01 11.18 -17.30
N PHE A 79 20.09 11.65 -16.42
CA PHE A 79 20.50 12.41 -15.25
C PHE A 79 21.44 11.60 -14.36
N ASP A 80 21.07 10.35 -14.03
CA ASP A 80 21.92 9.54 -13.14
C ASP A 80 23.30 9.29 -13.75
N ILE A 81 23.36 9.05 -15.08
CA ILE A 81 24.67 8.88 -15.71
C ILE A 81 25.54 10.12 -15.51
N CYS A 82 25.00 11.31 -15.88
CA CYS A 82 25.82 12.53 -15.78
C CYS A 82 26.27 12.81 -14.33
N ARG A 83 25.34 12.73 -13.36
CA ARG A 83 25.64 12.91 -11.94
C ARG A 83 26.66 11.89 -11.44
N GLY A 84 26.59 10.67 -11.95
CA GLY A 84 27.49 9.62 -11.52
C GLY A 84 28.91 9.73 -12.08
N LEU A 85 29.13 10.57 -13.10
CA LEU A 85 30.48 10.73 -13.62
C LEU A 85 31.29 11.59 -12.66
N PRO A 86 32.64 11.45 -12.70
CA PRO A 86 33.47 12.20 -11.74
C PRO A 86 33.41 13.72 -11.95
N GLU A 87 33.64 14.46 -10.86
CA GLU A 87 33.77 15.91 -10.83
C GLU A 87 34.72 16.39 -11.94
N GLY A 88 34.34 17.43 -12.66
CA GLY A 88 35.20 17.98 -13.70
C GLY A 88 35.20 17.18 -14.97
N ALA A 89 34.36 16.11 -15.06
CA ALA A 89 34.29 15.31 -16.30
C ALA A 89 33.79 16.13 -17.50
N GLU A 90 34.19 15.74 -18.71
CA GLU A 90 33.65 16.28 -19.95
C GLU A 90 32.72 15.22 -20.54
N ILE A 91 31.55 15.61 -21.00
CA ILE A 91 30.58 14.65 -21.56
C ILE A 91 30.36 14.86 -23.06
N ALA A 92 30.62 13.84 -23.86
CA ALA A 92 30.47 13.92 -25.30
C ALA A 92 29.23 13.11 -25.64
N VAL A 93 28.24 13.74 -26.28
CA VAL A 93 26.97 13.09 -26.62
C VAL A 93 26.78 13.07 -28.14
N GLN A 94 26.27 11.97 -28.70
CA GLN A 94 25.97 11.92 -30.10
C GLN A 94 24.94 10.86 -30.40
N LEU A 95 24.16 11.10 -31.41
CA LEU A 95 23.16 10.18 -31.91
C LEU A 95 23.87 9.21 -32.85
N GLU A 96 23.65 7.90 -32.66
CA GLU A 96 24.20 6.87 -33.53
C GLU A 96 23.04 5.96 -33.89
N GLY A 97 22.42 6.18 -35.06
CA GLY A 97 21.20 5.43 -35.41
C GLY A 97 20.05 5.81 -34.52
N GLU A 98 19.39 4.83 -33.87
CA GLU A 98 18.28 5.08 -32.94
C GLU A 98 18.75 5.15 -31.48
N ARG A 99 20.05 5.22 -31.24
CA ARG A 99 20.59 5.26 -29.86
C ARG A 99 21.27 6.58 -29.62
N MET A 100 21.26 7.03 -28.37
CA MET A 100 22.02 8.22 -27.96
C MET A 100 23.22 7.73 -27.14
N LEU A 101 24.42 8.06 -27.60
CA LEU A 101 25.69 7.68 -26.95
C LEU A 101 26.15 8.80 -26.02
N VAL A 102 26.60 8.41 -24.82
CA VAL A 102 27.13 9.33 -23.81
C VAL A 102 28.50 8.81 -23.49
N ARG A 103 29.54 9.64 -23.66
CA ARG A 103 30.90 9.18 -23.44
C ARG A 103 31.62 10.15 -22.56
N SER A 104 32.50 9.63 -21.69
CA SER A 104 33.33 10.45 -20.81
C SER A 104 34.41 9.51 -20.32
N GLY A 105 35.68 9.90 -20.50
CA GLY A 105 36.82 9.05 -20.15
C GLY A 105 36.67 7.72 -20.86
N ARG A 106 36.72 6.61 -20.11
N ARG A 106 36.74 6.60 -20.12
CA ARG A 106 36.48 5.30 -20.67
CA ARG A 106 36.48 5.30 -20.70
C ARG A 106 35.14 4.72 -20.15
C ARG A 106 35.13 4.72 -20.17
N SER A 107 34.12 5.60 -20.01
CA SER A 107 32.75 5.21 -19.61
C SER A 107 31.89 5.44 -20.89
N ARG A 108 31.14 4.44 -21.29
CA ARG A 108 30.35 4.54 -22.50
C ARG A 108 28.93 4.08 -22.23
N PHE A 109 27.95 4.93 -22.53
CA PHE A 109 26.54 4.59 -22.35
C PHE A 109 25.80 4.75 -23.64
N SER A 110 25.05 3.73 -23.99
CA SER A 110 24.18 3.74 -25.15
C SER A 110 22.73 3.73 -24.64
N LEU A 111 22.00 4.83 -24.85
CA LEU A 111 20.61 5.00 -24.41
C LEU A 111 19.60 4.83 -25.52
N SER A 112 18.44 4.32 -25.19
CA SER A 112 17.36 4.19 -26.21
C SER A 112 16.74 5.58 -26.41
N THR A 113 16.18 5.84 -27.59
CA THR A 113 15.54 7.13 -27.83
C THR A 113 14.11 6.95 -28.35
N LEU A 114 13.35 8.05 -28.32
CA LEU A 114 12.04 8.12 -29.01
C LEU A 114 12.11 9.38 -29.88
N PRO A 115 11.45 9.40 -31.07
CA PRO A 115 11.63 10.56 -31.97
C PRO A 115 11.25 11.90 -31.36
N ALA A 116 12.08 12.92 -31.60
CA ALA A 116 11.81 14.29 -31.11
C ALA A 116 10.49 14.83 -31.71
N ALA A 117 10.13 14.42 -32.92
CA ALA A 117 8.87 14.81 -33.58
C ALA A 117 7.65 14.35 -32.78
N ASP A 118 7.81 13.27 -31.96
CA ASP A 118 6.71 12.78 -31.12
C ASP A 118 6.64 13.52 -29.80
N PHE A 119 7.59 14.43 -29.48
CA PHE A 119 7.52 15.06 -28.14
C PHE A 119 6.45 16.18 -28.04
N PRO A 120 5.63 16.23 -26.94
CA PRO A 120 4.66 17.35 -26.77
C PRO A 120 5.27 18.77 -26.62
N ASN A 121 4.43 19.82 -26.85
CA ASN A 121 4.80 21.25 -26.75
C ASN A 121 3.78 22.04 -25.92
N LEU A 122 4.22 22.72 -24.85
CA LEU A 122 3.34 23.59 -24.07
C LEU A 122 3.60 25.08 -24.39
N ASP A 123 3.94 25.34 -25.66
CA ASP A 123 4.14 26.68 -26.20
C ASP A 123 2.88 26.98 -26.98
N ASP A 124 2.92 27.99 -27.88
CA ASP A 124 1.77 28.38 -28.70
C ASP A 124 0.71 29.12 -27.88
N TRP A 125 1.14 30.25 -27.27
CA TRP A 125 0.25 31.20 -26.58
C TRP A 125 1.01 32.48 -26.35
N GLN A 126 0.27 33.58 -26.19
CA GLN A 126 0.85 34.88 -25.88
C GLN A 126 0.39 35.34 -24.50
N SER A 127 1.34 35.90 -23.76
CA SER A 127 1.08 36.41 -22.43
C SER A 127 0.31 37.71 -22.53
N GLU A 128 -0.66 37.89 -21.64
CA GLU A 128 -1.48 39.10 -21.53
C GLU A 128 -0.90 40.01 -20.47
N VAL A 129 -0.60 39.45 -19.28
CA VAL A 129 -0.10 40.19 -18.10
C VAL A 129 1.35 39.76 -17.89
N GLU A 130 2.28 40.71 -17.73
CA GLU A 130 3.69 40.38 -17.53
C GLU A 130 4.28 41.21 -16.38
N PHE A 131 5.19 40.64 -15.60
CA PHE A 131 5.83 41.36 -14.51
C PHE A 131 7.02 40.63 -13.96
N THR A 132 7.81 41.35 -13.18
CA THR A 132 8.98 40.77 -12.53
C THR A 132 8.87 40.99 -11.00
N LEU A 133 9.45 40.09 -10.21
CA LEU A 133 9.53 40.30 -8.75
C LEU A 133 10.71 39.52 -8.19
N PRO A 134 11.21 39.86 -6.97
CA PRO A 134 12.30 39.07 -6.40
C PRO A 134 11.85 37.64 -6.11
N GLN A 135 12.81 36.69 -6.14
CA GLN A 135 12.49 35.31 -5.84
C GLN A 135 11.91 35.17 -4.40
N ALA A 136 12.50 35.91 -3.46
CA ALA A 136 12.10 35.88 -2.04
C ALA A 136 10.64 36.25 -1.88
N THR A 137 10.13 37.19 -2.70
CA THR A 137 8.73 37.62 -2.66
C THR A 137 7.79 36.50 -3.11
N MET A 138 8.15 35.77 -4.19
CA MET A 138 7.37 34.62 -4.65
C MET A 138 7.36 33.49 -3.59
N LYS A 139 8.53 33.17 -3.03
CA LYS A 139 8.68 32.14 -2.02
C LYS A 139 7.80 32.45 -0.78
N ARG A 140 7.85 33.72 -0.33
CA ARG A 140 7.04 34.24 0.80
C ARG A 140 5.54 34.09 0.49
N LEU A 141 5.10 34.45 -0.72
CA LEU A 141 3.71 34.35 -1.13
C LEU A 141 3.20 32.93 -1.14
N ILE A 142 3.98 32.01 -1.70
CA ILE A 142 3.60 30.59 -1.74
C ILE A 142 3.67 29.92 -0.33
N GLU A 143 4.76 30.14 0.41
CA GLU A 143 4.89 29.53 1.73
C GLU A 143 3.77 29.95 2.70
N ALA A 144 3.27 31.20 2.56
CA ALA A 144 2.24 31.74 3.44
C ALA A 144 0.84 31.13 3.22
N THR A 145 0.59 30.43 2.09
CA THR A 145 -0.76 29.92 1.78
C THR A 145 -0.81 28.46 1.31
N GLN A 146 0.31 27.91 0.83
CA GLN A 146 0.31 26.60 0.20
C GLN A 146 -0.35 25.52 1.01
N PHE A 147 -0.11 25.49 2.34
CA PHE A 147 -0.71 24.49 3.22
C PHE A 147 -2.26 24.49 3.25
N SER A 148 -2.91 25.60 2.88
CA SER A 148 -4.38 25.69 2.90
C SER A 148 -5.03 25.17 1.59
N MET A 149 -4.24 24.81 0.58
CA MET A 149 -4.83 24.27 -0.67
C MET A 149 -5.55 22.94 -0.37
N ALA A 150 -6.58 22.59 -1.15
CA ALA A 150 -7.32 21.33 -0.93
C ALA A 150 -6.50 20.11 -1.38
N HIS A 151 -6.83 18.93 -0.83
CA HIS A 151 -6.18 17.68 -1.21
C HIS A 151 -7.17 16.75 -1.88
N GLN A 152 -7.06 16.67 -3.22
CA GLN A 152 -7.84 15.80 -4.10
C GLN A 152 -9.34 15.97 -3.91
N ASP A 153 -9.76 17.19 -3.74
CA ASP A 153 -11.18 17.50 -3.60
C ASP A 153 -11.88 17.36 -4.97
N VAL A 154 -13.16 17.06 -4.91
CA VAL A 154 -14.11 16.92 -6.01
C VAL A 154 -14.26 18.31 -6.73
N ARG A 155 -14.13 19.38 -5.96
CA ARG A 155 -14.09 20.75 -6.47
C ARG A 155 -12.63 21.02 -6.93
N TYR A 156 -12.32 20.57 -8.14
CA TYR A 156 -10.97 20.58 -8.72
C TYR A 156 -10.23 21.91 -8.56
N TYR A 157 -10.97 23.03 -8.57
CA TYR A 157 -10.39 24.37 -8.51
C TYR A 157 -9.78 24.73 -7.13
N LEU A 158 -10.17 23.99 -6.06
CA LEU A 158 -9.62 24.18 -4.73
C LEU A 158 -8.25 23.47 -4.65
N ASN A 159 -7.97 22.53 -5.57
CA ASN A 159 -6.66 21.84 -5.64
C ASN A 159 -5.67 22.69 -6.42
N GLY A 160 -5.46 23.90 -5.94
CA GLY A 160 -4.66 24.89 -6.65
C GLY A 160 -4.55 26.15 -5.82
N MET A 161 -3.87 27.12 -6.35
CA MET A 161 -3.60 28.35 -5.65
C MET A 161 -3.97 29.51 -6.56
N LEU A 162 -4.79 30.45 -6.06
CA LEU A 162 -5.15 31.63 -6.81
C LEU A 162 -3.98 32.58 -6.80
N PHE A 163 -3.63 33.12 -7.97
CA PHE A 163 -2.62 34.16 -8.12
C PHE A 163 -3.35 35.39 -8.66
N GLU A 164 -3.24 36.50 -7.95
CA GLU A 164 -4.01 37.68 -8.28
C GLU A 164 -3.12 38.89 -8.33
N THR A 165 -3.26 39.69 -9.39
CA THR A 165 -2.58 40.99 -9.49
C THR A 165 -3.61 42.09 -9.20
N GLU A 166 -3.25 43.06 -8.39
CA GLU A 166 -4.15 44.17 -8.07
C GLU A 166 -3.35 45.37 -7.63
N GLY A 167 -3.41 46.44 -8.41
CA GLY A 167 -2.63 47.64 -8.15
C GLY A 167 -1.15 47.39 -8.27
N GLU A 168 -0.44 47.56 -7.16
CA GLU A 168 1.01 47.34 -7.09
C GLU A 168 1.33 45.97 -6.41
N GLU A 169 0.31 45.15 -6.11
CA GLU A 169 0.54 43.93 -5.37
C GLU A 169 0.26 42.64 -6.13
N LEU A 170 1.00 41.60 -5.76
CA LEU A 170 0.71 40.23 -6.18
C LEU A 170 0.15 39.52 -4.93
N ARG A 171 -0.94 38.77 -5.10
CA ARG A 171 -1.61 38.07 -4.00
C ARG A 171 -1.78 36.59 -4.30
N THR A 172 -1.66 35.74 -3.28
CA THR A 172 -2.03 34.33 -3.38
C THR A 172 -3.17 34.02 -2.43
N VAL A 173 -4.05 33.09 -2.82
CA VAL A 173 -5.14 32.63 -2.00
C VAL A 173 -5.23 31.12 -2.14
N ALA A 174 -5.40 30.42 -1.00
CA ALA A 174 -5.61 28.97 -1.01
C ALA A 174 -6.68 28.65 0.02
N THR A 175 -7.55 27.73 -0.30
CA THR A 175 -8.58 27.30 0.62
C THR A 175 -9.03 25.87 0.27
N ASP A 176 -9.46 25.14 1.28
CA ASP A 176 -9.93 23.78 1.10
C ASP A 176 -11.40 23.65 1.52
N GLY A 177 -12.09 24.77 1.71
CA GLY A 177 -13.50 24.77 2.13
C GLY A 177 -13.72 24.81 3.64
N HIS A 178 -12.65 24.60 4.43
CA HIS A 178 -12.73 24.65 5.89
C HIS A 178 -11.88 25.80 6.40
N ARG A 179 -10.72 26.04 5.74
CA ARG A 179 -9.83 27.11 6.14
C ARG A 179 -9.24 27.79 4.91
N LEU A 180 -8.86 29.06 5.06
CA LEU A 180 -8.38 29.85 3.93
C LEU A 180 -7.13 30.58 4.36
N ALA A 181 -6.20 30.78 3.42
CA ALA A 181 -5.01 31.59 3.63
C ALA A 181 -4.89 32.60 2.47
N VAL A 182 -4.47 33.84 2.79
CA VAL A 182 -4.30 34.91 1.81
C VAL A 182 -3.09 35.72 2.20
N CYS A 183 -2.27 36.08 1.20
CA CYS A 183 -1.03 36.85 1.40
C CYS A 183 -0.86 37.78 0.20
N SER A 184 -0.57 39.08 0.45
CA SER A 184 -0.36 40.10 -0.58
C SER A 184 0.98 40.72 -0.34
N MET A 185 1.76 40.98 -1.41
CA MET A 185 3.08 41.60 -1.29
C MET A 185 3.22 42.72 -2.35
N PRO A 186 3.84 43.86 -2.02
CA PRO A 186 4.06 44.87 -3.06
C PRO A 186 5.18 44.43 -4.00
N ILE A 187 5.06 44.68 -5.31
CA ILE A 187 6.12 44.33 -6.27
C ILE A 187 6.73 45.57 -7.00
N GLY A 188 6.22 46.77 -6.74
CA GLY A 188 6.76 48.01 -7.30
C GLY A 188 6.33 48.40 -8.69
N GLN A 189 5.27 47.77 -9.24
CA GLN A 189 4.80 48.05 -10.60
C GLN A 189 3.29 48.12 -10.59
N SER A 190 2.71 49.01 -11.38
CA SER A 190 1.25 49.09 -11.49
C SER A 190 0.78 47.99 -12.46
N LEU A 191 -0.16 47.14 -12.01
CA LEU A 191 -0.61 45.97 -12.77
C LEU A 191 -2.07 46.07 -13.12
N PRO A 192 -2.52 45.48 -14.24
CA PRO A 192 -3.96 45.36 -14.47
C PRO A 192 -4.55 44.27 -13.57
N SER A 193 -5.88 44.25 -13.42
CA SER A 193 -6.53 43.28 -12.53
C SER A 193 -6.68 41.93 -13.22
N HIS A 194 -6.07 40.90 -12.62
CA HIS A 194 -6.04 39.56 -13.19
C HIS A 194 -6.05 38.48 -12.11
N SER A 195 -6.83 37.41 -12.33
CA SER A 195 -6.97 36.34 -11.35
CA SER A 195 -6.98 36.35 -11.35
C SER A 195 -6.89 35.00 -12.05
N VAL A 196 -5.89 34.17 -11.69
CA VAL A 196 -5.76 32.84 -12.28
C VAL A 196 -5.49 31.78 -11.21
N ILE A 197 -5.86 30.55 -11.50
CA ILE A 197 -5.65 29.42 -10.57
C ILE A 197 -4.52 28.56 -11.13
N VAL A 198 -3.43 28.47 -10.35
CA VAL A 198 -2.30 27.63 -10.71
C VAL A 198 -2.53 26.23 -10.06
N PRO A 199 -2.46 25.13 -10.81
CA PRO A 199 -2.67 23.81 -10.18
C PRO A 199 -1.61 23.44 -9.16
N ARG A 200 -2.02 22.65 -8.15
CA ARG A 200 -1.18 22.05 -7.12
C ARG A 200 0.28 21.72 -7.63
N LYS A 201 0.42 20.90 -8.65
CA LYS A 201 1.76 20.53 -9.14
C LYS A 201 2.53 21.73 -9.71
N GLY A 202 1.82 22.70 -10.29
CA GLY A 202 2.45 23.93 -10.77
C GLY A 202 3.02 24.75 -9.64
N VAL A 203 2.30 24.86 -8.54
CA VAL A 203 2.76 25.61 -7.37
C VAL A 203 4.07 24.96 -6.86
N ILE A 204 4.11 23.62 -6.77
CA ILE A 204 5.28 22.86 -6.34
C ILE A 204 6.48 23.14 -7.21
N GLU A 205 6.30 23.18 -8.53
CA GLU A 205 7.41 23.46 -9.44
C GLU A 205 7.89 24.92 -9.36
N LEU A 206 6.97 25.91 -9.24
CA LEU A 206 7.35 27.30 -9.05
C LEU A 206 8.25 27.44 -7.84
N MET A 207 7.97 26.72 -6.76
CA MET A 207 8.80 26.79 -5.57
C MET A 207 10.14 26.14 -5.75
N ARG A 208 10.15 24.98 -6.39
CA ARG A 208 11.36 24.18 -6.60
C ARG A 208 12.40 24.90 -7.50
N MET A 209 11.94 25.79 -8.37
CA MET A 209 12.84 26.54 -9.28
CA MET A 209 12.85 26.53 -9.27
C MET A 209 13.48 27.78 -8.62
N LEU A 210 13.07 28.11 -7.41
CA LEU A 210 13.65 29.21 -6.71
C LEU A 210 14.94 28.76 -6.05
N ASP A 211 16.11 29.35 -6.44
CA ASP A 211 17.42 28.93 -5.93
C ASP A 211 17.95 29.82 -4.78
N GLY A 212 17.22 30.87 -4.43
CA GLY A 212 17.63 31.79 -3.37
C GLY A 212 18.68 32.81 -3.75
N GLY A 213 19.13 32.79 -5.01
CA GLY A 213 20.12 33.74 -5.49
C GLY A 213 19.52 35.09 -5.81
N ASP A 214 20.29 35.94 -6.52
CA ASP A 214 19.85 37.30 -6.85
C ASP A 214 19.22 37.38 -8.27
N ASN A 215 19.05 36.23 -8.97
CA ASN A 215 18.36 36.22 -10.26
C ASN A 215 16.88 36.60 -10.07
N PRO A 216 16.38 37.65 -10.77
CA PRO A 216 14.95 38.00 -10.63
C PRO A 216 14.01 36.99 -11.29
N LEU A 217 12.77 36.95 -10.82
CA LEU A 217 11.72 36.09 -11.37
C LEU A 217 10.86 36.90 -12.36
N ARG A 218 10.72 36.42 -13.58
CA ARG A 218 9.90 37.09 -14.59
C ARG A 218 8.68 36.22 -14.85
N VAL A 219 7.47 36.77 -14.63
CA VAL A 219 6.24 35.98 -14.76
C VAL A 219 5.45 36.48 -15.94
N GLN A 220 4.88 35.58 -16.69
CA GLN A 220 3.98 35.90 -17.79
C GLN A 220 2.70 35.12 -17.60
N ILE A 221 1.57 35.77 -17.71
CA ILE A 221 0.29 35.10 -17.52
C ILE A 221 -0.52 35.29 -18.80
N GLY A 222 -0.99 34.19 -19.35
CA GLY A 222 -1.86 34.21 -20.52
C GLY A 222 -3.26 33.83 -20.09
N SER A 223 -4.12 33.54 -21.07
CA SER A 223 -5.49 33.17 -20.75
C SER A 223 -5.58 31.79 -20.15
N ASN A 224 -4.71 30.82 -20.59
CA ASN A 224 -4.79 29.44 -20.05
C ASN A 224 -3.47 28.90 -19.57
N ASN A 225 -2.44 29.77 -19.44
CA ASN A 225 -1.13 29.33 -19.01
C ASN A 225 -0.48 30.36 -18.19
N ILE A 226 0.51 29.94 -17.46
CA ILE A 226 1.40 30.86 -16.76
C ILE A 226 2.81 30.42 -17.06
N ARG A 227 3.77 31.35 -17.11
CA ARG A 227 5.15 31.04 -17.32
C ARG A 227 6.04 31.81 -16.39
N ALA A 228 7.06 31.17 -15.85
CA ALA A 228 8.00 31.81 -14.96
C ALA A 228 9.42 31.57 -15.51
N HIS A 229 10.21 32.66 -15.64
CA HIS A 229 11.60 32.58 -16.07
C HIS A 229 12.53 32.93 -14.87
N VAL A 230 13.59 32.16 -14.66
CA VAL A 230 14.62 32.45 -13.68
C VAL A 230 15.93 31.99 -14.30
N GLY A 231 16.83 32.93 -14.55
CA GLY A 231 18.09 32.64 -15.24
C GLY A 231 17.82 31.94 -16.57
N ASP A 232 18.42 30.76 -16.77
CA ASP A 232 18.20 30.03 -18.05
C ASP A 232 17.17 28.90 -17.94
N PHE A 233 16.27 28.98 -16.95
CA PHE A 233 15.17 28.04 -16.76
C PHE A 233 13.85 28.72 -17.11
N ILE A 234 12.95 27.97 -17.74
CA ILE A 234 11.61 28.45 -18.07
C ILE A 234 10.63 27.37 -17.64
N PHE A 235 9.70 27.74 -16.74
CA PHE A 235 8.64 26.83 -16.27
C PHE A 235 7.32 27.27 -16.83
N THR A 236 6.57 26.37 -17.47
CA THR A 236 5.24 26.71 -17.99
C THR A 236 4.19 25.72 -17.42
N SER A 237 3.03 26.21 -17.11
CA SER A 237 1.97 25.38 -16.58
C SER A 237 0.63 25.83 -17.18
N LYS A 238 -0.25 24.86 -17.41
CA LYS A 238 -1.62 25.14 -17.75
C LYS A 238 -2.30 25.74 -16.49
N LEU A 239 -3.34 26.53 -16.70
CA LEU A 239 -4.10 27.10 -15.56
C LEU A 239 -5.33 26.27 -15.32
N VAL A 240 -5.85 26.31 -14.10
CA VAL A 240 -7.08 25.61 -13.80
C VAL A 240 -8.23 26.52 -14.22
N ASP A 241 -9.09 26.05 -15.11
CA ASP A 241 -10.21 26.86 -15.61
C ASP A 241 -11.44 26.65 -14.72
N GLY A 242 -11.60 27.50 -13.74
CA GLY A 242 -12.72 27.45 -12.81
C GLY A 242 -12.91 28.76 -12.05
N ARG A 243 -13.99 28.88 -11.28
CA ARG A 243 -14.24 30.08 -10.48
C ARG A 243 -13.83 29.82 -9.04
N PHE A 244 -12.78 30.53 -8.59
CA PHE A 244 -12.24 30.38 -7.24
C PHE A 244 -13.08 31.17 -6.22
N PRO A 245 -13.25 30.69 -4.99
CA PRO A 245 -13.98 31.48 -3.99
C PRO A 245 -13.39 32.87 -3.76
N ASP A 246 -14.22 33.86 -3.38
CA ASP A 246 -13.74 35.21 -3.14
C ASP A 246 -13.33 35.38 -1.67
N TYR A 247 -12.02 35.56 -1.39
CA TYR A 247 -11.54 35.72 -0.02
C TYR A 247 -12.16 36.91 0.74
N ARG A 248 -12.42 38.02 0.08
CA ARG A 248 -12.96 39.22 0.76
C ARG A 248 -14.33 38.98 1.39
N ARG A 249 -15.11 38.02 0.89
CA ARG A 249 -16.39 37.73 1.48
C ARG A 249 -16.31 36.60 2.51
N VAL A 250 -15.17 35.90 2.53
CA VAL A 250 -14.91 34.80 3.45
C VAL A 250 -14.32 35.38 4.77
N LEU A 251 -13.65 36.55 4.72
CA LEU A 251 -13.09 37.18 5.93
C LEU A 251 -14.25 37.52 6.87
N PRO A 252 -14.16 37.24 8.19
CA PRO A 252 -15.28 37.62 9.07
C PRO A 252 -15.55 39.13 9.10
N LYS A 253 -16.83 39.48 9.12
CA LYS A 253 -17.27 40.89 9.10
C LYS A 253 -17.56 41.38 10.52
N ASN A 254 -17.11 42.60 10.84
CA ASN A 254 -17.39 43.22 12.13
C ASN A 254 -17.06 42.28 13.29
N PRO A 255 -15.78 41.83 13.38
CA PRO A 255 -15.38 40.91 14.46
C PRO A 255 -15.60 41.49 15.86
N ASP A 256 -16.48 40.87 16.62
CA ASP A 256 -16.88 41.33 17.94
C ASP A 256 -15.76 41.19 18.98
N LYS A 257 -14.89 40.17 18.85
CA LYS A 257 -13.90 39.83 19.89
C LYS A 257 -12.48 39.71 19.35
N HIS A 258 -11.50 40.23 20.11
CA HIS A 258 -10.09 40.25 19.71
C HIS A 258 -9.20 39.68 20.79
N LEU A 259 -8.48 38.61 20.46
CA LEU A 259 -7.55 37.96 21.38
C LEU A 259 -6.13 38.16 20.85
N GLU A 260 -5.17 38.42 21.73
CA GLU A 260 -3.76 38.55 21.34
C GLU A 260 -2.87 37.73 22.27
N ALA A 261 -1.91 36.99 21.72
CA ALA A 261 -1.05 36.12 22.51
C ALA A 261 0.26 35.92 21.82
N GLY A 262 1.26 35.47 22.58
CA GLY A 262 2.55 35.09 22.02
C GLY A 262 2.38 33.91 21.08
N CYS A 263 2.90 34.03 19.85
CA CYS A 263 2.77 33.00 18.83
C CYS A 263 3.31 31.65 19.28
N ASP A 264 4.56 31.62 19.77
CA ASP A 264 5.20 30.36 20.17
C ASP A 264 4.51 29.68 21.36
N LEU A 265 4.16 30.42 22.40
CA LEU A 265 3.47 29.80 23.56
C LEU A 265 2.13 29.24 23.15
N LEU A 266 1.42 29.93 22.26
CA LEU A 266 0.14 29.45 21.75
C LEU A 266 0.35 28.18 20.90
N LYS A 267 1.39 28.16 20.08
CA LYS A 267 1.68 27.00 19.23
C LYS A 267 2.03 25.78 20.07
N GLN A 268 2.91 25.96 21.05
CA GLN A 268 3.36 24.83 21.89
C GLN A 268 2.20 24.26 22.75
N ALA A 269 1.27 25.11 23.18
CA ALA A 269 0.10 24.68 23.94
C ALA A 269 -0.84 23.87 23.04
N PHE A 270 -1.10 24.36 21.82
CA PHE A 270 -1.95 23.61 20.88
C PHE A 270 -1.30 22.26 20.50
N ALA A 271 0.04 22.26 20.28
CA ALA A 271 0.79 21.05 19.93
C ALA A 271 0.76 20.00 21.05
N ARG A 272 0.91 20.43 22.32
CA ARG A 272 0.75 19.47 23.41
C ARG A 272 -0.68 18.96 23.51
N ALA A 273 -1.71 19.83 23.44
CA ALA A 273 -3.11 19.40 23.60
C ALA A 273 -3.52 18.46 22.44
N ALA A 274 -2.94 18.66 21.23
CA ALA A 274 -3.19 17.82 20.04
C ALA A 274 -2.89 16.35 20.27
N ILE A 275 -1.95 16.04 21.16
CA ILE A 275 -1.54 14.66 21.45
C ILE A 275 -2.72 13.86 21.98
N LEU A 276 -3.58 14.48 22.80
CA LEU A 276 -4.74 13.77 23.36
C LEU A 276 -6.04 14.19 22.62
N SER A 277 -5.93 14.67 21.36
CA SER A 277 -7.13 14.91 20.54
C SER A 277 -7.42 13.65 19.72
N ASN A 278 -8.65 13.52 19.26
CA ASN A 278 -9.08 12.40 18.43
C ASN A 278 -8.19 12.36 17.16
N GLU A 279 -7.54 11.22 16.88
CA GLU A 279 -6.60 11.12 15.75
C GLU A 279 -7.24 11.42 14.39
N LYS A 280 -8.55 11.18 14.22
CA LYS A 280 -9.24 11.48 12.95
C LYS A 280 -9.80 12.92 12.93
N PHE A 281 -10.61 13.27 13.94
CA PHE A 281 -11.30 14.58 13.96
C PHE A 281 -10.46 15.73 14.54
N ARG A 282 -9.48 15.44 15.44
CA ARG A 282 -8.49 16.43 15.88
C ARG A 282 -9.11 17.65 16.57
N GLY A 283 -10.28 17.45 17.14
CA GLY A 283 -11.02 18.54 17.78
C GLY A 283 -10.45 18.95 19.12
N VAL A 284 -10.24 20.27 19.30
CA VAL A 284 -9.88 20.86 20.58
C VAL A 284 -10.93 21.93 20.89
N ARG A 285 -11.12 22.19 22.18
N ARG A 285 -11.10 22.20 22.18
CA ARG A 285 -12.05 23.20 22.69
CA ARG A 285 -12.07 23.19 22.67
C ARG A 285 -11.24 24.44 23.16
C ARG A 285 -11.29 24.43 23.22
N LEU A 286 -11.64 25.64 22.76
CA LEU A 286 -11.00 26.89 23.24
C LEU A 286 -12.01 27.55 24.16
N TYR A 287 -11.61 27.90 25.38
CA TYR A 287 -12.49 28.69 26.24
C TYR A 287 -11.78 30.02 26.47
N VAL A 288 -12.40 31.08 25.96
CA VAL A 288 -11.85 32.41 26.12
C VAL A 288 -12.60 33.21 27.20
N SER A 289 -11.81 33.76 28.13
CA SER A 289 -12.34 34.59 29.21
C SER A 289 -11.35 35.71 29.40
N GLU A 290 -11.54 36.57 30.44
CA GLU A 290 -10.73 37.78 30.68
C GLU A 290 -9.24 37.48 30.82
N ASN A 291 -8.44 37.90 29.84
CA ASN A 291 -6.99 37.66 29.81
C ASN A 291 -6.58 36.17 29.97
N GLN A 292 -7.46 35.27 29.56
CA GLN A 292 -7.18 33.83 29.67
CA GLN A 292 -7.18 33.83 29.67
C GLN A 292 -7.67 33.09 28.45
N LEU A 293 -6.88 32.07 28.05
CA LEU A 293 -7.29 31.10 27.07
C LEU A 293 -7.07 29.73 27.71
N LYS A 294 -8.10 28.86 27.64
CA LYS A 294 -8.00 27.47 28.08
C LYS A 294 -8.20 26.58 26.86
N ILE A 295 -7.29 25.64 26.63
CA ILE A 295 -7.40 24.71 25.50
C ILE A 295 -7.60 23.32 26.08
N THR A 296 -8.65 22.60 25.68
CA THR A 296 -8.82 21.23 26.16
C THR A 296 -8.98 20.27 24.96
N ALA A 297 -8.46 19.05 25.11
CA ALA A 297 -8.56 17.99 24.09
C ALA A 297 -8.94 16.72 24.79
N ASN A 298 -9.86 15.93 24.20
CA ASN A 298 -10.14 14.58 24.68
C ASN A 298 -10.27 13.62 23.47
N ASN A 299 -10.14 12.31 23.74
CA ASN A 299 -10.11 11.33 22.68
C ASN A 299 -10.99 10.15 23.06
N PRO A 300 -11.15 9.16 22.17
CA PRO A 300 -12.08 8.05 22.50
C PRO A 300 -11.67 7.28 23.76
N GLU A 301 -10.36 7.29 24.12
CA GLU A 301 -9.89 6.60 25.33
C GLU A 301 -10.30 7.40 26.57
N GLN A 302 -10.90 8.60 26.39
CA GLN A 302 -11.28 9.48 27.51
C GLN A 302 -10.04 10.07 28.23
N GLU A 303 -8.95 10.24 27.48
CA GLU A 303 -7.75 10.93 27.97
C GLU A 303 -7.98 12.41 27.75
N GLU A 304 -7.34 13.25 28.55
CA GLU A 304 -7.59 14.67 28.45
C GLU A 304 -6.34 15.47 28.60
N ALA A 305 -6.20 16.51 27.76
CA ALA A 305 -5.12 17.48 27.84
C ALA A 305 -5.76 18.82 28.15
N GLU A 306 -5.12 19.62 29.03
CA GLU A 306 -5.61 20.97 29.30
C GLU A 306 -4.43 21.95 29.35
N GLU A 307 -4.52 23.05 28.62
CA GLU A 307 -3.51 24.09 28.65
C GLU A 307 -4.18 25.41 29.09
N ILE A 308 -3.60 26.16 30.03
CA ILE A 308 -4.09 27.48 30.38
C ILE A 308 -3.03 28.48 30.02
N LEU A 309 -3.40 29.55 29.33
CA LEU A 309 -2.47 30.58 28.91
C LEU A 309 -2.96 31.93 29.32
N ASP A 310 -2.01 32.83 29.58
CA ASP A 310 -2.32 34.24 29.79
C ASP A 310 -2.34 34.90 28.41
N VAL A 311 -3.47 35.54 28.08
CA VAL A 311 -3.62 36.24 26.80
C VAL A 311 -4.11 37.65 27.09
N THR A 312 -4.18 38.45 26.06
CA THR A 312 -4.83 39.74 26.17
C THR A 312 -6.20 39.58 25.53
N TYR A 313 -7.24 39.59 26.34
CA TYR A 313 -8.61 39.46 25.87
C TYR A 313 -9.56 40.15 26.86
N SER A 314 -10.46 40.99 26.36
CA SER A 314 -11.42 41.71 27.19
C SER A 314 -12.88 41.62 26.68
N GLY A 315 -13.15 40.73 25.72
CA GLY A 315 -14.49 40.53 25.19
C GLY A 315 -15.34 39.61 26.06
N ALA A 316 -16.52 39.25 25.56
CA ALA A 316 -17.41 38.34 26.30
C ALA A 316 -16.87 36.92 26.27
N GLU A 317 -17.09 36.16 27.35
CA GLU A 317 -16.68 34.78 27.41
C GLU A 317 -17.30 33.95 26.30
N MET A 318 -16.54 33.00 25.78
CA MET A 318 -17.02 32.20 24.68
C MET A 318 -16.21 30.90 24.63
N GLU A 319 -16.86 29.84 24.22
CA GLU A 319 -16.27 28.55 23.94
C GLU A 319 -16.35 28.30 22.42
N ILE A 320 -15.29 27.75 21.82
CA ILE A 320 -15.30 27.46 20.38
C ILE A 320 -14.40 26.25 20.12
N GLY A 321 -14.85 25.40 19.19
CA GLY A 321 -14.14 24.18 18.83
C GLY A 321 -13.34 24.36 17.55
N PHE A 322 -12.14 23.77 17.47
CA PHE A 322 -11.35 23.83 16.24
C PHE A 322 -10.67 22.50 15.96
N ASN A 323 -10.43 22.22 14.67
CA ASN A 323 -9.54 21.14 14.28
C ASN A 323 -8.12 21.66 14.62
N VAL A 324 -7.44 21.02 15.57
CA VAL A 324 -6.13 21.54 16.03
C VAL A 324 -5.05 21.58 14.92
N SER A 325 -5.15 20.73 13.89
CA SER A 325 -4.17 20.74 12.82
C SER A 325 -4.31 22.00 11.98
N TYR A 326 -5.55 22.49 11.79
CA TYR A 326 -5.75 23.74 11.02
C TYR A 326 -5.17 24.92 11.77
N VAL A 327 -5.28 24.92 13.12
CA VAL A 327 -4.74 26.03 13.92
C VAL A 327 -3.22 25.97 13.90
N LEU A 328 -2.64 24.76 14.10
CA LEU A 328 -1.19 24.61 14.12
C LEU A 328 -0.60 24.99 12.77
N ASP A 329 -1.25 24.61 11.64
CA ASP A 329 -0.78 24.95 10.28
C ASP A 329 -0.69 26.45 10.16
N VAL A 330 -1.68 27.17 10.73
CA VAL A 330 -1.59 28.63 10.71
C VAL A 330 -0.42 29.13 11.55
N LEU A 331 -0.31 28.70 12.83
CA LEU A 331 0.71 29.19 13.76
C LEU A 331 2.10 28.87 13.23
N ASN A 332 2.26 27.73 12.54
CA ASN A 332 3.54 27.39 11.93
C ASN A 332 3.90 28.32 10.78
N ALA A 333 2.90 28.81 10.05
CA ALA A 333 3.13 29.71 8.93
C ALA A 333 3.36 31.18 9.38
N LEU A 334 3.00 31.55 10.60
CA LEU A 334 3.19 32.94 11.03
C LEU A 334 4.62 33.32 11.45
N LYS A 335 5.35 32.51 12.18
CA LYS A 335 6.74 32.82 12.51
C LYS A 335 6.92 34.25 12.98
N CYS A 336 6.06 34.69 13.91
CA CYS A 336 6.10 36.04 14.45
C CYS A 336 6.13 35.97 15.96
N GLU A 337 6.21 37.12 16.63
CA GLU A 337 6.26 37.19 18.08
C GLU A 337 4.84 37.05 18.69
N ASN A 338 3.87 37.80 18.19
CA ASN A 338 2.52 37.85 18.74
C ASN A 338 1.51 37.61 17.67
N VAL A 339 0.40 36.94 18.01
CA VAL A 339 -0.64 36.64 17.02
C VAL A 339 -1.93 37.30 17.47
N ARG A 340 -2.78 37.67 16.54
CA ARG A 340 -4.09 38.17 16.86
C ARG A 340 -5.15 37.24 16.28
N MET A 341 -6.15 36.95 17.09
CA MET A 341 -7.30 36.16 16.71
C MET A 341 -8.55 37.06 16.77
N MET A 342 -9.37 37.07 15.73
CA MET A 342 -10.58 37.89 15.66
C MET A 342 -11.82 36.95 15.61
N LEU A 343 -12.64 36.95 16.65
CA LEU A 343 -13.75 36.00 16.74
C LEU A 343 -15.12 36.69 16.75
N THR A 344 -16.17 35.94 16.45
CA THR A 344 -17.52 36.46 16.46
C THR A 344 -18.35 35.64 17.44
N ASP A 345 -18.62 34.39 17.10
CA ASP A 345 -19.33 33.48 18.00
C ASP A 345 -18.83 32.05 17.74
N SER A 346 -19.41 31.09 18.44
CA SER A 346 -18.97 29.70 18.38
C SER A 346 -19.25 28.99 17.06
N VAL A 347 -20.16 29.50 16.22
CA VAL A 347 -20.49 28.82 14.96
C VAL A 347 -19.96 29.58 13.73
N SER A 348 -19.11 30.59 13.92
CA SER A 348 -18.61 31.42 12.84
C SER A 348 -17.09 31.39 12.74
N SER A 349 -16.57 31.70 11.55
CA SER A 349 -15.14 31.69 11.27
CA SER A 349 -15.13 31.70 11.29
C SER A 349 -14.34 32.56 12.25
N VAL A 350 -13.04 32.31 12.33
CA VAL A 350 -12.11 33.11 13.12
C VAL A 350 -10.98 33.57 12.19
N GLN A 351 -10.54 34.80 12.33
CA GLN A 351 -9.43 35.34 11.53
C GLN A 351 -8.19 35.37 12.41
N ILE A 352 -7.08 34.84 11.89
CA ILE A 352 -5.84 34.77 12.64
C ILE A 352 -4.83 35.51 11.79
N GLU A 353 -4.10 36.43 12.41
CA GLU A 353 -3.08 37.23 11.76
C GLU A 353 -1.87 37.38 12.67
N ASP A 354 -0.78 37.89 12.08
CA ASP A 354 0.33 38.40 12.86
C ASP A 354 -0.18 39.69 13.50
N ALA A 355 0.12 39.94 14.79
CA ALA A 355 -0.34 41.14 15.48
C ALA A 355 0.35 42.42 14.99
N ALA A 356 1.46 42.28 14.25
CA ALA A 356 2.23 43.38 13.68
C ALA A 356 1.96 43.65 12.19
N SER A 357 1.64 42.60 11.41
CA SER A 357 1.51 42.72 9.96
C SER A 357 0.15 42.24 9.45
N GLN A 358 -0.33 42.88 8.37
CA GLN A 358 -1.58 42.52 7.72
C GLN A 358 -1.30 41.87 6.35
N SER A 359 -0.01 41.71 5.98
CA SER A 359 0.33 41.14 4.68
C SER A 359 -0.32 39.76 4.48
N ALA A 360 -0.48 38.96 5.57
CA ALA A 360 -1.10 37.65 5.51
C ALA A 360 -2.30 37.55 6.47
N ALA A 361 -3.37 36.89 6.04
CA ALA A 361 -4.52 36.65 6.94
C ALA A 361 -4.97 35.21 6.77
N TYR A 362 -5.46 34.62 7.85
CA TYR A 362 -5.89 33.23 7.86
C TYR A 362 -7.29 33.14 8.44
N VAL A 363 -8.15 32.33 7.81
CA VAL A 363 -9.52 32.16 8.27
C VAL A 363 -9.74 30.67 8.48
N VAL A 364 -10.18 30.30 9.68
CA VAL A 364 -10.47 28.91 10.01
C VAL A 364 -11.91 28.80 10.48
N MET A 365 -12.68 27.91 9.88
CA MET A 365 -14.05 27.68 10.29
C MET A 365 -14.03 26.74 11.51
N PRO A 366 -14.86 26.97 12.56
CA PRO A 366 -14.83 26.07 13.73
C PRO A 366 -15.47 24.71 13.49
N MET A 367 -15.44 23.86 14.53
CA MET A 367 -16.13 22.57 14.55
C MET A 367 -17.19 22.65 15.62
N ARG A 368 -18.28 21.91 15.49
CA ARG A 368 -19.24 21.84 16.60
C ARG A 368 -18.69 20.84 17.59
N LEU A 369 -18.71 21.17 18.90
CA LEU A 369 -18.34 20.18 19.92
C LEU A 369 -19.45 20.06 20.96
N GLY B 1 3.38 -0.06 46.70
CA GLY B 1 2.55 1.12 46.90
C GLY B 1 1.33 1.24 45.99
N SER B 2 0.29 1.89 46.50
CA SER B 2 -0.99 2.10 45.81
C SER B 2 -1.09 3.48 45.10
N HIS B 3 -0.28 4.46 45.56
CA HIS B 3 -0.43 5.85 45.13
C HIS B 3 0.89 6.39 44.55
N MET B 4 1.42 5.71 43.49
CA MET B 4 2.68 6.09 42.83
C MET B 4 2.66 7.58 42.56
N LYS B 5 3.74 8.26 42.85
CA LYS B 5 3.84 9.71 42.68
C LYS B 5 5.37 10.00 42.52
N PHE B 6 5.77 10.91 41.60
CA PHE B 6 7.16 11.38 41.47
C PHE B 6 7.21 12.75 40.76
N THR B 7 8.30 13.48 40.96
CA THR B 7 8.55 14.75 40.30
C THR B 7 9.95 14.74 39.74
N VAL B 8 10.10 14.91 38.44
CA VAL B 8 11.42 14.86 37.87
C VAL B 8 11.61 15.98 36.85
N GLU B 9 12.85 16.40 36.65
CA GLU B 9 13.12 17.40 35.61
C GLU B 9 12.91 16.77 34.23
N ARG B 10 12.29 17.51 33.30
CA ARG B 10 12.18 17.05 31.90
C ARG B 10 13.59 16.68 31.39
N GLU B 11 14.60 17.53 31.67
CA GLU B 11 15.96 17.28 31.20
C GLU B 11 16.42 15.82 31.46
N HIS B 12 16.11 15.28 32.63
CA HIS B 12 16.56 13.94 33.03
C HIS B 12 15.67 12.82 32.54
N LEU B 13 14.43 13.13 32.12
CA LEU B 13 13.49 12.10 31.74
C LEU B 13 13.46 11.87 30.25
N LEU B 14 13.94 12.83 29.46
CA LEU B 14 13.75 12.81 28.01
C LEU B 14 14.54 11.71 27.27
N LYS B 15 15.86 11.59 27.51
CA LYS B 15 16.68 10.60 26.81
C LYS B 15 16.30 9.17 27.24
N PRO B 16 16.12 8.92 28.55
CA PRO B 16 15.53 7.62 28.96
C PRO B 16 14.20 7.31 28.30
N LEU B 17 13.29 8.30 28.20
CA LEU B 17 11.98 8.04 27.56
C LEU B 17 12.14 7.67 26.09
N GLN B 18 13.14 8.25 25.42
CA GLN B 18 13.41 7.93 24.03
C GLN B 18 14.02 6.51 23.91
N GLN B 19 14.98 6.16 24.80
CA GLN B 19 15.69 4.85 24.76
C GLN B 19 14.68 3.71 24.82
N VAL B 20 13.76 3.76 25.74
CA VAL B 20 12.80 2.66 25.92
C VAL B 20 11.60 2.73 24.97
N SER B 21 11.10 3.93 24.63
CA SER B 21 9.85 4.07 23.86
C SER B 21 10.07 4.00 22.36
N GLY B 22 11.30 4.22 21.90
CA GLY B 22 11.67 4.20 20.50
C GLY B 22 11.01 3.11 19.66
N PRO B 23 11.15 1.83 20.05
CA PRO B 23 10.56 0.74 19.25
C PRO B 23 9.14 0.28 19.68
N LEU B 24 8.43 1.11 20.46
CA LEU B 24 7.06 0.86 20.88
C LEU B 24 6.04 1.60 19.98
N GLY B 25 6.48 1.91 18.75
CA GLY B 25 5.63 2.53 17.73
C GLY B 25 5.11 1.48 16.76
N GLY B 26 3.90 1.72 16.25
CA GLY B 26 3.26 0.83 15.30
C GLY B 26 2.08 0.13 15.95
N ARG B 27 1.82 -1.12 15.54
CA ARG B 27 0.74 -1.90 16.11
C ARG B 27 1.32 -2.88 17.12
N PRO B 28 1.08 -2.70 18.44
CA PRO B 28 1.59 -3.72 19.38
C PRO B 28 0.82 -5.02 19.23
N THR B 29 1.51 -6.16 19.46
CA THR B 29 0.92 -7.51 19.40
C THR B 29 -0.26 -7.56 20.38
N LEU B 30 -0.04 -7.00 21.59
CA LEU B 30 -1.03 -6.93 22.64
C LEU B 30 -1.17 -5.44 23.03
N PRO B 31 -2.35 -4.95 23.39
CA PRO B 31 -2.47 -3.53 23.76
C PRO B 31 -1.46 -3.03 24.83
N ILE B 32 -1.19 -3.86 25.86
CA ILE B 32 -0.21 -3.45 26.88
C ILE B 32 1.24 -3.30 26.35
N LEU B 33 1.58 -3.89 25.19
CA LEU B 33 2.94 -3.74 24.67
C LEU B 33 3.18 -2.34 24.07
N GLY B 34 2.10 -1.58 23.88
CA GLY B 34 2.19 -0.17 23.48
C GLY B 34 2.48 0.75 24.67
N ASN B 35 2.40 0.22 25.91
CA ASN B 35 2.65 1.01 27.13
C ASN B 35 4.04 0.81 27.67
N LEU B 36 4.51 1.75 28.50
CA LEU B 36 5.76 1.62 29.25
C LEU B 36 5.41 1.27 30.68
N LEU B 37 6.17 0.38 31.29
CA LEU B 37 5.97 0.07 32.69
C LEU B 37 6.77 1.09 33.46
N LEU B 38 6.12 1.82 34.39
CA LEU B 38 6.76 2.81 35.26
C LEU B 38 6.79 2.22 36.66
N GLN B 39 7.97 2.18 37.28
CA GLN B 39 8.11 1.72 38.69
C GLN B 39 8.89 2.71 39.50
N VAL B 40 8.35 3.05 40.66
CA VAL B 40 8.97 3.99 41.55
C VAL B 40 9.29 3.24 42.83
N ALA B 41 10.57 3.21 43.21
CA ALA B 41 10.93 2.64 44.51
C ALA B 41 12.30 3.15 44.95
N ASP B 42 12.43 3.43 46.26
CA ASP B 42 13.70 3.76 46.90
C ASP B 42 14.66 4.64 46.05
N GLY B 43 14.20 5.81 45.68
CA GLY B 43 14.99 6.81 44.97
C GLY B 43 15.19 6.56 43.47
N THR B 44 14.49 5.57 42.86
CA THR B 44 14.68 5.27 41.43
C THR B 44 13.36 5.12 40.68
N LEU B 45 13.31 5.70 39.49
CA LEU B 45 12.20 5.52 38.56
C LEU B 45 12.70 4.58 37.48
N SER B 46 12.01 3.45 37.27
CA SER B 46 12.37 2.50 36.22
C SER B 46 11.36 2.62 35.11
N LEU B 47 11.83 2.57 33.86
CA LEU B 47 10.96 2.71 32.67
C LEU B 47 11.25 1.58 31.78
N THR B 48 10.27 0.65 31.54
CA THR B 48 10.49 -0.54 30.72
C THR B 48 9.54 -0.58 29.54
N GLY B 49 10.10 -0.89 28.38
CA GLY B 49 9.37 -1.17 27.15
C GLY B 49 9.71 -2.57 26.67
N THR B 50 8.73 -3.30 26.12
CA THR B 50 8.96 -4.66 25.59
C THR B 50 8.08 -4.99 24.35
N ASP B 51 8.44 -6.03 23.60
CA ASP B 51 7.59 -6.57 22.54
C ASP B 51 7.46 -8.09 22.70
N LEU B 52 7.83 -8.61 23.90
CA LEU B 52 7.90 -10.04 24.25
C LEU B 52 9.23 -10.72 23.78
N GLU B 53 9.87 -10.26 22.70
CA GLU B 53 11.13 -10.85 22.25
C GLU B 53 12.30 -10.07 22.82
N MET B 54 12.10 -8.78 23.10
CA MET B 54 13.17 -8.00 23.73
C MET B 54 12.63 -6.97 24.67
N GLU B 55 13.53 -6.44 25.53
CA GLU B 55 13.14 -5.41 26.45
C GLU B 55 14.19 -4.36 26.68
N MET B 56 13.74 -3.19 27.07
CA MET B 56 14.62 -2.04 27.21
C MET B 56 14.26 -1.42 28.54
N VAL B 57 15.24 -1.28 29.45
CA VAL B 57 14.99 -0.73 30.80
C VAL B 57 15.89 0.47 31.02
N ALA B 58 15.31 1.61 31.39
CA ALA B 58 16.10 2.78 31.77
C ALA B 58 15.82 3.10 33.26
N ARG B 59 16.85 3.52 33.99
CA ARG B 59 16.75 3.90 35.40
C ARG B 59 17.02 5.40 35.52
N VAL B 60 16.15 6.11 36.23
CA VAL B 60 16.24 7.56 36.45
C VAL B 60 16.24 7.82 37.95
N ALA B 61 17.28 8.50 38.45
CA ALA B 61 17.39 8.84 39.88
C ALA B 61 16.30 9.83 40.24
N LEU B 62 15.64 9.60 41.38
CA LEU B 62 14.60 10.50 41.88
C LEU B 62 15.14 11.29 43.09
N VAL B 63 15.43 12.58 42.88
CA VAL B 63 15.98 13.46 43.91
C VAL B 63 14.88 14.05 44.77
N GLN B 64 13.72 14.35 44.18
CA GLN B 64 12.63 15.01 44.88
C GLN B 64 11.73 13.98 45.55
N PRO B 65 10.88 14.39 46.52
CA PRO B 65 10.00 13.41 47.19
C PRO B 65 9.16 12.60 46.21
N HIS B 66 8.89 11.34 46.56
CA HIS B 66 8.11 10.44 45.69
C HIS B 66 7.42 9.38 46.51
N GLU B 67 6.40 8.73 45.95
CA GLU B 67 5.71 7.62 46.63
C GLU B 67 5.83 6.39 45.73
N PRO B 68 6.15 5.25 46.35
CA PRO B 68 6.35 4.03 45.55
C PRO B 68 5.12 3.50 44.87
N GLY B 69 5.35 2.71 43.82
CA GLY B 69 4.26 2.14 43.06
C GLY B 69 4.62 1.87 41.62
N ALA B 70 3.64 1.42 40.86
CA ALA B 70 3.87 1.10 39.46
C ALA B 70 2.62 1.22 38.69
N THR B 71 2.76 1.45 37.37
CA THR B 71 1.63 1.48 36.47
C THR B 71 2.19 1.31 35.06
N THR B 72 1.32 1.19 34.05
CA THR B 72 1.74 1.27 32.63
C THR B 72 0.95 2.40 31.96
N VAL B 73 1.61 3.12 31.06
CA VAL B 73 1.07 4.30 30.39
C VAL B 73 1.42 4.28 28.86
N PRO B 74 0.54 4.73 27.95
CA PRO B 74 0.92 4.75 26.51
C PRO B 74 2.27 5.41 26.26
N ALA B 75 3.21 4.66 25.66
CA ALA B 75 4.64 5.08 25.54
C ALA B 75 4.83 6.34 24.71
N ARG B 76 4.30 6.32 23.52
CA ARG B 76 4.49 7.43 22.60
C ARG B 76 3.78 8.69 23.10
N LYS B 77 2.58 8.56 23.63
CA LYS B 77 1.86 9.75 24.14
C LYS B 77 2.61 10.37 25.28
N PHE B 78 3.07 9.54 26.20
CA PHE B 78 3.84 10.03 27.38
C PHE B 78 5.12 10.71 26.92
N PHE B 79 5.82 10.11 25.97
CA PHE B 79 7.02 10.73 25.44
C PHE B 79 6.72 12.05 24.75
N ASP B 80 5.70 12.06 23.85
CA ASP B 80 5.35 13.31 23.14
C ASP B 80 5.01 14.44 24.12
N ILE B 81 4.27 14.11 25.19
CA ILE B 81 3.92 15.15 26.18
C ILE B 81 5.20 15.72 26.79
N CYS B 82 6.08 14.85 27.28
CA CYS B 82 7.31 15.35 27.96
C CYS B 82 8.22 16.15 26.99
N ARG B 83 8.34 15.69 25.73
CA ARG B 83 9.15 16.36 24.70
C ARG B 83 8.55 17.70 24.37
N GLY B 84 7.21 17.76 24.33
CA GLY B 84 6.51 18.99 23.98
C GLY B 84 6.54 20.08 25.04
N LEU B 85 6.93 19.73 26.29
CA LEU B 85 6.94 20.75 27.33
C LEU B 85 8.18 21.62 27.13
N PRO B 86 8.19 22.84 27.69
CA PRO B 86 9.38 23.71 27.49
C PRO B 86 10.66 23.19 28.19
N GLU B 87 11.83 23.57 27.65
CA GLU B 87 13.11 23.25 28.28
C GLU B 87 13.09 23.77 29.72
N GLY B 88 13.74 23.05 30.61
CA GLY B 88 13.78 23.42 32.01
C GLY B 88 12.51 23.07 32.77
N ALA B 89 11.49 22.46 32.12
CA ALA B 89 10.21 22.15 32.78
C ALA B 89 10.37 21.07 33.84
N GLU B 90 9.59 21.15 34.90
CA GLU B 90 9.54 20.15 35.95
C GLU B 90 8.28 19.33 35.73
N ILE B 91 8.38 18.02 35.77
CA ILE B 91 7.23 17.18 35.48
C ILE B 91 6.77 16.42 36.74
N ALA B 92 5.53 16.65 37.17
CA ALA B 92 4.98 15.99 38.34
C ALA B 92 4.02 14.94 37.84
N VAL B 93 4.23 13.68 38.24
CA VAL B 93 3.41 12.56 37.79
C VAL B 93 2.76 11.86 39.00
N GLN B 94 1.51 11.44 38.87
CA GLN B 94 0.86 10.69 39.93
C GLN B 94 -0.29 9.88 39.40
N LEU B 95 -0.50 8.67 39.97
CA LEU B 95 -1.72 7.92 39.73
C LEU B 95 -2.89 8.61 40.43
N GLU B 96 -4.04 8.64 39.76
CA GLU B 96 -5.29 9.09 40.36
C GLU B 96 -6.36 8.11 39.85
N GLY B 97 -6.80 7.14 40.68
CA GLY B 97 -7.74 6.11 40.21
C GLY B 97 -7.06 5.23 39.16
N GLU B 98 -7.69 5.08 37.98
CA GLU B 98 -7.12 4.29 36.87
C GLU B 98 -6.38 5.20 35.84
N ARG B 99 -6.14 6.48 36.16
CA ARG B 99 -5.49 7.41 35.25
C ARG B 99 -4.13 7.82 35.79
N MET B 100 -3.20 8.15 34.89
CA MET B 100 -1.89 8.73 35.25
C MET B 100 -1.91 10.20 34.86
N LEU B 101 -1.70 11.07 35.84
CA LEU B 101 -1.71 12.52 35.66
C LEU B 101 -0.28 13.01 35.48
N VAL B 102 -0.09 13.91 34.50
CA VAL B 102 1.19 14.53 34.19
C VAL B 102 0.95 16.01 34.26
N ARG B 103 1.72 16.72 35.09
CA ARG B 103 1.51 18.15 35.31
C ARG B 103 2.81 18.89 35.20
N SER B 104 2.78 20.08 34.61
CA SER B 104 3.93 20.94 34.45
C SER B 104 3.38 22.32 34.15
N GLY B 105 3.73 23.33 34.97
CA GLY B 105 3.18 24.66 34.83
C GLY B 105 1.67 24.57 34.90
N ARG B 106 0.96 25.15 33.91
N ARG B 106 0.95 25.17 33.92
CA ARG B 106 -0.49 25.01 33.83
CA ARG B 106 -0.50 25.01 33.85
C ARG B 106 -0.87 24.10 32.65
C ARG B 106 -0.88 24.09 32.66
N SER B 107 -0.10 23.01 32.45
CA SER B 107 -0.37 22.01 31.43
C SER B 107 -0.74 20.74 32.22
N ARG B 108 -1.87 20.12 31.91
CA ARG B 108 -2.38 18.99 32.66
C ARG B 108 -2.81 17.88 31.68
N PHE B 109 -2.22 16.70 31.84
CA PHE B 109 -2.54 15.54 31.02
C PHE B 109 -2.99 14.36 31.89
N SER B 110 -4.12 13.79 31.51
CA SER B 110 -4.69 12.61 32.17
C SER B 110 -4.61 11.45 31.15
N LEU B 111 -3.71 10.48 31.41
CA LEU B 111 -3.46 9.33 30.55
C LEU B 111 -4.13 8.09 31.05
N SER B 112 -4.53 7.20 30.12
CA SER B 112 -5.16 5.93 30.50
C SER B 112 -4.03 4.99 30.93
N THR B 113 -4.35 4.01 31.77
CA THR B 113 -3.30 3.07 32.19
C THR B 113 -3.77 1.64 32.03
N LEU B 114 -2.83 0.70 32.07
CA LEU B 114 -3.15 -0.74 32.19
C LEU B 114 -2.37 -1.27 33.40
N PRO B 115 -2.92 -2.22 34.18
CA PRO B 115 -2.24 -2.62 35.42
C PRO B 115 -0.82 -3.10 35.23
N ALA B 116 0.10 -2.67 36.14
CA ALA B 116 1.50 -3.07 36.11
C ALA B 116 1.63 -4.59 36.27
N ALA B 117 0.68 -5.21 37.00
CA ALA B 117 0.66 -6.66 37.21
C ALA B 117 0.49 -7.41 35.90
N ASP B 118 -0.15 -6.77 34.89
CA ASP B 118 -0.33 -7.39 33.57
C ASP B 118 0.87 -7.19 32.66
N PHE B 119 1.87 -6.36 33.05
CA PHE B 119 3.02 -6.10 32.17
C PHE B 119 3.87 -7.38 31.99
N PRO B 120 4.14 -7.83 30.74
CA PRO B 120 4.94 -9.06 30.56
C PRO B 120 6.40 -8.91 30.95
N ASN B 121 7.04 -10.00 31.39
CA ASN B 121 8.48 -9.99 31.72
C ASN B 121 9.18 -11.08 30.93
N LEU B 122 10.43 -10.83 30.54
CA LEU B 122 11.27 -11.87 29.94
C LEU B 122 11.66 -12.86 31.07
N ASP B 123 11.84 -14.14 30.70
CA ASP B 123 12.20 -15.18 31.66
C ASP B 123 13.63 -14.97 32.15
N ASP B 124 13.85 -15.14 33.47
CA ASP B 124 15.18 -14.99 34.07
C ASP B 124 16.18 -15.96 33.46
N TRP B 125 17.46 -15.62 33.50
CA TRP B 125 18.53 -16.42 32.90
C TRP B 125 19.87 -15.98 33.46
N GLN B 126 20.91 -16.79 33.26
CA GLN B 126 22.25 -16.42 33.73
C GLN B 126 23.21 -16.31 32.57
N SER B 127 24.06 -15.30 32.64
CA SER B 127 25.12 -15.07 31.66
C SER B 127 26.16 -16.18 31.76
N GLU B 128 26.60 -16.71 30.61
CA GLU B 128 27.70 -17.67 30.50
C GLU B 128 29.02 -16.96 30.13
N VAL B 129 28.94 -15.87 29.36
CA VAL B 129 30.11 -15.07 28.98
C VAL B 129 29.76 -13.58 29.15
N GLU B 130 30.73 -12.81 29.66
CA GLU B 130 30.58 -11.39 29.94
C GLU B 130 31.82 -10.69 29.49
N PHE B 131 31.68 -9.48 28.99
CA PHE B 131 32.85 -8.69 28.59
C PHE B 131 32.46 -7.27 28.37
N THR B 132 33.45 -6.40 28.28
CA THR B 132 33.23 -4.99 27.96
C THR B 132 33.98 -4.63 26.68
N LEU B 133 33.53 -3.61 26.00
CA LEU B 133 34.18 -3.13 24.79
C LEU B 133 33.71 -1.72 24.48
N PRO B 134 34.49 -0.95 23.72
CA PRO B 134 34.05 0.42 23.39
C PRO B 134 32.82 0.37 22.49
N GLN B 135 32.00 1.42 22.57
CA GLN B 135 30.81 1.52 21.74
C GLN B 135 31.20 1.50 20.24
N ALA B 136 32.30 2.19 19.90
CA ALA B 136 32.78 2.30 18.51
C ALA B 136 33.09 0.93 17.93
N THR B 137 33.59 -0.01 18.77
CA THR B 137 33.91 -1.37 18.33
C THR B 137 32.65 -2.15 17.98
N MET B 138 31.59 -2.03 18.79
CA MET B 138 30.31 -2.68 18.49
C MET B 138 29.69 -2.09 17.19
N LYS B 139 29.71 -0.77 17.06
CA LYS B 139 29.14 -0.09 15.90
C LYS B 139 29.86 -0.55 14.60
N ARG B 140 31.20 -0.60 14.65
CA ARG B 140 32.05 -1.06 13.55
C ARG B 140 31.70 -2.50 13.16
N LEU B 141 31.54 -3.40 14.17
CA LEU B 141 31.20 -4.81 13.92
C LEU B 141 29.84 -4.97 13.27
N ILE B 142 28.85 -4.21 13.74
CA ILE B 142 27.52 -4.28 13.21
C ILE B 142 27.44 -3.66 11.83
N GLU B 143 27.96 -2.44 11.65
CA GLU B 143 27.94 -1.76 10.34
C GLU B 143 28.63 -2.55 9.22
N ALA B 144 29.69 -3.31 9.56
CA ALA B 144 30.48 -4.07 8.59
C ALA B 144 29.76 -5.31 8.04
N THR B 145 28.70 -5.81 8.71
CA THR B 145 27.99 -7.01 8.25
C THR B 145 26.47 -6.83 8.07
N GLN B 146 25.80 -5.85 8.74
CA GLN B 146 24.34 -5.78 8.84
C GLN B 146 23.63 -5.85 7.48
N PHE B 147 24.17 -5.17 6.45
CA PHE B 147 23.59 -5.21 5.10
C PHE B 147 23.53 -6.63 4.46
N SER B 148 24.35 -7.59 4.91
CA SER B 148 24.33 -8.95 4.35
C SER B 148 23.28 -9.87 5.00
N MET B 149 22.60 -9.41 6.04
CA MET B 149 21.54 -10.25 6.69
C MET B 149 20.42 -10.51 5.67
N ALA B 150 19.73 -11.65 5.77
CA ALA B 150 18.62 -11.96 4.83
C ALA B 150 17.38 -11.07 5.13
N HIS B 151 16.53 -10.88 4.12
CA HIS B 151 15.29 -10.08 4.24
CA HIS B 151 15.30 -10.07 4.24
C HIS B 151 14.09 -11.00 4.20
N GLN B 152 13.56 -11.37 5.39
CA GLN B 152 12.36 -12.22 5.56
C GLN B 152 12.48 -13.58 4.85
N ASP B 153 13.66 -14.19 4.92
CA ASP B 153 13.90 -15.50 4.33
C ASP B 153 13.12 -16.55 5.15
N VAL B 154 12.71 -17.64 4.46
CA VAL B 154 12.04 -18.79 5.11
C VAL B 154 12.98 -19.46 6.12
N ARG B 155 14.30 -19.39 5.88
CA ARG B 155 15.33 -19.85 6.81
C ARG B 155 15.53 -18.76 7.86
N TYR B 156 14.66 -18.78 8.88
CA TYR B 156 14.56 -17.74 9.91
C TYR B 156 15.91 -17.32 10.48
N TYR B 157 16.84 -18.25 10.63
CA TYR B 157 18.14 -17.99 11.25
C TYR B 157 19.07 -17.07 10.43
N LEU B 158 18.85 -16.96 9.07
CA LEU B 158 19.60 -16.03 8.22
C LEU B 158 19.10 -14.59 8.37
N ASN B 159 17.93 -14.39 8.98
CA ASN B 159 17.39 -13.07 9.23
C ASN B 159 18.05 -12.36 10.41
N GLY B 160 18.95 -13.01 11.14
CA GLY B 160 19.67 -12.40 12.26
C GLY B 160 21.15 -12.29 11.96
N MET B 161 21.90 -11.89 12.97
CA MET B 161 23.36 -11.70 12.85
C MET B 161 24.05 -12.59 13.87
N LEU B 162 25.05 -13.36 13.43
CA LEU B 162 25.82 -14.20 14.32
C LEU B 162 26.80 -13.33 15.10
N PHE B 163 26.86 -13.53 16.41
CA PHE B 163 27.83 -12.88 17.27
C PHE B 163 28.71 -13.99 17.86
N GLU B 164 30.01 -13.90 17.68
CA GLU B 164 30.89 -14.98 18.07
C GLU B 164 32.03 -14.46 18.90
N THR B 165 32.34 -15.14 19.99
CA THR B 165 33.48 -14.76 20.80
C THR B 165 34.56 -15.86 20.61
N GLU B 166 35.81 -15.46 20.38
CA GLU B 166 36.91 -16.42 20.21
C GLU B 166 38.22 -15.74 20.55
N GLY B 167 38.96 -16.31 21.51
CA GLY B 167 40.22 -15.78 22.00
C GLY B 167 40.02 -14.41 22.60
N GLU B 168 40.65 -13.41 21.98
CA GLU B 168 40.59 -12.01 22.37
C GLU B 168 39.60 -11.22 21.47
N GLU B 169 38.87 -11.88 20.55
CA GLU B 169 38.05 -11.16 19.59
C GLU B 169 36.56 -11.39 19.70
N LEU B 170 35.79 -10.37 19.31
CA LEU B 170 34.36 -10.49 19.05
C LEU B 170 34.16 -10.42 17.52
N ARG B 171 33.34 -11.31 16.97
CA ARG B 171 33.09 -11.40 15.55
C ARG B 171 31.59 -11.35 15.22
N THR B 172 31.23 -10.71 14.09
CA THR B 172 29.87 -10.78 13.56
C THR B 172 29.89 -11.44 12.18
N VAL B 173 28.83 -12.17 11.86
CA VAL B 173 28.65 -12.79 10.57
C VAL B 173 27.21 -12.58 10.13
N ALA B 174 26.99 -12.25 8.86
CA ALA B 174 25.66 -12.12 8.28
C ALA B 174 25.74 -12.67 6.90
N THR B 175 24.71 -13.40 6.50
CA THR B 175 24.62 -13.90 5.14
C THR B 175 23.14 -14.11 4.76
N ASP B 176 22.86 -14.05 3.48
CA ASP B 176 21.52 -14.23 2.97
C ASP B 176 21.48 -15.39 1.96
N GLY B 177 22.54 -16.19 1.93
CA GLY B 177 22.58 -17.34 1.03
C GLY B 177 23.20 -17.04 -0.33
N HIS B 178 23.42 -15.75 -0.66
CA HIS B 178 24.06 -15.35 -1.93
C HIS B 178 25.37 -14.63 -1.63
N ARG B 179 25.39 -13.86 -0.52
CA ARG B 179 26.59 -13.16 -0.14
C ARG B 179 26.76 -13.22 1.37
N LEU B 180 28.00 -13.07 1.84
CA LEU B 180 28.29 -13.18 3.26
C LEU B 180 29.21 -12.06 3.65
N ALA B 181 29.07 -11.57 4.90
CA ALA B 181 29.97 -10.59 5.47
C ALA B 181 30.45 -11.09 6.86
N VAL B 182 31.73 -10.87 7.18
CA VAL B 182 32.33 -11.25 8.46
C VAL B 182 33.31 -10.18 8.89
N CYS B 183 33.29 -9.83 10.17
CA CYS B 183 34.17 -8.82 10.76
C CYS B 183 34.56 -9.26 12.17
N SER B 184 35.86 -9.17 12.51
CA SER B 184 36.39 -9.55 13.83
C SER B 184 37.14 -8.36 14.39
N MET B 185 37.00 -8.07 15.68
CA MET B 185 37.71 -6.95 16.31
C MET B 185 38.34 -7.40 17.65
N PRO B 186 39.55 -6.89 17.98
CA PRO B 186 40.15 -7.20 19.29
C PRO B 186 39.44 -6.49 20.42
N ILE B 187 39.11 -7.18 21.53
CA ILE B 187 38.45 -6.53 22.67
C ILE B 187 39.32 -6.53 23.95
N GLY B 188 40.56 -7.00 23.88
CA GLY B 188 41.52 -6.93 24.97
C GLY B 188 41.32 -7.87 26.15
N GLN B 189 40.47 -8.89 26.01
CA GLN B 189 40.18 -9.82 27.10
C GLN B 189 40.16 -11.22 26.53
N SER B 190 40.66 -12.21 27.28
CA SER B 190 40.62 -13.60 26.85
C SER B 190 39.25 -14.16 27.21
N LEU B 191 38.52 -14.68 26.22
CA LEU B 191 37.14 -15.12 26.42
C LEU B 191 36.91 -16.54 25.99
N PRO B 192 35.92 -17.21 26.59
CA PRO B 192 35.59 -18.57 26.14
C PRO B 192 34.86 -18.54 24.81
N SER B 193 34.74 -19.67 24.12
CA SER B 193 34.13 -19.73 22.79
C SER B 193 32.61 -19.80 22.89
N HIS B 194 31.93 -18.86 22.22
CA HIS B 194 30.47 -18.79 22.23
C HIS B 194 30.00 -18.25 20.89
N SER B 195 28.91 -18.84 20.37
CA SER B 195 28.34 -18.46 19.09
C SER B 195 26.84 -18.35 19.22
N VAL B 196 26.27 -17.11 19.03
CA VAL B 196 24.84 -16.91 19.12
C VAL B 196 24.29 -16.09 17.94
N ILE B 197 23.00 -16.27 17.66
CA ILE B 197 22.31 -15.51 16.61
C ILE B 197 21.41 -14.46 17.27
N VAL B 198 21.69 -13.18 17.03
CA VAL B 198 20.87 -12.10 17.53
C VAL B 198 19.81 -11.75 16.44
N PRO B 199 18.51 -11.72 16.79
CA PRO B 199 17.50 -11.41 15.74
C PRO B 199 17.64 -10.01 15.15
N ARG B 200 17.15 -9.84 13.91
CA ARG B 200 17.14 -8.56 13.15
CA ARG B 200 17.15 -8.54 13.16
C ARG B 200 16.81 -7.37 14.06
N LYS B 201 15.69 -7.43 14.74
CA LYS B 201 15.24 -6.33 15.60
C LYS B 201 16.19 -6.09 16.77
N GLY B 202 16.84 -7.12 17.26
CA GLY B 202 17.81 -6.99 18.34
C GLY B 202 19.06 -6.27 17.85
N VAL B 203 19.49 -6.55 16.61
CA VAL B 203 20.65 -5.88 16.02
C VAL B 203 20.35 -4.36 15.92
N ILE B 204 19.13 -4.02 15.50
CA ILE B 204 18.67 -2.63 15.36
C ILE B 204 18.69 -1.91 16.69
N GLU B 205 18.25 -2.56 17.77
CA GLU B 205 18.27 -1.96 19.09
C GLU B 205 19.67 -1.80 19.65
N LEU B 206 20.54 -2.79 19.47
CA LEU B 206 21.95 -2.66 19.88
C LEU B 206 22.58 -1.44 19.18
N MET B 207 22.27 -1.19 17.91
CA MET B 207 22.84 -0.01 17.25
C MET B 207 22.28 1.28 17.80
N ARG B 208 20.94 1.32 18.02
CA ARG B 208 20.20 2.50 18.46
CA ARG B 208 20.21 2.51 18.45
C ARG B 208 20.66 2.96 19.84
N MET B 209 21.10 2.04 20.71
CA MET B 209 21.52 2.39 22.07
C MET B 209 22.95 2.96 22.15
N LEU B 210 23.71 2.96 21.04
CA LEU B 210 25.04 3.53 21.01
C LEU B 210 24.91 5.03 20.78
N ASP B 211 25.32 5.85 21.78
CA ASP B 211 25.18 7.31 21.72
C ASP B 211 26.45 8.03 21.23
N GLY B 212 27.53 7.28 20.99
CA GLY B 212 28.79 7.85 20.55
C GLY B 212 29.64 8.50 21.63
N GLY B 213 29.17 8.46 22.88
CA GLY B 213 29.88 9.03 24.01
C GLY B 213 30.99 8.11 24.50
N ASP B 214 31.53 8.40 25.69
CA ASP B 214 32.63 7.62 26.26
C ASP B 214 32.15 6.51 27.19
N ASN B 215 30.82 6.32 27.34
CA ASN B 215 30.29 5.24 28.19
C ASN B 215 30.66 3.87 27.56
N PRO B 216 31.32 2.97 28.32
CA PRO B 216 31.61 1.65 27.76
C PRO B 216 30.36 0.75 27.66
N LEU B 217 30.44 -0.28 26.80
CA LEU B 217 29.36 -1.22 26.60
C LEU B 217 29.71 -2.52 27.33
N ARG B 218 28.82 -2.99 28.21
CA ARG B 218 29.02 -4.26 28.89
CA ARG B 218 29.02 -4.26 28.89
C ARG B 218 28.05 -5.25 28.29
N VAL B 219 28.55 -6.38 27.83
CA VAL B 219 27.73 -7.39 27.18
C VAL B 219 27.70 -8.63 28.03
N GLN B 220 26.54 -9.27 28.11
CA GLN B 220 26.35 -10.54 28.76
C GLN B 220 25.61 -11.46 27.80
N ILE B 221 26.09 -12.69 27.64
CA ILE B 221 25.47 -13.64 26.73
C ILE B 221 25.17 -14.90 27.52
N GLY B 222 23.93 -15.35 27.45
CA GLY B 222 23.48 -16.58 28.06
C GLY B 222 23.18 -17.61 26.99
N SER B 223 22.53 -18.69 27.37
CA SER B 223 22.18 -19.74 26.41
C SER B 223 21.12 -19.27 25.41
N ASN B 224 20.11 -18.51 25.88
CA ASN B 224 18.99 -18.08 25.03
C ASN B 224 18.75 -16.55 25.04
N ASN B 225 19.69 -15.77 25.58
CA ASN B 225 19.52 -14.33 25.66
C ASN B 225 20.82 -13.64 25.51
N ILE B 226 20.76 -12.38 25.11
CA ILE B 226 21.92 -11.47 25.10
C ILE B 226 21.46 -10.20 25.81
N ARG B 227 22.37 -9.54 26.53
CA ARG B 227 22.07 -8.30 27.25
C ARG B 227 23.22 -7.32 27.08
N ALA B 228 22.90 -6.05 26.85
CA ALA B 228 23.88 -5.00 26.68
C ALA B 228 23.53 -3.85 27.64
N HIS B 229 24.55 -3.38 28.40
CA HIS B 229 24.40 -2.26 29.33
C HIS B 229 25.20 -1.07 28.78
N VAL B 230 24.61 0.13 28.76
CA VAL B 230 25.31 1.37 28.43
C VAL B 230 24.72 2.42 29.37
N GLY B 231 25.55 3.00 30.22
CA GLY B 231 25.09 3.95 31.20
C GLY B 231 23.97 3.35 32.04
N ASP B 232 22.84 4.04 32.12
CA ASP B 232 21.71 3.55 32.93
C ASP B 232 20.63 2.88 32.09
N PHE B 233 21.04 2.37 30.92
CA PHE B 233 20.14 1.68 30.01
C PHE B 233 20.58 0.23 29.91
N ILE B 234 19.60 -0.70 29.90
CA ILE B 234 19.82 -2.14 29.76
C ILE B 234 18.92 -2.67 28.64
N PHE B 235 19.54 -3.26 27.62
CA PHE B 235 18.81 -3.89 26.53
C PHE B 235 18.97 -5.40 26.66
N THR B 236 17.83 -6.15 26.62
CA THR B 236 17.88 -7.62 26.61
C THR B 236 17.13 -8.15 25.41
N SER B 237 17.66 -9.21 24.80
CA SER B 237 16.98 -9.82 23.65
C SER B 237 17.08 -11.32 23.77
N LYS B 238 16.00 -12.01 23.35
CA LYS B 238 16.02 -13.45 23.13
C LYS B 238 16.97 -13.73 21.94
N LEU B 239 17.55 -14.93 21.90
CA LEU B 239 18.42 -15.33 20.78
C LEU B 239 17.65 -16.19 19.80
N VAL B 240 18.10 -16.23 18.56
CA VAL B 240 17.46 -17.07 17.56
C VAL B 240 18.06 -18.47 17.74
N ASP B 241 17.21 -19.47 17.98
CA ASP B 241 17.62 -20.84 18.22
C ASP B 241 17.67 -21.58 16.89
N GLY B 242 18.84 -21.59 16.27
CA GLY B 242 19.07 -22.30 15.02
C GLY B 242 20.56 -22.51 14.75
N ARG B 243 20.88 -23.24 13.68
CA ARG B 243 22.28 -23.47 13.30
C ARG B 243 22.67 -22.52 12.16
N PHE B 244 23.59 -21.57 12.44
CA PHE B 244 24.01 -20.58 11.46
C PHE B 244 25.09 -21.17 10.53
N PRO B 245 25.13 -20.78 9.25
CA PRO B 245 26.21 -21.28 8.39
C PRO B 245 27.62 -20.96 8.90
N ASP B 246 28.60 -21.81 8.62
CA ASP B 246 29.97 -21.58 9.09
C ASP B 246 30.76 -20.79 8.05
N TYR B 247 31.13 -19.53 8.37
CA TYR B 247 31.86 -18.67 7.44
C TYR B 247 33.19 -19.22 6.97
N ARG B 248 33.88 -20.02 7.81
CA ARG B 248 35.22 -20.53 7.50
C ARG B 248 35.18 -21.46 6.31
N ARG B 249 34.08 -22.21 6.15
CA ARG B 249 33.87 -23.12 5.03
C ARG B 249 33.30 -22.42 3.79
N VAL B 250 32.81 -21.18 3.94
CA VAL B 250 32.22 -20.38 2.85
C VAL B 250 33.31 -19.52 2.15
N LEU B 251 34.38 -19.14 2.86
CA LEU B 251 35.50 -18.37 2.27
C LEU B 251 36.12 -19.19 1.16
N PRO B 252 36.36 -18.62 -0.05
CA PRO B 252 36.96 -19.41 -1.14
C PRO B 252 38.27 -20.12 -0.72
N LYS B 253 38.41 -21.41 -1.06
CA LYS B 253 39.51 -22.23 -0.55
C LYS B 253 40.85 -21.85 -1.16
N ASN B 254 40.93 -21.70 -2.47
CA ASN B 254 42.21 -21.39 -3.11
C ASN B 254 42.03 -20.37 -4.23
N PRO B 255 41.90 -19.08 -3.90
CA PRO B 255 41.79 -18.07 -4.95
C PRO B 255 43.04 -17.98 -5.82
N ASP B 256 42.90 -18.33 -7.12
CA ASP B 256 44.00 -18.32 -8.10
C ASP B 256 44.41 -16.90 -8.40
N LYS B 257 43.42 -16.06 -8.74
CA LYS B 257 43.65 -14.71 -9.27
C LYS B 257 43.32 -13.62 -8.25
N HIS B 258 44.17 -12.59 -8.22
CA HIS B 258 44.05 -11.48 -7.30
C HIS B 258 44.00 -10.17 -8.07
N LEU B 259 42.93 -9.41 -7.86
CA LEU B 259 42.77 -8.10 -8.47
C LEU B 259 42.81 -7.05 -7.38
N GLU B 260 43.48 -5.93 -7.63
CA GLU B 260 43.46 -4.80 -6.69
C GLU B 260 43.14 -3.50 -7.40
N ALA B 261 42.34 -2.65 -6.75
CA ALA B 261 41.94 -1.38 -7.35
C ALA B 261 41.56 -0.37 -6.27
N GLY B 262 41.51 0.90 -6.65
CA GLY B 262 41.00 1.95 -5.78
C GLY B 262 39.54 1.69 -5.49
N CYS B 263 39.16 1.71 -4.19
CA CYS B 263 37.80 1.43 -3.75
C CYS B 263 36.77 2.37 -4.39
N ASP B 264 36.99 3.68 -4.30
CA ASP B 264 36.06 4.67 -4.83
C ASP B 264 35.92 4.59 -6.36
N LEU B 265 37.01 4.50 -7.12
CA LEU B 265 36.89 4.43 -8.57
C LEU B 265 36.12 3.16 -8.98
N LEU B 266 36.34 2.07 -8.29
CA LEU B 266 35.63 0.82 -8.57
C LEU B 266 34.13 0.95 -8.21
N LYS B 267 33.84 1.64 -7.13
CA LYS B 267 32.46 1.84 -6.70
C LYS B 267 31.72 2.75 -7.67
N GLN B 268 32.36 3.82 -8.10
CA GLN B 268 31.70 4.76 -9.03
C GLN B 268 31.48 4.10 -10.41
N ALA B 269 32.39 3.20 -10.85
CA ALA B 269 32.22 2.50 -12.13
C ALA B 269 31.03 1.50 -12.03
N PHE B 270 30.97 0.72 -10.96
CA PHE B 270 29.84 -0.19 -10.73
C PHE B 270 28.50 0.57 -10.58
N ALA B 271 28.50 1.72 -9.87
CA ALA B 271 27.33 2.54 -9.71
C ALA B 271 26.83 3.10 -11.03
N ARG B 272 27.74 3.56 -11.91
CA ARG B 272 27.28 4.05 -13.22
C ARG B 272 26.77 2.89 -14.07
N ALA B 273 27.45 1.73 -14.03
CA ALA B 273 27.04 0.59 -14.85
C ALA B 273 25.67 0.05 -14.42
N ALA B 274 25.39 0.12 -13.10
CA ALA B 274 24.13 -0.32 -12.50
C ALA B 274 22.92 0.35 -13.06
N ILE B 275 23.05 1.60 -13.52
CA ILE B 275 21.96 2.39 -14.10
C ILE B 275 21.33 1.69 -15.31
N LEU B 276 22.18 1.00 -16.12
CA LEU B 276 21.66 0.34 -17.32
C LEU B 276 21.65 -1.18 -17.13
N SER B 277 21.65 -1.65 -15.87
CA SER B 277 21.46 -3.09 -15.61
C SER B 277 19.93 -3.33 -15.36
N ASN B 278 19.53 -4.61 -15.49
CA ASN B 278 18.12 -5.04 -15.35
C ASN B 278 17.67 -4.66 -13.93
N GLU B 279 16.55 -3.92 -13.81
CA GLU B 279 16.07 -3.43 -12.51
C GLU B 279 15.77 -4.55 -11.50
N LYS B 280 15.40 -5.74 -11.99
CA LYS B 280 15.09 -6.85 -11.07
C LYS B 280 16.35 -7.69 -10.78
N PHE B 281 17.01 -8.20 -11.84
CA PHE B 281 18.17 -9.10 -11.67
C PHE B 281 19.51 -8.40 -11.43
N ARG B 282 19.68 -7.16 -11.89
CA ARG B 282 20.85 -6.33 -11.53
C ARG B 282 22.19 -6.92 -11.96
N GLY B 283 22.16 -7.71 -13.00
CA GLY B 283 23.34 -8.41 -13.46
C GLY B 283 24.29 -7.50 -14.21
N VAL B 284 25.59 -7.58 -13.85
CA VAL B 284 26.67 -6.92 -14.60
C VAL B 284 27.71 -8.01 -14.91
N ARG B 285 28.45 -7.79 -15.96
CA ARG B 285 29.50 -8.72 -16.40
CA ARG B 285 29.49 -8.73 -16.40
C ARG B 285 30.85 -8.09 -16.15
N LEU B 286 31.77 -8.82 -15.53
CA LEU B 286 33.15 -8.34 -15.28
C LEU B 286 34.06 -9.10 -16.22
N TYR B 287 34.91 -8.42 -16.98
CA TYR B 287 35.92 -9.08 -17.81
C TYR B 287 37.28 -8.66 -17.29
N VAL B 288 38.03 -9.55 -16.63
CA VAL B 288 39.35 -9.19 -16.08
C VAL B 288 40.42 -9.66 -17.04
N SER B 289 41.33 -8.74 -17.37
CA SER B 289 42.48 -9.01 -18.23
C SER B 289 43.63 -8.23 -17.60
N GLU B 290 44.81 -8.21 -18.25
CA GLU B 290 46.06 -7.63 -17.73
C GLU B 290 45.93 -6.18 -17.29
N ASN B 291 46.01 -5.90 -16.00
CA ASN B 291 45.85 -4.55 -15.47
C ASN B 291 44.56 -3.81 -15.91
N GLN B 292 43.52 -4.56 -16.28
CA GLN B 292 42.31 -3.93 -16.74
C GLN B 292 41.06 -4.69 -16.29
N LEU B 293 40.04 -3.92 -15.87
CA LEU B 293 38.72 -4.46 -15.57
C LEU B 293 37.70 -3.74 -16.49
N LYS B 294 36.87 -4.52 -17.17
CA LYS B 294 35.77 -4.01 -17.99
C LYS B 294 34.45 -4.47 -17.37
N ILE B 295 33.53 -3.52 -17.10
CA ILE B 295 32.25 -3.80 -16.48
C ILE B 295 31.18 -3.47 -17.50
N THR B 296 30.32 -4.41 -17.80
CA THR B 296 29.25 -4.13 -18.75
C THR B 296 27.88 -4.45 -18.16
N ALA B 297 26.86 -3.62 -18.47
CA ALA B 297 25.48 -3.85 -18.03
C ALA B 297 24.57 -3.67 -19.23
N ASN B 298 23.56 -4.53 -19.36
CA ASN B 298 22.48 -4.31 -20.36
C ASN B 298 21.12 -4.63 -19.74
N ASN B 299 20.05 -4.11 -20.34
CA ASN B 299 18.75 -4.25 -19.73
C ASN B 299 17.75 -4.66 -20.82
N PRO B 300 16.48 -4.91 -20.47
CA PRO B 300 15.53 -5.36 -21.50
C PRO B 300 15.33 -4.36 -22.67
N GLU B 301 15.57 -3.06 -22.43
CA GLU B 301 15.48 -2.06 -23.50
C GLU B 301 16.70 -2.17 -24.43
N GLN B 302 17.67 -3.05 -24.14
CA GLN B 302 18.90 -3.21 -24.93
C GLN B 302 19.80 -1.98 -24.85
N GLU B 303 19.70 -1.24 -23.74
CA GLU B 303 20.63 -0.16 -23.42
C GLU B 303 21.87 -0.79 -22.84
N GLU B 304 23.01 -0.11 -23.00
CA GLU B 304 24.26 -0.69 -22.51
C GLU B 304 25.12 0.31 -21.83
N ALA B 305 25.76 -0.07 -20.71
CA ALA B 305 26.76 0.71 -20.03
C ALA B 305 28.04 -0.07 -20.10
N GLU B 306 29.17 0.62 -20.34
CA GLU B 306 30.46 -0.05 -20.32
C GLU B 306 31.49 0.85 -19.58
N GLU B 307 32.18 0.27 -18.59
CA GLU B 307 33.20 1.00 -17.84
C GLU B 307 34.50 0.25 -18.03
N ILE B 308 35.58 0.97 -18.36
CA ILE B 308 36.93 0.36 -18.36
C ILE B 308 37.74 1.03 -17.29
N LEU B 309 38.39 0.25 -16.44
CA LEU B 309 39.23 0.75 -15.36
C LEU B 309 40.64 0.20 -15.47
N ASP B 310 41.61 0.99 -15.06
CA ASP B 310 42.97 0.45 -14.83
C ASP B 310 43.01 -0.14 -13.42
N VAL B 311 43.46 -1.38 -13.30
CA VAL B 311 43.57 -2.07 -12.01
C VAL B 311 44.92 -2.78 -12.01
N THR B 312 45.25 -3.43 -10.91
CA THR B 312 46.46 -4.27 -10.81
C THR B 312 46.03 -5.74 -10.86
N TYR B 313 46.29 -6.40 -11.98
CA TYR B 313 45.88 -7.78 -12.20
C TYR B 313 46.84 -8.43 -13.20
N SER B 314 47.36 -9.61 -12.87
CA SER B 314 48.30 -10.34 -13.73
C SER B 314 47.92 -11.83 -13.91
N GLY B 315 46.71 -12.22 -13.54
CA GLY B 315 46.23 -13.58 -13.74
C GLY B 315 45.67 -13.83 -15.13
N ALA B 316 45.10 -15.01 -15.33
CA ALA B 316 44.53 -15.36 -16.62
C ALA B 316 43.18 -14.62 -16.83
N GLU B 317 42.87 -14.31 -18.08
CA GLU B 317 41.65 -13.64 -18.42
C GLU B 317 40.45 -14.44 -18.00
N MET B 318 39.42 -13.78 -17.47
CA MET B 318 38.18 -14.47 -17.17
C MET B 318 36.96 -13.55 -17.17
N GLU B 319 35.80 -14.10 -17.45
CA GLU B 319 34.55 -13.37 -17.41
C GLU B 319 33.74 -13.86 -16.18
N ILE B 320 33.14 -12.95 -15.41
CA ILE B 320 32.28 -13.38 -14.33
C ILE B 320 31.10 -12.41 -14.17
N GLY B 321 29.92 -12.95 -13.85
CA GLY B 321 28.71 -12.17 -13.68
C GLY B 321 28.38 -11.93 -12.23
N PHE B 322 27.92 -10.72 -11.88
CA PHE B 322 27.55 -10.44 -10.48
C PHE B 322 26.27 -9.62 -10.44
N ASN B 323 25.52 -9.75 -9.32
CA ASN B 323 24.46 -8.84 -9.02
C ASN B 323 25.19 -7.56 -8.57
N VAL B 324 25.02 -6.46 -9.30
CA VAL B 324 25.75 -5.21 -9.00
C VAL B 324 25.40 -4.59 -7.63
N SER B 325 24.19 -4.85 -7.08
CA SER B 325 23.85 -4.33 -5.75
C SER B 325 24.66 -5.02 -4.69
N TYR B 326 24.93 -6.32 -4.84
CA TYR B 326 25.76 -7.03 -3.83
C TYR B 326 27.20 -6.51 -3.83
N VAL B 327 27.71 -6.15 -5.01
CA VAL B 327 29.08 -5.62 -5.12
C VAL B 327 29.11 -4.20 -4.52
N LEU B 328 28.12 -3.36 -4.88
CA LEU B 328 28.09 -1.99 -4.36
C LEU B 328 27.95 -1.98 -2.84
N ASP B 329 27.14 -2.89 -2.28
CA ASP B 329 27.00 -2.97 -0.82
C ASP B 329 28.34 -3.24 -0.14
N VAL B 330 29.13 -4.15 -0.72
CA VAL B 330 30.46 -4.45 -0.16
C VAL B 330 31.35 -3.19 -0.25
N LEU B 331 31.42 -2.57 -1.46
CA LEU B 331 32.31 -1.42 -1.65
C LEU B 331 31.92 -0.27 -0.74
N ASN B 332 30.60 -0.05 -0.53
CA ASN B 332 30.10 1.00 0.38
CA ASN B 332 30.10 1.01 0.37
C ASN B 332 30.48 0.70 1.80
N ALA B 333 30.48 -0.59 2.20
CA ALA B 333 30.86 -0.97 3.57
C ALA B 333 32.40 -0.92 3.81
N LEU B 334 33.21 -1.14 2.76
CA LEU B 334 34.67 -1.01 2.83
C LEU B 334 34.98 0.47 2.64
N LYS B 335 35.25 1.17 3.72
CA LYS B 335 35.44 2.61 3.62
C LYS B 335 36.92 2.88 3.51
N CYS B 336 37.56 2.35 2.44
CA CYS B 336 39.01 2.34 2.39
C CYS B 336 39.53 2.90 1.09
N GLU B 337 40.87 3.00 0.97
CA GLU B 337 41.51 3.54 -0.22
C GLU B 337 41.56 2.51 -1.37
N ASN B 338 41.99 1.28 -1.08
CA ASN B 338 42.19 0.23 -2.07
C ASN B 338 41.48 -1.01 -1.65
N VAL B 339 40.99 -1.76 -2.61
CA VAL B 339 40.27 -3.00 -2.34
C VAL B 339 40.96 -4.13 -3.12
N ARG B 340 40.87 -5.33 -2.60
CA ARG B 340 41.39 -6.53 -3.21
C ARG B 340 40.22 -7.47 -3.46
N MET B 341 40.21 -8.11 -4.61
CA MET B 341 39.26 -9.15 -5.02
C MET B 341 40.02 -10.46 -5.31
N MET B 342 39.57 -11.58 -4.74
CA MET B 342 40.21 -12.87 -4.90
C MET B 342 39.24 -13.79 -5.66
N LEU B 343 39.57 -14.10 -6.92
CA LEU B 343 38.71 -14.92 -7.78
C LEU B 343 39.26 -16.32 -8.02
N THR B 344 38.39 -17.24 -8.41
CA THR B 344 38.81 -18.58 -8.77
C THR B 344 38.39 -18.79 -10.23
N ASP B 345 37.11 -18.94 -10.49
CA ASP B 345 36.60 -19.08 -11.85
C ASP B 345 35.21 -18.44 -11.94
N SER B 346 34.57 -18.52 -13.11
CA SER B 346 33.30 -17.88 -13.35
C SER B 346 32.11 -18.44 -12.58
N VAL B 347 32.20 -19.66 -12.02
CA VAL B 347 31.07 -20.26 -11.31
C VAL B 347 31.32 -20.36 -9.80
N SER B 348 32.36 -19.70 -9.28
CA SER B 348 32.74 -19.81 -7.89
C SER B 348 32.72 -18.48 -7.19
N SER B 349 32.52 -18.47 -5.88
CA SER B 349 32.49 -17.24 -5.08
C SER B 349 33.77 -16.40 -5.23
N VAL B 350 33.63 -15.09 -5.02
CA VAL B 350 34.74 -14.14 -4.97
C VAL B 350 34.83 -13.60 -3.52
N GLN B 351 36.04 -13.34 -3.03
CA GLN B 351 36.27 -12.72 -1.73
C GLN B 351 36.74 -11.32 -2.00
N ILE B 352 36.15 -10.36 -1.29
CA ILE B 352 36.48 -8.95 -1.43
C ILE B 352 36.87 -8.47 -0.03
N GLU B 353 37.91 -7.66 0.08
CA GLU B 353 38.35 -7.14 1.36
C GLU B 353 39.18 -5.89 1.15
N ASP B 354 39.43 -5.15 2.23
CA ASP B 354 40.28 -3.98 2.18
C ASP B 354 41.70 -4.51 1.86
N ALA B 355 42.42 -3.84 0.94
CA ALA B 355 43.78 -4.27 0.56
C ALA B 355 44.82 -4.09 1.70
N ALA B 356 44.48 -3.31 2.73
CA ALA B 356 45.33 -3.01 3.89
C ALA B 356 44.96 -3.82 5.15
N SER B 357 43.67 -4.16 5.34
CA SER B 357 43.20 -4.81 6.58
C SER B 357 42.47 -6.11 6.32
N GLN B 358 42.62 -7.08 7.24
CA GLN B 358 41.92 -8.35 7.16
C GLN B 358 40.84 -8.49 8.26
N SER B 359 40.55 -7.39 8.96
CA SER B 359 39.50 -7.39 9.99
C SER B 359 38.11 -7.76 9.42
N ALA B 360 37.82 -7.35 8.17
CA ALA B 360 36.57 -7.68 7.52
C ALA B 360 36.81 -8.42 6.19
N ALA B 361 35.94 -9.39 5.90
CA ALA B 361 35.97 -10.08 4.62
C ALA B 361 34.54 -10.23 4.08
N TYR B 362 34.42 -10.21 2.77
CA TYR B 362 33.12 -10.31 2.11
C TYR B 362 33.18 -11.38 1.04
N VAL B 363 32.13 -12.20 0.94
CA VAL B 363 32.08 -13.25 -0.05
C VAL B 363 30.79 -13.06 -0.87
N VAL B 364 30.91 -12.99 -2.19
CA VAL B 364 29.76 -12.83 -3.07
C VAL B 364 29.76 -13.96 -4.09
N MET B 365 28.64 -14.67 -4.19
CA MET B 365 28.52 -15.75 -5.17
C MET B 365 28.12 -15.13 -6.52
N PRO B 366 28.73 -15.56 -7.65
CA PRO B 366 28.36 -14.95 -8.96
C PRO B 366 26.99 -15.35 -9.47
N MET B 367 26.62 -14.78 -10.62
CA MET B 367 25.39 -15.16 -11.30
C MET B 367 25.76 -15.66 -12.69
N ARG B 368 25.00 -16.62 -13.19
CA ARG B 368 25.27 -17.18 -14.50
C ARG B 368 25.16 -16.12 -15.58
N LEU B 369 26.17 -16.04 -16.49
CA LEU B 369 26.10 -15.07 -17.59
C LEU B 369 25.86 -15.75 -18.98
N SER C 2 1.67 -1.62 -44.26
CA SER C 2 0.71 -2.71 -44.18
C SER C 2 -0.71 -2.19 -44.35
N HIS C 3 -1.52 -2.90 -45.16
CA HIS C 3 -2.93 -2.56 -45.41
C HIS C 3 -3.79 -3.66 -44.81
N MET C 4 -3.28 -4.32 -43.74
CA MET C 4 -3.95 -5.41 -43.03
C MET C 4 -5.41 -5.13 -42.85
N LYS C 5 -6.23 -6.13 -43.07
CA LYS C 5 -7.65 -5.98 -42.79
C LYS C 5 -8.36 -7.33 -42.73
N PHE C 6 -9.41 -7.36 -41.95
CA PHE C 6 -10.16 -8.59 -41.74
C PHE C 6 -11.51 -8.33 -41.11
N THR C 7 -12.45 -9.24 -41.37
CA THR C 7 -13.80 -9.22 -40.82
C THR C 7 -14.10 -10.59 -40.21
N VAL C 8 -14.37 -10.60 -38.90
CA VAL C 8 -14.61 -11.82 -38.14
C VAL C 8 -15.85 -11.63 -37.26
N GLU C 9 -16.48 -12.72 -36.87
CA GLU C 9 -17.61 -12.63 -35.95
C GLU C 9 -17.04 -12.49 -34.54
N ARG C 10 -17.64 -11.62 -33.73
CA ARG C 10 -17.24 -11.35 -32.35
C ARG C 10 -16.95 -12.60 -31.54
N GLU C 11 -17.84 -13.59 -31.58
CA GLU C 11 -17.71 -14.82 -30.78
C GLU C 11 -16.50 -15.65 -31.23
N HIS C 12 -16.14 -15.54 -32.52
CA HIS C 12 -15.00 -16.25 -33.12
C HIS C 12 -13.66 -15.61 -32.66
N LEU C 13 -13.72 -14.33 -32.23
CA LEU C 13 -12.57 -13.57 -31.79
C LEU C 13 -12.56 -13.28 -30.27
N LEU C 14 -13.59 -13.69 -29.53
CA LEU C 14 -13.66 -13.40 -28.09
C LEU C 14 -12.81 -14.34 -27.22
N LYS C 15 -12.95 -15.65 -27.42
CA LYS C 15 -12.23 -16.64 -26.62
C LYS C 15 -10.73 -16.54 -26.88
N PRO C 16 -10.29 -16.50 -28.16
CA PRO C 16 -8.88 -16.23 -28.46
C PRO C 16 -8.28 -14.98 -27.82
N LEU C 17 -9.01 -13.85 -27.86
CA LEU C 17 -8.51 -12.61 -27.26
C LEU C 17 -8.32 -12.75 -25.77
N GLN C 18 -9.32 -13.33 -25.09
CA GLN C 18 -9.32 -13.54 -23.65
C GLN C 18 -8.09 -14.36 -23.28
N GLN C 19 -7.81 -15.39 -24.07
CA GLN C 19 -6.68 -16.26 -23.81
C GLN C 19 -5.33 -15.62 -24.03
N VAL C 20 -5.16 -14.82 -25.10
CA VAL C 20 -3.84 -14.24 -25.36
C VAL C 20 -3.56 -13.00 -24.49
N SER C 21 -4.60 -12.18 -24.24
CA SER C 21 -4.46 -10.96 -23.45
C SER C 21 -4.52 -11.17 -21.94
N GLY C 22 -4.87 -12.38 -21.48
CA GLY C 22 -5.02 -12.69 -20.06
C GLY C 22 -4.01 -12.03 -19.13
N PRO C 23 -2.72 -12.36 -19.29
CA PRO C 23 -1.71 -11.78 -18.39
C PRO C 23 -1.09 -10.44 -18.86
N LEU C 24 -1.77 -9.71 -19.77
CA LEU C 24 -1.24 -8.44 -20.32
C LEU C 24 -1.91 -7.18 -19.68
N GLY C 25 -2.41 -7.32 -18.45
CA GLY C 25 -3.04 -6.24 -17.70
C GLY C 25 -2.13 -5.63 -16.64
N GLY C 26 -1.70 -4.40 -16.88
CA GLY C 26 -0.95 -3.63 -15.91
C GLY C 26 0.53 -3.85 -15.89
N ARG C 27 1.29 -2.76 -15.91
CA ARG C 27 2.75 -2.76 -15.78
C ARG C 27 3.50 -3.64 -16.81
N PRO C 28 3.40 -3.38 -18.12
CA PRO C 28 4.28 -4.12 -19.05
C PRO C 28 5.71 -3.59 -18.84
N THR C 29 6.72 -4.46 -18.98
CA THR C 29 8.10 -4.05 -18.74
C THR C 29 8.54 -3.14 -19.91
N LEU C 30 8.05 -3.42 -21.12
CA LEU C 30 8.29 -2.55 -22.27
C LEU C 30 6.93 -2.21 -22.79
N PRO C 31 6.70 -0.94 -23.20
CA PRO C 31 5.35 -0.57 -23.66
C PRO C 31 4.75 -1.56 -24.67
N ILE C 32 5.53 -2.06 -25.63
CA ILE C 32 5.00 -2.99 -26.66
C ILE C 32 4.52 -4.32 -26.06
N LEU C 33 4.96 -4.69 -24.81
CA LEU C 33 4.50 -5.94 -24.20
C LEU C 33 3.04 -5.83 -23.70
N GLY C 34 2.51 -4.62 -23.63
CA GLY C 34 1.08 -4.42 -23.37
C GLY C 34 0.20 -4.59 -24.60
N ASN C 35 0.81 -4.82 -25.78
CA ASN C 35 0.09 -4.98 -27.06
C ASN C 35 0.08 -6.42 -27.52
N LEU C 36 -0.90 -6.77 -28.35
CA LEU C 36 -0.98 -8.07 -29.03
C LEU C 36 -0.46 -7.90 -30.46
N LEU C 37 0.24 -8.91 -30.97
CA LEU C 37 0.66 -8.91 -32.36
C LEU C 37 -0.46 -9.56 -33.18
N LEU C 38 -1.02 -8.82 -34.16
CA LEU C 38 -2.04 -9.37 -35.06
C LEU C 38 -1.39 -9.63 -36.40
N GLN C 39 -1.50 -10.86 -36.95
CA GLN C 39 -0.98 -11.20 -38.28
C GLN C 39 -2.06 -11.88 -39.12
N VAL C 40 -2.11 -11.54 -40.42
CA VAL C 40 -3.05 -12.13 -41.36
C VAL C 40 -2.28 -12.89 -42.46
N ALA C 41 -2.40 -14.23 -42.48
CA ALA C 41 -1.84 -15.07 -43.56
C ALA C 41 -3.01 -15.47 -44.44
N ASP C 42 -2.76 -16.33 -45.45
CA ASP C 42 -3.85 -16.82 -46.30
C ASP C 42 -4.93 -17.56 -45.46
N GLY C 43 -6.02 -16.85 -45.19
CA GLY C 43 -7.16 -17.39 -44.45
C GLY C 43 -7.02 -17.52 -42.95
N THR C 44 -5.95 -16.96 -42.34
CA THR C 44 -5.76 -17.10 -40.88
C THR C 44 -5.34 -15.80 -40.17
N LEU C 45 -5.95 -15.52 -39.01
CA LEU C 45 -5.58 -14.40 -38.16
C LEU C 45 -4.81 -14.98 -36.96
N SER C 46 -3.58 -14.49 -36.71
CA SER C 46 -2.80 -14.93 -35.57
C SER C 46 -2.78 -13.84 -34.54
N LEU C 47 -2.97 -14.18 -33.25
CA LEU C 47 -2.94 -13.19 -32.15
C LEU C 47 -1.88 -13.65 -31.15
N THR C 48 -0.83 -12.84 -30.91
CA THR C 48 0.26 -13.20 -29.99
C THR C 48 0.42 -12.19 -28.86
N GLY C 49 0.53 -12.69 -27.64
CA GLY C 49 0.86 -11.93 -26.46
C GLY C 49 2.15 -12.48 -25.87
N THR C 50 3.00 -11.61 -25.29
CA THR C 50 4.25 -12.07 -24.66
C THR C 50 4.67 -11.16 -23.50
N ASP C 51 5.55 -11.67 -22.62
CA ASP C 51 6.20 -10.85 -21.59
C ASP C 51 7.72 -11.04 -21.64
N LEU C 52 8.24 -11.55 -22.76
CA LEU C 52 9.66 -11.92 -23.00
C LEU C 52 10.05 -13.29 -22.42
N GLU C 53 9.40 -13.78 -21.34
CA GLU C 53 9.71 -15.08 -20.77
C GLU C 53 8.76 -16.13 -21.35
N MET C 54 7.58 -15.73 -21.80
CA MET C 54 6.61 -16.69 -22.34
C MET C 54 5.74 -16.08 -23.42
N GLU C 55 5.09 -16.93 -24.21
CA GLU C 55 4.24 -16.53 -25.36
C GLU C 55 2.94 -17.26 -25.36
N MET C 56 1.89 -16.61 -25.82
CA MET C 56 0.61 -17.27 -26.05
C MET C 56 0.17 -16.88 -27.46
N VAL C 57 -0.05 -17.87 -28.33
CA VAL C 57 -0.46 -17.63 -29.73
C VAL C 57 -1.81 -18.26 -29.98
N ALA C 58 -2.77 -17.48 -30.46
CA ALA C 58 -4.06 -18.03 -30.86
C ALA C 58 -4.23 -17.86 -32.38
N ARG C 59 -4.83 -18.86 -33.04
CA ARG C 59 -5.09 -18.84 -34.47
C ARG C 59 -6.60 -18.82 -34.69
N VAL C 60 -7.08 -17.92 -35.55
CA VAL C 60 -8.49 -17.76 -35.89
C VAL C 60 -8.66 -17.85 -37.41
N ALA C 61 -9.54 -18.77 -37.86
CA ALA C 61 -9.82 -18.92 -39.29
C ALA C 61 -10.54 -17.69 -39.79
N LEU C 62 -10.17 -17.20 -40.97
CA LEU C 62 -10.82 -16.06 -41.59
C LEU C 62 -11.67 -16.51 -42.80
N VAL C 63 -12.99 -16.55 -42.62
CA VAL C 63 -13.92 -17.00 -43.67
C VAL C 63 -14.34 -15.86 -44.59
N GLN C 64 -14.39 -14.62 -44.05
CA GLN C 64 -14.79 -13.44 -44.80
C GLN C 64 -13.60 -12.81 -45.50
N PRO C 65 -13.82 -11.94 -46.50
CA PRO C 65 -12.68 -11.34 -47.22
C PRO C 65 -11.70 -10.63 -46.28
N HIS C 66 -10.41 -10.65 -46.63
CA HIS C 66 -9.36 -10.04 -45.82
C HIS C 66 -8.15 -9.66 -46.68
N GLU C 67 -7.26 -8.82 -46.12
CA GLU C 67 -6.00 -8.44 -46.76
C GLU C 67 -4.87 -8.72 -45.77
N PRO C 68 -3.75 -9.28 -46.26
CA PRO C 68 -2.62 -9.62 -45.37
C PRO C 68 -1.88 -8.47 -44.72
N GLY C 69 -1.17 -8.75 -43.64
CA GLY C 69 -0.38 -7.74 -42.93
C GLY C 69 -0.23 -8.02 -41.46
N ALA C 70 0.34 -7.09 -40.74
CA ALA C 70 0.53 -7.25 -39.30
C ALA C 70 0.59 -5.92 -38.60
N THR C 71 0.21 -5.89 -37.33
CA THR C 71 0.36 -4.69 -36.50
C THR C 71 0.30 -5.16 -35.05
N THR C 72 0.38 -4.23 -34.12
CA THR C 72 0.22 -4.50 -32.68
C THR C 72 -0.74 -3.48 -32.12
N VAL C 73 -1.55 -3.88 -31.16
CA VAL C 73 -2.61 -3.03 -30.67
C VAL C 73 -2.70 -3.28 -29.16
N PRO C 74 -3.05 -2.26 -28.36
CA PRO C 74 -3.22 -2.50 -26.90
C PRO C 74 -4.17 -3.67 -26.61
N ALA C 75 -3.66 -4.69 -25.88
CA ALA C 75 -4.36 -5.97 -25.69
C ALA C 75 -5.68 -5.82 -24.95
N ARG C 76 -5.64 -5.23 -23.79
CA ARG C 76 -6.79 -5.09 -22.93
C ARG C 76 -7.87 -4.21 -23.57
N LYS C 77 -7.46 -3.10 -24.20
CA LYS C 77 -8.44 -2.21 -24.84
C LYS C 77 -9.13 -2.92 -26.00
N PHE C 78 -8.36 -3.63 -26.83
CA PHE C 78 -8.91 -4.36 -27.97
C PHE C 78 -9.86 -5.43 -27.48
N PHE C 79 -9.46 -6.16 -26.44
CA PHE C 79 -10.36 -7.18 -25.87
C PHE C 79 -11.61 -6.53 -25.32
N ASP C 80 -11.50 -5.49 -24.49
CA ASP C 80 -12.68 -4.85 -23.90
C ASP C 80 -13.66 -4.34 -24.99
N ILE C 81 -13.12 -3.78 -26.09
CA ILE C 81 -13.98 -3.33 -27.19
C ILE C 81 -14.76 -4.52 -27.77
N CYS C 82 -14.06 -5.59 -28.12
CA CYS C 82 -14.74 -6.74 -28.73
C CYS C 82 -15.77 -7.38 -27.76
N ARG C 83 -15.40 -7.45 -26.45
CA ARG C 83 -16.25 -7.99 -25.40
C ARG C 83 -17.49 -7.11 -25.22
N GLY C 84 -17.30 -5.82 -25.32
CA GLY C 84 -18.39 -4.86 -25.14
C GLY C 84 -19.40 -4.83 -26.27
N LEU C 85 -19.08 -5.39 -27.44
CA LEU C 85 -20.00 -5.32 -28.55
C LEU C 85 -21.13 -6.33 -28.38
N PRO C 86 -22.29 -6.08 -29.00
CA PRO C 86 -23.42 -6.99 -28.78
C PRO C 86 -23.20 -8.39 -29.34
N GLU C 87 -24.05 -9.29 -28.90
CA GLU C 87 -24.01 -10.69 -29.28
C GLU C 87 -24.18 -10.84 -30.78
N GLY C 88 -23.39 -11.70 -31.39
CA GLY C 88 -23.45 -11.92 -32.83
C GLY C 88 -22.91 -10.77 -33.66
N ALA C 89 -22.04 -9.91 -33.09
CA ALA C 89 -21.52 -8.74 -33.80
C ALA C 89 -20.52 -9.13 -34.87
N GLU C 90 -20.53 -8.39 -35.98
CA GLU C 90 -19.56 -8.55 -37.06
C GLU C 90 -18.50 -7.49 -36.83
N ILE C 91 -17.22 -7.88 -36.76
CA ILE C 91 -16.13 -6.96 -36.41
C ILE C 91 -15.25 -6.71 -37.59
N ALA C 92 -15.20 -5.46 -38.07
CA ALA C 92 -14.35 -5.06 -39.20
C ALA C 92 -13.08 -4.38 -38.70
N VAL C 93 -11.92 -4.93 -39.01
CA VAL C 93 -10.68 -4.32 -38.57
C VAL C 93 -9.81 -3.93 -39.78
N GLN C 94 -9.18 -2.77 -39.71
CA GLN C 94 -8.24 -2.40 -40.76
C GLN C 94 -7.26 -1.37 -40.26
N LEU C 95 -6.05 -1.42 -40.81
CA LEU C 95 -4.99 -0.50 -40.50
C LEU C 95 -5.17 0.74 -41.36
N GLU C 96 -5.02 1.92 -40.73
CA GLU C 96 -5.20 3.23 -41.33
C GLU C 96 -4.04 4.14 -40.89
N GLY C 97 -2.96 4.15 -41.68
CA GLY C 97 -1.75 4.83 -41.29
C GLY C 97 -1.13 4.14 -40.09
N GLU C 98 -0.88 4.88 -39.00
CA GLU C 98 -0.36 4.34 -37.74
C GLU C 98 -1.51 3.98 -36.74
N ARG C 99 -2.76 3.87 -37.21
CA ARG C 99 -3.90 3.57 -36.33
C ARG C 99 -4.59 2.29 -36.75
N MET C 100 -5.20 1.56 -35.80
CA MET C 100 -6.00 0.38 -36.13
C MET C 100 -7.47 0.73 -35.88
N LEU C 101 -8.30 0.69 -36.96
CA LEU C 101 -9.74 0.97 -36.88
C LEU C 101 -10.50 -0.30 -36.63
N VAL C 102 -11.47 -0.26 -35.69
CA VAL C 102 -12.34 -1.38 -35.34
C VAL C 102 -13.76 -0.84 -35.57
N ARG C 103 -14.57 -1.54 -36.41
CA ARG C 103 -15.94 -1.12 -36.74
C ARG C 103 -16.93 -2.27 -36.60
N SER C 104 -18.09 -1.98 -36.03
CA SER C 104 -19.16 -2.95 -35.86
C SER C 104 -20.45 -2.16 -35.67
N GLY C 105 -21.44 -2.40 -36.54
CA GLY C 105 -22.66 -1.60 -36.56
C GLY C 105 -22.30 -0.14 -36.73
N ARG C 106 -22.81 0.71 -35.85
CA ARG C 106 -22.44 2.12 -35.82
C ARG C 106 -21.52 2.42 -34.59
N SER C 107 -20.60 1.50 -34.29
CA SER C 107 -19.58 1.71 -33.25
C SER C 107 -18.24 1.78 -33.95
N ARG C 108 -17.44 2.81 -33.67
CA ARG C 108 -16.15 2.96 -34.34
C ARG C 108 -15.04 3.25 -33.30
N PHE C 109 -13.94 2.52 -33.39
CA PHE C 109 -12.78 2.70 -32.49
C PHE C 109 -11.51 2.85 -33.29
N SER C 110 -10.72 3.89 -33.00
CA SER C 110 -9.40 4.04 -33.60
C SER C 110 -8.36 3.84 -32.46
N LEU C 111 -7.58 2.77 -32.56
CA LEU C 111 -6.56 2.39 -31.58
C LEU C 111 -5.17 2.77 -32.02
N SER C 112 -4.29 3.07 -31.07
CA SER C 112 -2.89 3.41 -31.38
C SER C 112 -2.16 2.09 -31.64
N THR C 113 -1.12 2.10 -32.47
CA THR C 113 -0.40 0.85 -32.73
C THR C 113 1.09 1.05 -32.50
N LEU C 114 1.83 -0.05 -32.38
CA LEU C 114 3.28 -0.02 -32.38
C LEU C 114 3.72 -0.99 -33.49
N PRO C 115 4.82 -0.70 -34.23
CA PRO C 115 5.15 -1.55 -35.39
C PRO C 115 5.30 -3.03 -35.07
N ALA C 116 4.75 -3.90 -35.95
CA ALA C 116 4.84 -5.35 -35.78
C ALA C 116 6.31 -5.79 -35.80
N ALA C 117 7.18 -5.06 -36.56
CA ALA C 117 8.60 -5.35 -36.65
C ALA C 117 9.29 -5.22 -35.30
N ASP C 118 8.74 -4.39 -34.38
CA ASP C 118 9.30 -4.22 -33.04
C ASP C 118 8.80 -5.28 -32.06
N PHE C 119 7.83 -6.12 -32.46
CA PHE C 119 7.28 -7.10 -31.49
C PHE C 119 8.36 -8.15 -31.16
N PRO C 120 8.65 -8.38 -29.86
CA PRO C 120 9.70 -9.38 -29.52
C PRO C 120 9.28 -10.81 -29.81
N ASN C 121 10.21 -11.65 -30.21
CA ASN C 121 9.88 -13.04 -30.50
C ASN C 121 10.82 -13.97 -29.75
N LEU C 122 10.26 -15.04 -29.16
CA LEU C 122 11.06 -16.05 -28.44
C LEU C 122 11.90 -16.81 -29.48
N ASP C 123 13.14 -17.15 -29.11
CA ASP C 123 14.08 -17.87 -29.96
C ASP C 123 13.51 -19.24 -30.34
N ASP C 124 13.86 -19.75 -31.54
CA ASP C 124 13.43 -21.10 -31.94
C ASP C 124 14.23 -22.18 -31.17
N TRP C 125 13.65 -23.37 -31.05
CA TRP C 125 14.24 -24.46 -30.29
C TRP C 125 13.59 -25.77 -30.70
N GLN C 126 14.27 -26.91 -30.48
CA GLN C 126 13.74 -28.22 -30.85
C GLN C 126 13.27 -29.03 -29.64
N SER C 127 12.09 -29.66 -29.78
CA SER C 127 11.52 -30.49 -28.72
C SER C 127 12.23 -31.84 -28.63
N GLU C 128 12.72 -32.17 -27.44
CA GLU C 128 13.42 -33.41 -27.20
C GLU C 128 12.44 -34.51 -26.76
N VAL C 129 11.32 -34.11 -26.14
CA VAL C 129 10.28 -35.01 -25.67
C VAL C 129 8.94 -34.45 -26.12
N GLU C 130 8.01 -35.31 -26.55
CA GLU C 130 6.67 -34.89 -26.93
C GLU C 130 5.69 -35.92 -26.42
N PHE C 131 4.50 -35.50 -26.00
CA PHE C 131 3.46 -36.42 -25.55
C PHE C 131 2.13 -35.73 -25.49
N THR C 132 1.04 -36.50 -25.53
CA THR C 132 -0.32 -35.99 -25.46
C THR C 132 -0.99 -36.61 -24.23
N LEU C 133 -1.70 -35.82 -23.44
CA LEU C 133 -2.39 -36.33 -22.26
C LEU C 133 -3.68 -35.55 -21.99
N PRO C 134 -4.70 -36.09 -21.29
CA PRO C 134 -5.91 -35.28 -21.05
C PRO C 134 -5.62 -34.04 -20.22
N GLN C 135 -6.36 -32.99 -20.45
CA GLN C 135 -6.13 -31.79 -19.66
C GLN C 135 -6.49 -31.99 -18.19
N ALA C 136 -7.49 -32.86 -17.89
CA ALA C 136 -7.82 -33.22 -16.50
C ALA C 136 -6.59 -33.77 -15.76
N THR C 137 -5.71 -34.51 -16.48
CA THR C 137 -4.48 -35.07 -15.91
C THR C 137 -3.48 -33.94 -15.57
N MET C 138 -3.32 -32.95 -16.48
CA MET C 138 -2.45 -31.79 -16.24
C MET C 138 -2.97 -30.94 -15.06
N LYS C 139 -4.28 -30.69 -15.04
CA LYS C 139 -4.93 -29.91 -13.98
C LYS C 139 -4.74 -30.58 -12.60
N ARG C 140 -4.95 -31.89 -12.54
CA ARG C 140 -4.75 -32.69 -11.33
C ARG C 140 -3.30 -32.57 -10.86
N LEU C 141 -2.36 -32.69 -11.80
CA LEU C 141 -0.94 -32.68 -11.49
C LEU C 141 -0.52 -31.34 -10.90
N ILE C 142 -1.03 -30.24 -11.46
CA ILE C 142 -0.69 -28.88 -11.03
C ILE C 142 -1.40 -28.55 -9.72
N GLU C 143 -2.71 -28.81 -9.64
CA GLU C 143 -3.49 -28.54 -8.40
C GLU C 143 -2.92 -29.25 -7.17
N ALA C 144 -2.37 -30.45 -7.36
CA ALA C 144 -1.82 -31.26 -6.26
C ALA C 144 -0.51 -30.68 -5.67
N THR C 145 0.20 -29.80 -6.37
CA THR C 145 1.52 -29.33 -5.91
C THR C 145 1.69 -27.81 -5.93
N GLN C 146 0.88 -27.06 -6.68
CA GLN C 146 1.11 -25.63 -6.89
C GLN C 146 1.25 -24.82 -5.61
N PHE C 147 0.41 -25.11 -4.60
CA PHE C 147 0.45 -24.41 -3.30
C PHE C 147 1.79 -24.56 -2.56
N SER C 148 2.59 -25.60 -2.84
CA SER C 148 3.88 -25.79 -2.17
C SER C 148 5.06 -25.03 -2.85
N MET C 149 4.85 -24.39 -3.99
CA MET C 149 5.93 -23.59 -4.63
C MET C 149 6.35 -22.44 -3.72
N ALA C 150 7.64 -22.00 -3.78
CA ALA C 150 8.10 -20.88 -2.96
C ALA C 150 7.55 -19.54 -3.44
N HIS C 151 7.48 -18.55 -2.56
CA HIS C 151 7.02 -17.22 -2.97
C HIS C 151 8.16 -16.22 -2.83
N GLN C 152 8.74 -15.88 -4.01
CA GLN C 152 9.83 -14.92 -4.18
C GLN C 152 11.07 -15.24 -3.35
N ASP C 153 11.42 -16.52 -3.28
CA ASP C 153 12.60 -16.94 -2.54
C ASP C 153 13.85 -16.51 -3.32
N VAL C 154 14.96 -16.22 -2.60
CA VAL C 154 16.26 -15.86 -3.19
C VAL C 154 16.82 -17.05 -4.00
N ARG C 155 16.42 -18.28 -3.65
CA ARG C 155 16.72 -19.47 -4.45
C ARG C 155 15.68 -19.53 -5.57
N TYR C 156 15.97 -18.82 -6.65
CA TYR C 156 15.06 -18.61 -7.78
C TYR C 156 14.39 -19.86 -8.29
N TYR C 157 15.09 -20.99 -8.23
CA TYR C 157 14.60 -22.27 -8.76
C TYR C 157 13.44 -22.90 -7.95
N LEU C 158 13.25 -22.49 -6.66
CA LEU C 158 12.12 -22.97 -5.85
C LEU C 158 10.85 -22.24 -6.21
N ASN C 159 10.96 -21.13 -6.96
CA ASN C 159 9.78 -20.34 -7.32
C ASN C 159 8.99 -20.95 -8.47
N GLY C 160 9.48 -22.04 -9.03
CA GLY C 160 8.78 -22.76 -10.10
C GLY C 160 8.34 -24.13 -9.68
N MET C 161 7.91 -24.91 -10.67
CA MET C 161 7.41 -26.26 -10.46
C MET C 161 8.20 -27.19 -11.32
N LEU C 162 8.73 -28.29 -10.71
CA LEU C 162 9.47 -29.29 -11.46
C LEU C 162 8.49 -30.14 -12.24
N PHE C 163 8.75 -30.38 -13.52
CA PHE C 163 7.97 -31.29 -14.36
C PHE C 163 8.93 -32.42 -14.77
N GLU C 164 8.57 -33.65 -14.48
CA GLU C 164 9.47 -34.77 -14.70
C GLU C 164 8.79 -35.86 -15.47
N THR C 165 9.45 -36.39 -16.51
CA THR C 165 8.98 -37.55 -17.25
C THR C 165 9.81 -38.76 -16.81
N GLU C 166 9.16 -39.88 -16.52
CA GLU C 166 9.88 -41.08 -16.12
C GLU C 166 9.02 -42.28 -16.41
N GLY C 167 9.49 -43.14 -17.30
CA GLY C 167 8.74 -44.30 -17.74
C GLY C 167 7.47 -43.92 -18.46
N GLU C 168 6.33 -44.30 -17.89
CA GLU C 168 5.00 -44.02 -18.42
C GLU C 168 4.33 -42.84 -17.67
N GLU C 169 5.05 -42.17 -16.76
CA GLU C 169 4.43 -41.13 -15.93
C GLU C 169 4.96 -39.73 -16.14
N LEU C 170 4.07 -38.75 -15.93
CA LEU C 170 4.45 -37.35 -15.79
C LEU C 170 4.33 -36.98 -14.31
N ARG C 171 5.36 -36.34 -13.74
CA ARG C 171 5.38 -35.99 -12.32
C ARG C 171 5.66 -34.50 -12.09
N THR C 172 4.99 -33.87 -11.10
CA THR C 172 5.27 -32.49 -10.70
C THR C 172 5.81 -32.50 -9.27
N VAL C 173 6.70 -31.55 -8.97
CA VAL C 173 7.26 -31.39 -7.63
C VAL C 173 7.33 -29.90 -7.34
N ALA C 174 6.90 -29.50 -6.14
CA ALA C 174 6.98 -28.12 -5.69
C ALA C 174 7.42 -28.12 -4.24
N THR C 175 8.34 -27.26 -3.88
CA THR C 175 8.77 -27.10 -2.49
C THR C 175 9.24 -25.66 -2.23
N ASP C 176 9.11 -25.24 -0.98
CA ASP C 176 9.53 -23.91 -0.57
C ASP C 176 10.60 -23.99 0.51
N GLY C 177 11.18 -25.18 0.72
CA GLY C 177 12.21 -25.37 1.75
C GLY C 177 11.66 -25.76 3.12
N HIS C 178 10.34 -25.69 3.33
CA HIS C 178 9.71 -26.11 4.59
C HIS C 178 8.78 -27.29 4.34
N ARG C 179 8.10 -27.27 3.17
CA ARG C 179 7.19 -28.35 2.81
C ARG C 179 7.32 -28.66 1.34
N LEU C 180 7.02 -29.89 0.98
CA LEU C 180 7.17 -30.36 -0.41
C LEU C 180 5.92 -31.08 -0.82
N ALA C 181 5.56 -30.97 -2.11
CA ALA C 181 4.46 -31.71 -2.68
C ALA C 181 4.94 -32.40 -3.96
N VAL C 182 4.53 -33.65 -4.18
CA VAL C 182 4.88 -34.44 -5.37
C VAL C 182 3.67 -35.25 -5.83
N CYS C 183 3.43 -35.27 -7.14
CA CYS C 183 2.30 -35.98 -7.73
C CYS C 183 2.74 -36.60 -9.05
N SER C 184 2.45 -37.89 -9.28
CA SER C 184 2.81 -38.62 -10.50
C SER C 184 1.55 -39.15 -11.11
N MET C 185 1.42 -39.10 -12.41
CA MET C 185 0.21 -39.58 -13.09
C MET C 185 0.61 -40.43 -14.31
N PRO C 186 -0.03 -41.59 -14.57
CA PRO C 186 0.30 -42.33 -15.81
C PRO C 186 -0.29 -41.63 -17.03
N ILE C 187 0.45 -41.59 -18.15
CA ILE C 187 -0.07 -40.98 -19.38
C ILE C 187 -0.19 -41.96 -20.58
N GLY C 188 0.20 -43.23 -20.38
CA GLY C 188 0.04 -44.28 -21.40
C GLY C 188 1.09 -44.37 -22.49
N GLN C 189 2.24 -43.68 -22.33
CA GLN C 189 3.30 -43.68 -23.34
C GLN C 189 4.64 -43.84 -22.64
N SER C 190 5.58 -44.55 -23.26
CA SER C 190 6.93 -44.69 -22.72
C SER C 190 7.72 -43.45 -23.06
N LEU C 191 8.41 -42.89 -22.08
CA LEU C 191 9.13 -41.63 -22.27
C LEU C 191 10.56 -41.70 -21.84
N PRO C 192 11.42 -40.87 -22.44
CA PRO C 192 12.79 -40.76 -21.92
C PRO C 192 12.79 -39.91 -20.64
N SER C 193 13.89 -39.99 -19.87
CA SER C 193 13.98 -39.26 -18.61
C SER C 193 14.36 -37.79 -18.83
N HIS C 194 13.47 -36.89 -18.41
CA HIS C 194 13.67 -35.46 -18.56
C HIS C 194 13.06 -34.71 -17.34
N SER C 195 13.84 -33.78 -16.77
CA SER C 195 13.47 -33.06 -15.56
C SER C 195 13.66 -31.56 -15.78
N VAL C 196 12.55 -30.77 -15.80
CA VAL C 196 12.63 -29.33 -16.07
C VAL C 196 11.85 -28.51 -15.04
N ILE C 197 12.26 -27.28 -14.83
CA ILE C 197 11.59 -26.37 -13.91
C ILE C 197 10.81 -25.34 -14.73
N VAL C 198 9.47 -25.34 -14.57
CA VAL C 198 8.61 -24.36 -15.24
C VAL C 198 8.43 -23.16 -14.28
N PRO C 199 8.67 -21.91 -14.73
CA PRO C 199 8.51 -20.77 -13.80
C PRO C 199 7.07 -20.55 -13.31
N ARG C 200 6.94 -19.96 -12.13
CA ARG C 200 5.65 -19.64 -11.48
C ARG C 200 4.59 -19.17 -12.48
N LYS C 201 4.92 -18.12 -13.24
CA LYS C 201 3.99 -17.55 -14.20
C LYS C 201 3.63 -18.51 -15.33
N GLY C 202 4.56 -19.39 -15.71
CA GLY C 202 4.29 -20.43 -16.70
C GLY C 202 3.29 -21.43 -16.18
N VAL C 203 3.41 -21.80 -14.88
CA VAL C 203 2.48 -22.77 -14.27
C VAL C 203 1.05 -22.16 -14.32
N ILE C 204 0.94 -20.86 -13.98
CA ILE C 204 -0.34 -20.15 -14.00
C ILE C 204 -0.96 -20.15 -15.39
N GLU C 205 -0.16 -19.91 -16.45
CA GLU C 205 -0.69 -19.91 -17.81
C GLU C 205 -1.10 -21.30 -18.28
N LEU C 206 -0.31 -22.35 -17.94
CA LEU C 206 -0.69 -23.72 -18.28
C LEU C 206 -2.05 -24.02 -17.67
N MET C 207 -2.32 -23.57 -16.44
CA MET C 207 -3.62 -23.84 -15.80
C MET C 207 -4.75 -23.08 -16.50
N ARG C 208 -4.48 -21.80 -16.81
CA ARG C 208 -5.47 -20.91 -17.41
C ARG C 208 -5.94 -21.37 -18.77
N MET C 209 -5.07 -22.04 -19.55
CA MET C 209 -5.42 -22.50 -20.88
C MET C 209 -6.25 -23.79 -20.89
N LEU C 210 -6.48 -24.42 -19.71
CA LEU C 210 -7.33 -25.61 -19.63
C LEU C 210 -8.77 -25.15 -19.51
N ASP C 211 -9.60 -25.43 -20.53
CA ASP C 211 -10.98 -24.95 -20.59
C ASP C 211 -12.00 -25.98 -20.06
N GLY C 212 -11.54 -27.17 -19.70
CA GLY C 212 -12.42 -28.22 -19.19
C GLY C 212 -13.20 -28.95 -20.25
N GLY C 213 -12.99 -28.62 -21.53
CA GLY C 213 -13.65 -29.29 -22.64
C GLY C 213 -13.00 -30.62 -22.97
N ASP C 214 -13.33 -31.17 -24.15
CA ASP C 214 -12.80 -32.47 -24.57
C ASP C 214 -11.55 -32.37 -25.44
N ASN C 215 -11.02 -31.15 -25.66
CA ASN C 215 -9.78 -30.97 -26.44
C ASN C 215 -8.58 -31.54 -25.67
N PRO C 216 -7.79 -32.45 -26.28
CA PRO C 216 -6.61 -32.98 -25.58
C PRO C 216 -5.44 -31.98 -25.50
N LEU C 217 -4.50 -32.24 -24.58
CA LEU C 217 -3.33 -31.38 -24.36
C LEU C 217 -2.08 -32.03 -24.95
N ARG C 218 -1.36 -31.32 -25.84
CA ARG C 218 -0.13 -31.83 -26.45
C ARG C 218 1.06 -31.03 -25.90
N VAL C 219 2.04 -31.70 -25.29
CA VAL C 219 3.18 -31.02 -24.65
C VAL C 219 4.46 -31.33 -25.39
N GLN C 220 5.32 -30.34 -25.53
CA GLN C 220 6.66 -30.48 -26.10
C GLN C 220 7.66 -29.86 -25.14
N ILE C 221 8.73 -30.56 -24.83
CA ILE C 221 9.75 -30.07 -23.90
C ILE C 221 11.08 -30.11 -24.61
N GLY C 222 11.78 -28.99 -24.57
CA GLY C 222 13.12 -28.86 -25.11
C GLY C 222 14.11 -28.69 -23.99
N SER C 223 15.31 -28.27 -24.35
CA SER C 223 16.36 -28.05 -23.37
C SER C 223 16.07 -26.84 -22.46
N ASN C 224 15.54 -25.75 -23.03
CA ASN C 224 15.30 -24.51 -22.30
C ASN C 224 13.86 -23.97 -22.45
N ASN C 225 12.93 -24.77 -22.97
CA ASN C 225 11.57 -24.32 -23.18
C ASN C 225 10.62 -25.42 -23.00
N ILE C 226 9.36 -25.07 -22.76
CA ILE C 226 8.25 -26.00 -22.72
C ILE C 226 7.14 -25.36 -23.55
N ARG C 227 6.35 -26.18 -24.27
CA ARG C 227 5.25 -25.70 -25.11
C ARG C 227 4.03 -26.59 -24.92
N ALA C 228 2.86 -26.01 -24.83
CA ALA C 228 1.62 -26.74 -24.65
C ALA C 228 0.62 -26.28 -25.72
N HIS C 229 -0.01 -27.24 -26.45
CA HIS C 229 -1.03 -26.96 -27.46
C HIS C 229 -2.39 -27.47 -26.95
N VAL C 230 -3.45 -26.67 -27.09
CA VAL C 230 -4.83 -27.06 -26.78
C VAL C 230 -5.69 -26.35 -27.81
N GLY C 231 -6.37 -27.13 -28.65
CA GLY C 231 -7.15 -26.57 -29.75
C GLY C 231 -6.30 -25.66 -30.59
N ASP C 232 -6.74 -24.40 -30.78
CA ASP C 232 -6.01 -23.43 -31.58
C ASP C 232 -5.17 -22.44 -30.75
N PHE C 233 -4.79 -22.86 -29.52
CA PHE C 233 -3.92 -22.10 -28.64
C PHE C 233 -2.58 -22.79 -28.50
N ILE C 234 -1.51 -22.02 -28.49
CA ILE C 234 -0.18 -22.52 -28.25
C ILE C 234 0.48 -21.65 -27.15
N PHE C 235 0.89 -22.27 -26.07
CA PHE C 235 1.58 -21.58 -24.98
C PHE C 235 3.03 -22.03 -24.96
N THR C 236 3.98 -21.10 -24.94
CA THR C 236 5.40 -21.44 -24.84
C THR C 236 6.01 -20.69 -23.67
N SER C 237 6.90 -21.33 -22.93
CA SER C 237 7.57 -20.69 -21.81
C SER C 237 9.03 -21.09 -21.79
N LYS C 238 9.89 -20.15 -21.38
CA LYS C 238 11.28 -20.46 -21.06
C LYS C 238 11.29 -21.30 -19.77
N LEU C 239 12.34 -22.10 -19.58
CA LEU C 239 12.47 -22.95 -18.38
C LEU C 239 13.43 -22.30 -17.42
N VAL C 240 13.29 -22.59 -16.14
CA VAL C 240 14.20 -22.02 -15.14
C VAL C 240 15.43 -22.92 -15.15
N ASP C 241 16.61 -22.32 -15.36
CA ASP C 241 17.86 -23.07 -15.50
C ASP C 241 18.51 -23.13 -14.12
N GLY C 242 18.24 -24.21 -13.40
CA GLY C 242 18.81 -24.46 -12.08
C GLY C 242 18.66 -25.90 -11.64
N ARG C 243 19.25 -26.25 -10.49
CA ARG C 243 19.08 -27.61 -9.99
C ARG C 243 18.04 -27.61 -8.90
N PHE C 244 16.97 -28.35 -9.14
CA PHE C 244 15.87 -28.49 -8.21
C PHE C 244 16.17 -29.53 -7.12
N PRO C 245 15.72 -29.33 -5.86
CA PRO C 245 15.96 -30.36 -4.84
C PRO C 245 15.43 -31.73 -5.25
N ASP C 246 16.06 -32.81 -4.70
CA ASP C 246 15.63 -34.16 -4.98
C ASP C 246 14.57 -34.60 -3.96
N TYR C 247 13.34 -34.81 -4.43
CA TYR C 247 12.22 -35.20 -3.58
C TYR C 247 12.43 -36.56 -2.88
N ARG C 248 13.27 -37.43 -3.45
CA ARG C 248 13.51 -38.74 -2.87
CA ARG C 248 13.51 -38.74 -2.87
C ARG C 248 14.47 -38.66 -1.70
N ARG C 249 15.33 -37.65 -1.64
CA ARG C 249 16.29 -37.50 -0.54
C ARG C 249 15.60 -36.85 0.69
N VAL C 250 14.35 -36.41 0.51
CA VAL C 250 13.58 -35.73 1.56
C VAL C 250 12.40 -36.55 2.02
N LEU C 251 11.85 -37.45 1.17
CA LEU C 251 10.81 -38.33 1.67
C LEU C 251 11.40 -39.01 2.89
N PRO C 252 10.72 -38.99 4.05
CA PRO C 252 11.32 -39.59 5.26
C PRO C 252 11.85 -41.01 5.05
N LYS C 253 13.08 -41.29 5.55
CA LYS C 253 13.77 -42.56 5.27
C LYS C 253 13.15 -43.77 5.95
N ASN C 254 13.08 -43.79 7.29
CA ASN C 254 12.55 -44.96 8.00
C ASN C 254 11.33 -44.59 8.85
N PRO C 255 10.14 -44.36 8.23
CA PRO C 255 8.94 -44.05 9.02
C PRO C 255 8.41 -45.27 9.76
N ASP C 256 8.58 -45.30 11.09
CA ASP C 256 8.16 -46.41 11.95
C ASP C 256 6.76 -46.20 12.56
N LYS C 257 6.32 -44.95 12.71
CA LYS C 257 5.02 -44.65 13.31
C LYS C 257 4.02 -44.14 12.28
N HIS C 258 2.92 -44.89 12.09
CA HIS C 258 1.90 -44.58 11.10
C HIS C 258 0.61 -44.18 11.77
N LEU C 259 0.04 -43.05 11.39
CA LEU C 259 -1.24 -42.58 11.88
C LEU C 259 -2.22 -42.51 10.71
N GLU C 260 -3.47 -42.93 10.93
CA GLU C 260 -4.52 -42.86 9.90
CA GLU C 260 -4.52 -42.84 9.90
C GLU C 260 -5.78 -42.23 10.50
N ALA C 261 -6.43 -41.34 9.76
CA ALA C 261 -7.62 -40.65 10.22
C ALA C 261 -8.47 -40.17 9.06
N GLY C 262 -9.73 -39.87 9.33
CA GLY C 262 -10.62 -39.26 8.36
C GLY C 262 -10.10 -37.89 7.95
N CYS C 263 -9.99 -37.63 6.64
CA CYS C 263 -9.44 -36.38 6.10
C CYS C 263 -10.22 -35.17 6.59
N ASP C 264 -11.55 -35.19 6.44
CA ASP C 264 -12.39 -34.06 6.82
C ASP C 264 -12.36 -33.77 8.33
N LEU C 265 -12.50 -34.78 9.18
CA LEU C 265 -12.49 -34.52 10.62
C LEU C 265 -11.14 -33.96 11.05
N LEU C 266 -10.07 -34.43 10.44
CA LEU C 266 -8.73 -33.94 10.75
C LEU C 266 -8.57 -32.47 10.28
N LYS C 267 -9.10 -32.16 9.10
CA LYS C 267 -9.08 -30.81 8.55
C LYS C 267 -9.87 -29.83 9.40
N GLN C 268 -11.07 -30.22 9.81
CA GLN C 268 -11.92 -29.32 10.60
C GLN C 268 -11.34 -29.08 12.00
N ALA C 269 -10.67 -30.06 12.57
CA ALA C 269 -10.03 -29.93 13.89
C ALA C 269 -8.82 -28.96 13.80
N PHE C 270 -8.01 -29.12 12.76
CA PHE C 270 -6.88 -28.21 12.53
C PHE C 270 -7.35 -26.79 12.24
N ALA C 271 -8.44 -26.64 11.46
CA ALA C 271 -9.02 -25.34 11.13
C ALA C 271 -9.55 -24.63 12.38
N ARG C 272 -10.23 -25.36 13.28
CA ARG C 272 -10.70 -24.73 14.50
C ARG C 272 -9.51 -24.36 15.39
N ALA C 273 -8.52 -25.27 15.52
CA ALA C 273 -7.38 -25.02 16.41
C ALA C 273 -6.56 -23.79 15.89
N ALA C 274 -6.50 -23.62 14.57
CA ALA C 274 -5.77 -22.51 13.90
C ALA C 274 -6.25 -21.14 14.32
N ILE C 275 -7.54 -21.03 14.69
CA ILE C 275 -8.13 -19.76 15.15
C ILE C 275 -7.39 -19.21 16.35
N LEU C 276 -6.96 -20.08 17.28
CA LEU C 276 -6.28 -19.62 18.48
C LEU C 276 -4.78 -19.90 18.40
N SER C 277 -4.26 -20.01 17.18
CA SER C 277 -2.82 -20.08 16.98
C SER C 277 -2.26 -18.69 16.65
N ASN C 278 -0.94 -18.55 16.85
CA ASN C 278 -0.24 -17.29 16.63
C ASN C 278 -0.42 -16.90 15.16
N GLU C 279 -0.92 -15.68 14.89
CA GLU C 279 -1.21 -15.22 13.52
C GLU C 279 0.01 -15.23 12.58
N LYS C 280 1.21 -15.03 13.12
CA LYS C 280 2.43 -15.03 12.29
C LYS C 280 3.02 -16.43 12.17
N PHE C 281 3.31 -17.08 13.32
CA PHE C 281 3.98 -18.38 13.33
C PHE C 281 3.06 -19.58 13.13
N ARG C 282 1.77 -19.46 13.49
CA ARG C 282 0.75 -20.48 13.15
C ARG C 282 1.03 -21.85 13.73
N GLY C 283 1.78 -21.89 14.83
CA GLY C 283 2.21 -23.14 15.42
C GLY C 283 1.10 -23.83 16.18
N VAL C 284 0.94 -25.16 15.93
CA VAL C 284 0.05 -26.04 16.70
C VAL C 284 0.87 -27.22 17.16
N ARG C 285 0.47 -27.86 18.25
CA ARG C 285 1.22 -29.04 18.60
C ARG C 285 0.33 -30.23 18.56
N LEU C 286 0.88 -31.33 18.05
CA LEU C 286 0.20 -32.62 17.90
C LEU C 286 0.67 -33.57 18.97
N TYR C 287 -0.24 -34.16 19.73
CA TYR C 287 0.11 -35.19 20.70
C TYR C 287 -0.46 -36.50 20.22
N VAL C 288 0.40 -37.43 19.81
CA VAL C 288 -0.10 -38.71 19.34
C VAL C 288 0.08 -39.78 20.42
N SER C 289 -0.97 -40.56 20.68
CA SER C 289 -0.96 -41.69 21.63
C SER C 289 -1.87 -42.76 21.04
N GLU C 290 -2.17 -43.83 21.81
CA GLU C 290 -2.95 -44.98 21.31
C GLU C 290 -4.32 -44.64 20.75
N ASN C 291 -4.49 -44.77 19.43
CA ASN C 291 -5.75 -44.45 18.74
C ASN C 291 -6.27 -43.02 19.06
N GLN C 292 -5.38 -42.10 19.39
CA GLN C 292 -5.83 -40.76 19.72
C GLN C 292 -4.84 -39.69 19.25
N LEU C 293 -5.38 -38.59 18.72
CA LEU C 293 -4.62 -37.40 18.35
C LEU C 293 -5.20 -36.21 19.13
N LYS C 294 -4.33 -35.45 19.80
CA LYS C 294 -4.73 -34.21 20.49
C LYS C 294 -3.98 -33.05 19.81
N ILE C 295 -4.73 -32.01 19.37
CA ILE C 295 -4.17 -30.83 18.69
C ILE C 295 -4.38 -29.66 19.62
N THR C 296 -3.32 -28.94 19.97
CA THR C 296 -3.50 -27.75 20.82
C THR C 296 -2.90 -26.54 20.12
N ALA C 297 -3.49 -25.37 20.35
CA ALA C 297 -2.98 -24.10 19.82
C ALA C 297 -3.04 -23.07 20.91
N ASN C 298 -2.01 -22.21 20.99
CA ASN C 298 -1.92 -21.11 21.94
CA ASN C 298 -2.03 -21.09 21.92
C ASN C 298 -1.49 -19.86 21.19
N ASN C 299 -1.81 -18.65 21.68
CA ASN C 299 -1.38 -17.43 20.99
C ASN C 299 -0.84 -16.45 22.06
N PRO C 300 -0.29 -15.30 21.64
CA PRO C 300 0.26 -14.37 22.64
C PRO C 300 -0.76 -13.87 23.67
N GLU C 301 -2.06 -13.90 23.36
CA GLU C 301 -3.10 -13.50 24.34
C GLU C 301 -3.30 -14.61 25.40
N GLN C 302 -2.61 -15.76 25.25
CA GLN C 302 -2.72 -16.92 26.15
C GLN C 302 -4.10 -17.59 26.03
N GLU C 303 -4.71 -17.48 24.85
CA GLU C 303 -5.96 -18.21 24.55
C GLU C 303 -5.54 -19.59 24.12
N GLU C 304 -6.43 -20.58 24.28
CA GLU C 304 -6.06 -21.94 23.94
C GLU C 304 -7.19 -22.68 23.27
N ALA C 305 -6.85 -23.47 22.25
CA ALA C 305 -7.77 -24.34 21.55
C ALA C 305 -7.27 -25.76 21.79
N GLU C 306 -8.18 -26.72 21.97
CA GLU C 306 -7.80 -28.13 22.09
C GLU C 306 -8.81 -29.01 21.32
N GLU C 307 -8.30 -29.88 20.45
CA GLU C 307 -9.14 -30.82 19.69
C GLU C 307 -8.68 -32.21 20.00
N ILE C 308 -9.59 -33.13 20.33
CA ILE C 308 -9.23 -34.55 20.50
C ILE C 308 -9.92 -35.35 19.41
N LEU C 309 -9.15 -36.21 18.75
CA LEU C 309 -9.66 -37.04 17.67
C LEU C 309 -9.38 -38.52 17.90
N ASP C 310 -10.32 -39.40 17.47
CA ASP C 310 -10.07 -40.84 17.43
C ASP C 310 -9.39 -41.14 16.09
N VAL C 311 -8.18 -41.67 16.16
CA VAL C 311 -7.39 -42.03 14.98
C VAL C 311 -6.95 -43.49 15.11
N THR C 312 -6.36 -44.04 14.07
CA THR C 312 -5.75 -45.37 14.11
C THR C 312 -4.25 -45.15 14.28
N TYR C 313 -3.73 -45.43 15.46
CA TYR C 313 -2.31 -45.26 15.77
C TYR C 313 -1.93 -46.24 16.87
N SER C 314 -0.81 -46.95 16.68
CA SER C 314 -0.33 -47.95 17.65
C SER C 314 1.15 -47.79 18.03
N GLY C 315 1.80 -46.72 17.58
CA GLY C 315 3.22 -46.48 17.83
C GLY C 315 3.48 -45.86 19.19
N ALA C 316 4.74 -45.45 19.41
CA ALA C 316 5.13 -44.80 20.66
C ALA C 316 4.59 -43.36 20.71
N GLU C 317 4.24 -42.92 21.93
CA GLU C 317 3.72 -41.57 22.14
C GLU C 317 4.70 -40.52 21.67
N MET C 318 4.17 -39.41 21.09
CA MET C 318 5.00 -38.36 20.51
C MET C 318 4.28 -37.01 20.44
N GLU C 319 5.04 -35.92 20.66
CA GLU C 319 4.58 -34.54 20.58
C GLU C 319 5.37 -33.85 19.50
N ILE C 320 4.68 -33.34 18.49
CA ILE C 320 5.34 -32.70 17.37
C ILE C 320 4.63 -31.40 17.06
N GLY C 321 5.39 -30.37 16.68
CA GLY C 321 4.86 -29.06 16.35
C GLY C 321 4.78 -28.85 14.86
N PHE C 322 3.71 -28.17 14.38
CA PHE C 322 3.58 -27.87 12.95
C PHE C 322 3.03 -26.46 12.74
N ASN C 323 3.39 -25.86 11.61
CA ASN C 323 2.73 -24.67 11.12
C ASN C 323 1.36 -25.17 10.62
N VAL C 324 0.26 -24.72 11.24
CA VAL C 324 -1.08 -25.26 10.90
C VAL C 324 -1.51 -24.93 9.44
N SER C 325 -0.98 -23.87 8.83
CA SER C 325 -1.34 -23.54 7.46
C SER C 325 -0.73 -24.54 6.50
N TYR C 326 0.49 -25.08 6.80
CA TYR C 326 1.10 -26.08 5.90
C TYR C 326 0.32 -27.37 5.98
N VAL C 327 -0.22 -27.71 7.17
CA VAL C 327 -1.00 -28.95 7.33
C VAL C 327 -2.34 -28.76 6.58
N LEU C 328 -3.03 -27.62 6.79
CA LEU C 328 -4.33 -27.39 6.18
C LEU C 328 -4.21 -27.38 4.68
N ASP C 329 -3.12 -26.81 4.12
CA ASP C 329 -2.91 -26.80 2.67
C ASP C 329 -2.85 -28.21 2.13
N VAL C 330 -2.14 -29.12 2.83
CA VAL C 330 -2.07 -30.51 2.39
C VAL C 330 -3.46 -31.15 2.45
N LEU C 331 -4.17 -31.00 3.59
CA LEU C 331 -5.49 -31.62 3.77
C LEU C 331 -6.49 -31.11 2.76
N ASN C 332 -6.43 -29.82 2.42
CA ASN C 332 -7.30 -29.22 1.39
C ASN C 332 -6.98 -29.78 0.02
N ALA C 333 -5.71 -30.08 -0.26
CA ALA C 333 -5.30 -30.62 -1.57
C ALA C 333 -5.61 -32.14 -1.68
N LEU C 334 -5.61 -32.88 -0.54
CA LEU C 334 -6.01 -34.29 -0.52
C LEU C 334 -7.52 -34.31 -0.41
N LYS C 335 -8.22 -34.40 -1.53
CA LYS C 335 -9.69 -34.40 -1.48
C LYS C 335 -10.13 -35.85 -1.34
N CYS C 336 -9.86 -36.48 -0.17
CA CYS C 336 -10.12 -37.90 0.03
C CYS C 336 -10.86 -38.19 1.32
N GLU C 337 -11.16 -39.47 1.63
CA GLU C 337 -11.89 -39.79 2.85
C GLU C 337 -10.95 -40.04 4.03
N ASN C 338 -9.83 -40.74 3.81
CA ASN C 338 -8.89 -41.04 4.87
C ASN C 338 -7.49 -40.58 4.52
N VAL C 339 -6.71 -40.17 5.54
CA VAL C 339 -5.36 -39.66 5.35
C VAL C 339 -4.37 -40.52 6.12
N ARG C 340 -3.19 -40.77 5.55
CA ARG C 340 -2.13 -41.49 6.22
C ARG C 340 -1.02 -40.50 6.55
N MET C 341 -0.45 -40.62 7.75
CA MET C 341 0.59 -39.74 8.19
C MET C 341 1.74 -40.61 8.71
N MET C 342 2.94 -40.39 8.23
CA MET C 342 4.09 -41.24 8.55
C MET C 342 5.12 -40.40 9.29
N LEU C 343 5.29 -40.67 10.59
CA LEU C 343 6.19 -39.89 11.45
C LEU C 343 7.44 -40.68 11.85
N THR C 344 8.50 -39.97 12.25
CA THR C 344 9.67 -40.61 12.83
C THR C 344 9.91 -40.03 14.22
N ASP C 345 10.23 -38.76 14.34
CA ASP C 345 10.38 -38.15 15.66
C ASP C 345 9.99 -36.67 15.60
N SER C 346 10.11 -35.95 16.72
CA SER C 346 9.68 -34.57 16.81
C SER C 346 10.50 -33.59 16.01
N VAL C 347 11.73 -33.92 15.59
CA VAL C 347 12.59 -32.99 14.84
C VAL C 347 12.75 -33.39 13.36
N SER C 348 11.95 -34.34 12.87
CA SER C 348 12.09 -34.85 11.52
C SER C 348 10.80 -34.67 10.72
N SER C 349 10.93 -34.62 9.38
CA SER C 349 9.79 -34.42 8.49
C SER C 349 8.71 -35.48 8.68
N VAL C 350 7.48 -35.17 8.23
CA VAL C 350 6.34 -36.06 8.25
C VAL C 350 5.79 -36.19 6.85
N GLN C 351 5.42 -37.40 6.44
CA GLN C 351 4.84 -37.63 5.12
C GLN C 351 3.34 -37.79 5.29
N ILE C 352 2.57 -37.07 4.48
CA ILE C 352 1.12 -37.10 4.52
C ILE C 352 0.69 -37.52 3.12
N GLU C 353 -0.25 -38.45 3.06
CA GLU C 353 -0.72 -39.07 1.83
C GLU C 353 -2.18 -39.44 1.95
N ASP C 354 -2.86 -39.65 0.81
CA ASP C 354 -4.18 -40.25 0.81
C ASP C 354 -3.94 -41.71 1.26
N ALA C 355 -4.79 -42.23 2.18
CA ALA C 355 -4.64 -43.60 2.68
C ALA C 355 -4.97 -44.67 1.61
N ALA C 356 -5.64 -44.26 0.51
CA ALA C 356 -6.02 -45.15 -0.60
C ALA C 356 -5.08 -45.06 -1.81
N SER C 357 -4.50 -43.88 -2.09
CA SER C 357 -3.68 -43.65 -3.28
C SER C 357 -2.26 -43.17 -2.95
N GLN C 358 -1.30 -43.58 -3.76
CA GLN C 358 0.09 -43.16 -3.59
C GLN C 358 0.52 -42.19 -4.70
N SER C 359 -0.43 -41.77 -5.56
CA SER C 359 -0.16 -40.87 -6.67
C SER C 359 0.43 -39.52 -6.19
N ALA C 360 -0.02 -39.00 -5.01
CA ALA C 360 0.49 -37.78 -4.42
C ALA C 360 1.08 -38.02 -3.03
N ALA C 361 2.18 -37.34 -2.71
CA ALA C 361 2.78 -37.40 -1.38
C ALA C 361 3.17 -36.01 -0.96
N TYR C 362 3.05 -35.73 0.35
CA TYR C 362 3.35 -34.41 0.90
C TYR C 362 4.30 -34.57 2.05
N VAL C 363 5.30 -33.69 2.12
CA VAL C 363 6.28 -33.74 3.20
C VAL C 363 6.27 -32.39 3.87
N VAL C 364 6.08 -32.36 5.19
CA VAL C 364 6.08 -31.12 5.96
C VAL C 364 7.11 -31.24 7.07
N MET C 365 8.01 -30.26 7.16
CA MET C 365 9.01 -30.24 8.20
C MET C 365 8.39 -29.65 9.47
N PRO C 366 8.62 -30.20 10.67
CA PRO C 366 7.99 -29.63 11.87
C PRO C 366 8.58 -28.30 12.32
N MET C 367 8.02 -27.75 13.39
CA MET C 367 8.57 -26.54 14.01
C MET C 367 8.82 -26.84 15.49
N ARG C 368 9.63 -25.98 16.13
CA ARG C 368 9.71 -25.95 17.60
C ARG C 368 8.85 -24.76 18.01
N LEU C 369 7.83 -24.98 18.83
CA LEU C 369 6.94 -23.87 19.19
C LEU C 369 7.59 -22.89 20.20
N SER D 2 -18.25 -13.21 36.40
CA SER D 2 -19.61 -13.71 36.55
C SER D 2 -19.65 -15.25 36.51
N HIS D 3 -20.85 -15.83 36.67
CA HIS D 3 -21.05 -17.28 36.62
C HIS D 3 -21.82 -17.65 35.39
N MET D 4 -21.82 -16.73 34.44
CA MET D 4 -22.57 -16.86 33.20
C MET D 4 -22.34 -18.21 32.56
N LYS D 5 -23.42 -18.82 32.08
CA LYS D 5 -23.32 -20.14 31.46
C LYS D 5 -24.53 -20.35 30.58
N PHE D 6 -24.35 -21.05 29.47
CA PHE D 6 -25.47 -21.38 28.60
C PHE D 6 -25.09 -22.47 27.62
N THR D 7 -26.08 -23.16 27.06
CA THR D 7 -25.87 -24.21 26.06
C THR D 7 -26.84 -23.99 24.91
N VAL D 8 -26.37 -23.93 23.66
CA VAL D 8 -27.20 -23.68 22.48
C VAL D 8 -26.77 -24.52 21.31
N GLU D 9 -27.68 -24.70 20.33
CA GLU D 9 -27.37 -25.35 19.06
C GLU D 9 -26.52 -24.42 18.16
N ARG D 10 -25.53 -24.97 17.46
CA ARG D 10 -24.63 -24.20 16.59
C ARG D 10 -25.37 -23.33 15.57
N GLU D 11 -26.45 -23.83 14.92
CA GLU D 11 -27.15 -23.02 13.89
C GLU D 11 -28.00 -21.90 14.49
N HIS D 12 -28.42 -22.05 15.76
CA HIS D 12 -29.14 -20.98 16.45
C HIS D 12 -28.26 -19.76 16.75
N LEU D 13 -26.95 -19.97 16.93
CA LEU D 13 -26.02 -18.91 17.28
C LEU D 13 -25.35 -18.31 16.07
N LEU D 14 -25.35 -19.01 14.93
CA LEU D 14 -24.51 -18.61 13.81
C LEU D 14 -24.95 -17.35 13.09
N LYS D 15 -26.24 -17.25 12.74
CA LYS D 15 -26.77 -16.07 12.06
C LYS D 15 -26.72 -14.82 12.99
N PRO D 16 -27.15 -14.94 14.28
CA PRO D 16 -26.94 -13.83 15.23
C PRO D 16 -25.48 -13.36 15.41
N LEU D 17 -24.49 -14.24 15.42
CA LEU D 17 -23.06 -13.84 15.54
C LEU D 17 -22.57 -13.19 14.29
N GLN D 18 -23.03 -13.65 13.12
CA GLN D 18 -22.64 -13.01 11.85
C GLN D 18 -23.10 -11.55 11.78
N GLN D 19 -24.34 -11.30 12.16
CA GLN D 19 -24.88 -9.95 12.09
C GLN D 19 -24.30 -9.03 13.14
N VAL D 20 -24.05 -9.49 14.37
CA VAL D 20 -23.53 -8.51 15.32
C VAL D 20 -22.05 -8.17 15.07
N SER D 21 -21.27 -9.10 14.50
CA SER D 21 -19.82 -8.98 14.43
C SER D 21 -19.31 -8.51 13.06
N GLY D 22 -20.24 -8.26 12.16
CA GLY D 22 -19.95 -7.78 10.81
C GLY D 22 -19.04 -6.56 10.74
N PRO D 23 -19.47 -5.40 11.30
CA PRO D 23 -18.59 -4.20 11.27
C PRO D 23 -17.45 -4.19 12.33
N LEU D 24 -17.23 -5.28 13.07
CA LEU D 24 -16.10 -5.34 14.01
C LEU D 24 -14.89 -5.89 13.24
N GLY D 25 -14.73 -5.43 11.99
CA GLY D 25 -13.62 -5.83 11.13
C GLY D 25 -12.47 -4.85 11.25
N GLY D 26 -11.43 -5.09 10.45
CA GLY D 26 -10.22 -4.28 10.48
C GLY D 26 -9.63 -4.24 11.88
N ARG D 27 -9.47 -3.01 12.43
CA ARG D 27 -8.99 -2.88 13.82
C ARG D 27 -9.86 -1.90 14.53
N PRO D 28 -10.16 -2.25 15.77
CA PRO D 28 -11.09 -1.45 16.55
C PRO D 28 -10.42 -0.19 17.10
N THR D 29 -11.20 0.89 17.28
CA THR D 29 -10.72 2.18 17.85
C THR D 29 -10.14 1.91 19.24
N LEU D 30 -10.85 1.08 20.02
CA LEU D 30 -10.46 0.66 21.35
C LEU D 30 -10.42 -0.87 21.36
N PRO D 31 -9.56 -1.52 22.14
CA PRO D 31 -9.55 -3.00 22.15
C PRO D 31 -10.91 -3.66 22.45
N ILE D 32 -11.70 -3.11 23.38
CA ILE D 32 -13.01 -3.70 23.71
C ILE D 32 -14.02 -3.61 22.56
N LEU D 33 -13.81 -2.70 21.57
CA LEU D 33 -14.75 -2.63 20.44
C LEU D 33 -14.58 -3.82 19.45
N GLY D 34 -13.49 -4.56 19.58
CA GLY D 34 -13.30 -5.83 18.88
C GLY D 34 -14.02 -7.01 19.55
N ASN D 35 -14.63 -6.81 20.74
CA ASN D 35 -15.35 -7.85 21.45
C ASN D 35 -16.84 -7.70 21.30
N LEU D 36 -17.59 -8.79 21.54
CA LEU D 36 -19.07 -8.78 21.63
C LEU D 36 -19.46 -8.82 23.11
N LEU D 37 -20.50 -8.09 23.47
CA LEU D 37 -21.04 -8.18 24.83
C LEU D 37 -22.04 -9.34 24.85
N LEU D 38 -21.82 -10.32 25.74
CA LEU D 38 -22.70 -11.47 25.90
C LEU D 38 -23.45 -11.28 27.22
N GLN D 39 -24.79 -11.33 27.20
CA GLN D 39 -25.60 -11.23 28.42
C GLN D 39 -26.60 -12.35 28.45
N VAL D 40 -26.67 -13.04 29.56
CA VAL D 40 -27.62 -14.10 29.70
C VAL D 40 -28.52 -13.65 30.82
N ALA D 41 -29.83 -13.72 30.63
CA ALA D 41 -30.79 -13.50 31.70
C ALA D 41 -32.16 -14.02 31.28
N ASP D 42 -32.91 -14.60 32.24
CA ASP D 42 -34.30 -15.05 32.08
C ASP D 42 -34.64 -15.61 30.68
N GLY D 43 -33.99 -16.70 30.31
CA GLY D 43 -34.29 -17.43 29.08
C GLY D 43 -33.81 -16.80 27.79
N THR D 44 -32.99 -15.75 27.86
CA THR D 44 -32.48 -15.14 26.63
C THR D 44 -31.00 -14.80 26.71
N LEU D 45 -30.31 -14.99 25.57
CA LEU D 45 -28.91 -14.62 25.39
C LEU D 45 -28.87 -13.39 24.48
N SER D 46 -28.25 -12.30 24.94
CA SER D 46 -28.11 -11.10 24.13
C SER D 46 -26.67 -10.98 23.65
N LEU D 47 -26.50 -10.67 22.38
CA LEU D 47 -25.17 -10.46 21.78
C LEU D 47 -25.15 -9.05 21.23
N THR D 48 -24.18 -8.18 21.67
CA THR D 48 -24.06 -6.78 21.21
C THR D 48 -22.68 -6.49 20.67
N GLY D 49 -22.63 -5.83 19.53
CA GLY D 49 -21.42 -5.30 18.91
C GLY D 49 -21.59 -3.80 18.76
N THR D 50 -20.49 -3.03 18.94
CA THR D 50 -20.53 -1.58 18.73
C THR D 50 -19.22 -1.02 18.21
N ASP D 51 -19.24 0.21 17.65
CA ASP D 51 -18.02 0.93 17.28
C ASP D 51 -18.08 2.36 17.85
N LEU D 52 -18.97 2.58 18.83
CA LEU D 52 -19.25 3.89 19.45
C LEU D 52 -20.23 4.75 18.64
N GLU D 53 -20.31 4.60 17.30
CA GLU D 53 -21.26 5.34 16.47
C GLU D 53 -22.54 4.51 16.26
N MET D 54 -22.41 3.19 16.15
CA MET D 54 -23.61 2.39 15.99
C MET D 54 -23.50 1.13 16.80
N GLU D 55 -24.62 0.44 16.92
CA GLU D 55 -24.65 -0.83 17.61
C GLU D 55 -25.72 -1.77 17.04
N MET D 56 -25.41 -3.07 17.04
CA MET D 56 -26.30 -4.14 16.64
C MET D 56 -26.49 -5.03 17.86
N VAL D 57 -27.74 -5.41 18.14
CA VAL D 57 -28.08 -6.32 19.23
C VAL D 57 -28.85 -7.48 18.68
N ALA D 58 -28.43 -8.72 19.00
CA ALA D 58 -29.20 -9.91 18.62
C ALA D 58 -29.67 -10.64 19.87
N ARG D 59 -30.86 -11.25 19.79
CA ARG D 59 -31.45 -11.99 20.90
C ARG D 59 -31.69 -13.41 20.52
N VAL D 60 -31.21 -14.33 21.38
CA VAL D 60 -31.30 -15.75 21.13
C VAL D 60 -32.02 -16.40 22.33
N ALA D 61 -33.09 -17.15 22.05
CA ALA D 61 -33.84 -17.85 23.12
C ALA D 61 -32.98 -18.97 23.66
N LEU D 62 -32.97 -19.13 24.99
CA LEU D 62 -32.23 -20.20 25.65
C LEU D 62 -33.20 -21.25 26.20
N VAL D 63 -33.29 -22.41 25.50
CA VAL D 63 -34.20 -23.51 25.82
C VAL D 63 -33.61 -24.41 26.92
N GLN D 64 -32.28 -24.60 26.88
CA GLN D 64 -31.60 -25.48 27.83
C GLN D 64 -31.23 -24.74 29.10
N PRO D 65 -30.89 -25.45 30.20
CA PRO D 65 -30.52 -24.73 31.44
C PRO D 65 -29.36 -23.75 31.25
N HIS D 66 -29.34 -22.68 32.06
CA HIS D 66 -28.35 -21.61 31.91
C HIS D 66 -28.21 -20.79 33.17
N GLU D 67 -27.10 -20.08 33.33
CA GLU D 67 -26.81 -19.26 34.51
C GLU D 67 -26.68 -17.80 34.08
N PRO D 68 -27.25 -16.83 34.84
CA PRO D 68 -27.18 -15.42 34.38
C PRO D 68 -25.81 -14.79 34.51
N GLY D 69 -25.57 -13.72 33.75
CA GLY D 69 -24.30 -13.01 33.80
C GLY D 69 -23.94 -12.33 32.50
N ALA D 70 -22.74 -11.76 32.46
CA ALA D 70 -22.28 -11.07 31.27
C ALA D 70 -20.77 -11.06 31.17
N THR D 71 -20.26 -10.87 29.96
CA THR D 71 -18.84 -10.74 29.72
C THR D 71 -18.72 -10.18 28.35
N THR D 72 -17.48 -9.94 27.87
CA THR D 72 -17.16 -9.62 26.48
C THR D 72 -16.10 -10.64 25.94
N VAL D 73 -16.18 -10.95 24.63
CA VAL D 73 -15.33 -11.99 24.04
C VAL D 73 -14.94 -11.56 22.62
N PRO D 74 -13.68 -11.78 22.20
CA PRO D 74 -13.30 -11.39 20.80
C PRO D 74 -14.35 -11.88 19.79
N ALA D 75 -14.96 -10.95 19.05
CA ALA D 75 -16.11 -11.22 18.18
C ALA D 75 -15.78 -12.20 17.06
N ARG D 76 -14.76 -11.90 16.30
CA ARG D 76 -14.40 -12.71 15.14
C ARG D 76 -13.92 -14.10 15.55
N LYS D 77 -13.15 -14.19 16.61
CA LYS D 77 -12.67 -15.50 17.07
C LYS D 77 -13.85 -16.36 17.51
N PHE D 78 -14.77 -15.77 18.27
CA PHE D 78 -15.95 -16.51 18.78
C PHE D 78 -16.82 -16.96 17.62
N PHE D 79 -17.04 -16.09 16.66
CA PHE D 79 -17.80 -16.47 15.48
C PHE D 79 -17.09 -17.58 14.72
N ASP D 80 -15.78 -17.40 14.42
CA ASP D 80 -15.05 -18.44 13.66
C ASP D 80 -15.11 -19.81 14.35
N ILE D 81 -14.98 -19.83 15.69
CA ILE D 81 -15.10 -21.09 16.43
C ILE D 81 -16.46 -21.73 16.20
N CYS D 82 -17.53 -20.97 16.39
CA CYS D 82 -18.88 -21.55 16.26
C CYS D 82 -19.16 -22.03 14.81
N ARG D 83 -18.73 -21.23 13.82
CA ARG D 83 -18.91 -21.54 12.40
C ARG D 83 -18.14 -22.79 12.07
N GLY D 84 -16.93 -22.94 12.64
CA GLY D 84 -16.02 -24.05 12.37
C GLY D 84 -16.44 -25.41 12.96
N LEU D 85 -17.33 -25.38 13.94
CA LEU D 85 -17.81 -26.63 14.53
C LEU D 85 -18.77 -27.33 13.56
N PRO D 86 -18.89 -28.66 13.68
CA PRO D 86 -19.76 -29.38 12.72
C PRO D 86 -21.23 -29.00 12.79
N GLU D 87 -21.93 -29.21 11.65
CA GLU D 87 -23.38 -29.00 11.53
C GLU D 87 -24.12 -29.78 12.62
N GLY D 88 -25.07 -29.11 13.26
CA GLY D 88 -25.87 -29.67 14.32
C GLY D 88 -25.18 -29.72 15.66
N ALA D 89 -23.97 -29.11 15.80
CA ALA D 89 -23.21 -29.20 17.06
C ALA D 89 -23.95 -28.49 18.18
N GLU D 90 -23.68 -28.89 19.42
CA GLU D 90 -24.23 -28.24 20.62
C GLU D 90 -23.09 -27.48 21.25
N ILE D 91 -23.30 -26.20 21.57
CA ILE D 91 -22.21 -25.38 22.13
C ILE D 91 -22.47 -25.04 23.58
N ALA D 92 -21.56 -25.41 24.47
CA ALA D 92 -21.70 -25.10 25.88
C ALA D 92 -20.70 -24.01 26.19
N VAL D 93 -21.18 -22.89 26.74
CA VAL D 93 -20.32 -21.76 27.08
C VAL D 93 -20.38 -21.49 28.59
N GLN D 94 -19.26 -21.16 29.19
CA GLN D 94 -19.26 -20.73 30.58
C GLN D 94 -18.04 -19.88 30.89
N LEU D 95 -18.19 -18.98 31.85
CA LEU D 95 -17.14 -18.11 32.33
C LEU D 95 -16.38 -18.86 33.41
N GLU D 96 -15.06 -18.89 33.29
CA GLU D 96 -14.20 -19.46 34.33
C GLU D 96 -13.10 -18.46 34.58
N GLY D 97 -13.22 -17.75 35.70
CA GLY D 97 -12.28 -16.69 36.05
C GLY D 97 -12.37 -15.56 35.04
N GLU D 98 -11.22 -15.18 34.43
CA GLU D 98 -11.18 -14.13 33.41
C GLU D 98 -11.22 -14.72 31.98
N ARG D 99 -11.54 -16.04 31.83
CA ARG D 99 -11.62 -16.68 30.52
C ARG D 99 -13.04 -17.12 30.23
N MET D 100 -13.41 -17.15 28.94
CA MET D 100 -14.69 -17.72 28.50
C MET D 100 -14.38 -19.06 27.80
N LEU D 101 -14.97 -20.16 28.33
CA LEU D 101 -14.78 -21.54 27.84
C LEU D 101 -15.89 -21.96 26.90
N VAL D 102 -15.54 -22.44 25.69
CA VAL D 102 -16.49 -22.84 24.66
C VAL D 102 -16.20 -24.30 24.48
N ARG D 103 -17.21 -25.16 24.62
CA ARG D 103 -17.03 -26.61 24.49
C ARG D 103 -18.08 -27.22 23.59
N SER D 104 -17.68 -28.20 22.79
CA SER D 104 -18.56 -28.91 21.87
C SER D 104 -17.84 -30.18 21.47
N GLY D 105 -18.44 -31.33 21.77
CA GLY D 105 -17.79 -32.62 21.61
C GLY D 105 -16.47 -32.63 22.37
N ARG D 106 -15.38 -32.96 21.69
CA ARG D 106 -14.06 -32.89 22.31
C ARG D 106 -13.26 -31.72 21.74
N SER D 107 -13.93 -30.59 21.53
CA SER D 107 -13.29 -29.35 21.07
C SER D 107 -13.42 -28.37 22.22
N ARG D 108 -12.30 -27.80 22.67
CA ARG D 108 -12.33 -26.92 23.85
C ARG D 108 -11.58 -25.63 23.52
N PHE D 109 -12.25 -24.48 23.71
CA PHE D 109 -11.63 -23.19 23.47
C PHE D 109 -11.73 -22.34 24.72
N SER D 110 -10.61 -21.78 25.12
CA SER D 110 -10.51 -20.80 26.21
C SER D 110 -10.20 -19.42 25.60
N LEU D 111 -11.18 -18.52 25.66
CA LEU D 111 -11.06 -17.16 25.09
C LEU D 111 -10.79 -16.12 26.15
N SER D 112 -10.06 -15.07 25.78
CA SER D 112 -9.75 -13.99 26.73
C SER D 112 -11.00 -13.12 26.81
N THR D 113 -11.23 -12.44 27.94
CA THR D 113 -12.39 -11.57 28.05
C THR D 113 -12.00 -10.16 28.51
N LEU D 114 -12.90 -9.21 28.33
CA LEU D 114 -12.77 -7.88 28.92
C LEU D 114 -14.06 -7.62 29.70
N PRO D 115 -13.99 -6.97 30.88
CA PRO D 115 -15.21 -6.85 31.72
C PRO D 115 -16.42 -6.23 31.01
N ALA D 116 -17.61 -6.83 31.22
CA ALA D 116 -18.87 -6.33 30.64
C ALA D 116 -19.15 -4.89 31.11
N ALA D 117 -18.69 -4.53 32.33
CA ALA D 117 -18.86 -3.18 32.87
C ALA D 117 -18.13 -2.14 32.03
N ASP D 118 -17.05 -2.54 31.33
CA ASP D 118 -16.30 -1.63 30.47
C ASP D 118 -16.93 -1.51 29.08
N PHE D 119 -17.93 -2.34 28.73
CA PHE D 119 -18.50 -2.27 27.37
C PHE D 119 -19.23 -0.93 27.17
N PRO D 120 -18.91 -0.17 26.10
CA PRO D 120 -19.57 1.13 25.91
C PRO D 120 -21.05 1.00 25.58
N ASN D 121 -21.81 1.97 26.11
CA ASN D 121 -23.26 2.08 25.99
C ASN D 121 -23.58 3.30 25.08
N LEU D 122 -24.45 3.08 24.08
CA LEU D 122 -24.93 4.16 23.21
C LEU D 122 -26.00 4.87 24.03
N ASP D 123 -25.89 6.20 24.18
CA ASP D 123 -26.71 6.95 25.12
C ASP D 123 -28.20 6.91 24.78
N ASP D 124 -29.05 6.89 25.81
CA ASP D 124 -30.48 6.70 25.64
C ASP D 124 -31.18 7.90 24.96
N TRP D 125 -32.25 7.63 24.22
CA TRP D 125 -32.96 8.65 23.47
C TRP D 125 -34.41 8.28 23.31
N GLN D 126 -35.25 9.26 22.89
CA GLN D 126 -36.68 9.12 22.62
C GLN D 126 -36.94 9.11 21.12
N SER D 127 -37.73 8.15 20.62
CA SER D 127 -38.12 8.08 19.21
C SER D 127 -39.25 9.10 18.92
N GLU D 128 -39.11 9.93 17.86
CA GLU D 128 -40.13 10.93 17.49
C GLU D 128 -41.06 10.39 16.38
N VAL D 129 -40.55 9.48 15.54
CA VAL D 129 -41.28 8.90 14.40
C VAL D 129 -41.08 7.41 14.41
N GLU D 130 -42.15 6.66 14.14
CA GLU D 130 -42.06 5.22 14.03
C GLU D 130 -42.90 4.74 12.86
N PHE D 131 -42.45 3.69 12.16
CA PHE D 131 -43.19 3.13 11.04
C PHE D 131 -42.66 1.76 10.67
N THR D 132 -43.44 1.02 9.90
CA THR D 132 -43.09 -0.31 9.44
C THR D 132 -43.04 -0.27 7.92
N LEU D 133 -42.29 -1.17 7.30
CA LEU D 133 -42.25 -1.28 5.85
C LEU D 133 -41.67 -2.63 5.43
N PRO D 134 -41.91 -3.08 4.20
CA PRO D 134 -41.27 -4.32 3.75
C PRO D 134 -39.75 -4.16 3.57
N GLN D 135 -38.99 -5.24 3.75
CA GLN D 135 -37.55 -5.21 3.57
C GLN D 135 -37.20 -4.80 2.15
N ALA D 136 -37.95 -5.30 1.16
CA ALA D 136 -37.74 -5.01 -0.26
C ALA D 136 -37.81 -3.52 -0.55
N THR D 137 -38.68 -2.79 0.16
CA THR D 137 -38.84 -1.34 -0.01
C THR D 137 -37.60 -0.60 0.50
N MET D 138 -37.05 -0.99 1.66
CA MET D 138 -35.83 -0.39 2.18
C MET D 138 -34.63 -0.68 1.24
N LYS D 139 -34.50 -1.94 0.80
CA LYS D 139 -33.44 -2.37 -0.12
C LYS D 139 -33.44 -1.54 -1.43
N ARG D 140 -34.56 -1.37 -2.06
CA ARG D 140 -34.76 -0.53 -3.23
C ARG D 140 -34.40 0.92 -2.97
N LEU D 141 -34.86 1.48 -1.85
CA LEU D 141 -34.54 2.88 -1.52
C LEU D 141 -33.02 3.09 -1.41
N ILE D 142 -32.30 2.18 -0.77
CA ILE D 142 -30.85 2.30 -0.59
C ILE D 142 -30.16 1.99 -1.92
N GLU D 143 -30.50 0.86 -2.56
CA GLU D 143 -29.81 0.50 -3.81
C GLU D 143 -29.92 1.58 -4.90
N ALA D 144 -31.04 2.32 -4.92
CA ALA D 144 -31.29 3.35 -5.92
C ALA D 144 -30.43 4.60 -5.71
N THR D 145 -29.89 4.83 -4.51
CA THR D 145 -29.16 6.08 -4.26
C THR D 145 -27.70 5.89 -3.70
N GLN D 146 -27.41 4.74 -3.07
CA GLN D 146 -26.16 4.54 -2.33
C GLN D 146 -24.89 4.91 -3.11
N PHE D 147 -24.81 4.55 -4.41
CA PHE D 147 -23.66 4.87 -5.25
C PHE D 147 -23.38 6.38 -5.42
N SER D 148 -24.37 7.26 -5.18
CA SER D 148 -24.16 8.72 -5.31
C SER D 148 -23.63 9.38 -4.02
N MET D 149 -23.51 8.64 -2.91
CA MET D 149 -22.92 9.21 -1.70
C MET D 149 -21.46 9.62 -1.97
N ALA D 150 -20.99 10.71 -1.37
CA ALA D 150 -19.62 11.12 -1.47
C ALA D 150 -18.66 10.08 -0.89
N HIS D 151 -17.40 10.08 -1.36
CA HIS D 151 -16.34 9.23 -0.83
C HIS D 151 -15.32 10.09 -0.11
N GLN D 152 -15.41 10.11 1.23
CA GLN D 152 -14.50 10.82 2.14
C GLN D 152 -14.36 12.29 1.80
N ASP D 153 -15.49 12.95 1.50
CA ASP D 153 -15.47 14.39 1.25
C ASP D 153 -15.24 15.15 2.58
N VAL D 154 -14.58 16.32 2.49
CA VAL D 154 -14.33 17.22 3.63
C VAL D 154 -15.67 17.75 4.21
N ARG D 155 -16.71 17.82 3.37
CA ARG D 155 -18.08 18.12 3.78
C ARG D 155 -18.68 16.81 4.33
N TYR D 156 -18.40 16.52 5.59
CA TYR D 156 -18.76 15.25 6.25
C TYR D 156 -20.18 14.79 6.01
N TYR D 157 -21.13 15.72 5.92
CA TYR D 157 -22.54 15.40 5.75
C TYR D 157 -22.91 14.76 4.40
N LEU D 158 -22.07 14.94 3.35
CA LEU D 158 -22.29 14.32 2.04
C LEU D 158 -21.89 12.84 2.05
N ASN D 159 -21.16 12.41 3.08
CA ASN D 159 -20.69 11.03 3.15
C ASN D 159 -21.75 10.07 3.67
N GLY D 160 -22.92 10.57 4.09
CA GLY D 160 -24.07 9.76 4.51
C GLY D 160 -25.21 9.82 3.50
N MET D 161 -26.38 9.33 3.88
CA MET D 161 -27.56 9.25 3.04
C MET D 161 -28.72 9.93 3.80
N LEU D 162 -29.40 10.93 3.20
CA LEU D 162 -30.51 11.55 3.89
C LEU D 162 -31.74 10.65 3.74
N PHE D 163 -32.45 10.44 4.84
CA PHE D 163 -33.67 9.65 4.92
C PHE D 163 -34.79 10.63 5.27
N GLU D 164 -35.84 10.67 4.48
CA GLU D 164 -36.88 11.67 4.66
C GLU D 164 -38.26 11.03 4.69
N THR D 165 -39.10 11.42 5.64
CA THR D 165 -40.50 10.99 5.68
C THR D 165 -41.36 12.18 5.25
N GLU D 166 -42.31 11.95 4.35
CA GLU D 166 -43.19 13.02 3.89
C GLU D 166 -44.48 12.42 3.40
N GLY D 167 -45.58 12.80 4.02
CA GLY D 167 -46.88 12.26 3.68
C GLY D 167 -46.94 10.76 3.94
N GLU D 168 -47.13 9.96 2.88
CA GLU D 168 -47.16 8.50 2.99
C GLU D 168 -45.89 7.86 2.38
N GLU D 169 -44.84 8.66 2.15
CA GLU D 169 -43.63 8.13 1.54
C GLU D 169 -42.40 8.22 2.41
N LEU D 170 -41.48 7.27 2.21
CA LEU D 170 -40.11 7.33 2.71
C LEU D 170 -39.22 7.63 1.50
N ARG D 171 -38.28 8.57 1.66
CA ARG D 171 -37.39 9.00 0.59
C ARG D 171 -35.90 8.92 1.02
N THR D 172 -35.01 8.58 0.10
CA THR D 172 -33.56 8.67 0.31
C THR D 172 -32.97 9.64 -0.70
N VAL D 173 -31.92 10.36 -0.29
CA VAL D 173 -31.14 11.20 -1.17
C VAL D 173 -29.64 11.10 -0.83
N ALA D 174 -28.82 11.02 -1.88
CA ALA D 174 -27.38 10.94 -1.77
C ALA D 174 -26.80 11.81 -2.83
N THR D 175 -25.76 12.54 -2.49
CA THR D 175 -25.05 13.37 -3.46
C THR D 175 -23.60 13.56 -3.03
N ASP D 176 -22.70 13.76 -4.01
CA ASP D 176 -21.27 14.00 -3.74
C ASP D 176 -20.86 15.38 -4.21
N GLY D 177 -21.83 16.20 -4.65
CA GLY D 177 -21.52 17.52 -5.16
C GLY D 177 -21.39 17.57 -6.66
N HIS D 178 -21.38 16.40 -7.34
CA HIS D 178 -21.31 16.33 -8.81
C HIS D 178 -22.55 15.67 -9.35
N ARG D 179 -23.07 14.68 -8.64
CA ARG D 179 -24.27 13.96 -9.02
C ARG D 179 -25.13 13.78 -7.80
N LEU D 180 -26.41 13.56 -8.02
CA LEU D 180 -27.37 13.36 -6.93
C LEU D 180 -28.30 12.26 -7.33
N ALA D 181 -28.75 11.46 -6.36
CA ALA D 181 -29.74 10.41 -6.56
C ALA D 181 -30.85 10.58 -5.50
N VAL D 182 -32.14 10.42 -5.89
CA VAL D 182 -33.32 10.49 -4.99
C VAL D 182 -34.26 9.35 -5.27
N CYS D 183 -34.79 8.70 -4.23
CA CYS D 183 -35.80 7.68 -4.44
C CYS D 183 -36.88 7.81 -3.38
N SER D 184 -38.18 7.80 -3.80
CA SER D 184 -39.33 7.81 -2.89
C SER D 184 -40.14 6.57 -3.10
N MET D 185 -40.67 6.01 -2.01
CA MET D 185 -41.52 4.83 -2.09
C MET D 185 -42.71 4.98 -1.14
N PRO D 186 -43.92 4.57 -1.53
CA PRO D 186 -45.04 4.64 -0.57
C PRO D 186 -44.92 3.56 0.50
N ILE D 187 -45.23 3.86 1.77
CA ILE D 187 -45.20 2.85 2.83
C ILE D 187 -46.58 2.58 3.51
N GLY D 188 -47.64 3.27 3.08
CA GLY D 188 -48.99 3.03 3.56
C GLY D 188 -49.40 3.69 4.87
N GLN D 189 -48.64 4.67 5.36
CA GLN D 189 -48.96 5.34 6.62
C GLN D 189 -48.76 6.82 6.46
N SER D 190 -49.62 7.64 7.11
CA SER D 190 -49.45 9.10 7.11
C SER D 190 -48.38 9.44 8.17
N LEU D 191 -47.25 10.07 7.77
CA LEU D 191 -46.12 10.32 8.67
C LEU D 191 -45.88 11.81 8.88
N PRO D 192 -45.32 12.22 10.02
CA PRO D 192 -44.89 13.62 10.17
C PRO D 192 -43.63 13.87 9.34
N SER D 193 -43.29 15.14 9.12
CA SER D 193 -42.13 15.49 8.30
C SER D 193 -40.83 15.42 9.09
N HIS D 194 -39.92 14.53 8.69
CA HIS D 194 -38.60 14.39 9.28
C HIS D 194 -37.56 14.23 8.18
N SER D 195 -36.36 14.78 8.42
CA SER D 195 -35.25 14.63 7.50
C SER D 195 -33.99 14.39 8.32
N VAL D 196 -33.37 13.21 8.16
CA VAL D 196 -32.13 12.89 8.90
C VAL D 196 -31.05 12.32 7.98
N ILE D 197 -29.79 12.47 8.38
CA ILE D 197 -28.64 11.96 7.62
C ILE D 197 -28.10 10.73 8.35
N VAL D 198 -28.17 9.57 7.70
CA VAL D 198 -27.62 8.33 8.24
C VAL D 198 -26.15 8.20 7.74
N PRO D 199 -25.16 7.99 8.63
CA PRO D 199 -23.78 7.88 8.15
C PRO D 199 -23.55 6.68 7.22
N ARG D 200 -22.53 6.78 6.39
CA ARG D 200 -22.10 5.74 5.43
C ARG D 200 -22.15 4.32 6.05
N LYS D 201 -21.48 4.15 7.18
CA LYS D 201 -21.44 2.85 7.83
C LYS D 201 -22.80 2.37 8.30
N GLY D 202 -23.68 3.30 8.68
CA GLY D 202 -25.04 2.99 9.07
C GLY D 202 -25.84 2.49 7.90
N VAL D 203 -25.64 3.10 6.72
CA VAL D 203 -26.35 2.68 5.50
C VAL D 203 -25.96 1.21 5.20
N ILE D 204 -24.65 0.90 5.30
CA ILE D 204 -24.10 -0.43 5.05
C ILE D 204 -24.71 -1.45 5.98
N GLU D 205 -24.86 -1.12 7.27
CA GLU D 205 -25.47 -2.05 8.23
C GLU D 205 -26.95 -2.24 7.99
N LEU D 206 -27.70 -1.17 7.66
CA LEU D 206 -29.12 -1.30 7.34
C LEU D 206 -29.29 -2.27 6.17
N MET D 207 -28.45 -2.17 5.15
CA MET D 207 -28.51 -3.09 4.02
C MET D 207 -28.23 -4.54 4.47
N ARG D 208 -27.14 -4.74 5.24
CA ARG D 208 -26.65 -6.05 5.65
C ARG D 208 -27.65 -6.83 6.49
N MET D 209 -28.51 -6.11 7.24
CA MET D 209 -29.50 -6.76 8.10
C MET D 209 -30.75 -7.23 7.32
N LEU D 210 -30.86 -6.91 6.03
CA LEU D 210 -31.97 -7.37 5.20
C LEU D 210 -31.65 -8.78 4.68
N ASP D 211 -32.42 -9.77 5.11
CA ASP D 211 -32.17 -11.19 4.77
C ASP D 211 -33.00 -11.67 3.56
N GLY D 212 -33.88 -10.82 3.03
CA GLY D 212 -34.70 -11.16 1.89
C GLY D 212 -35.89 -12.05 2.21
N GLY D 213 -36.11 -12.33 3.49
CA GLY D 213 -37.27 -13.09 3.93
C GLY D 213 -38.52 -12.24 4.01
N ASP D 214 -39.55 -12.76 4.68
CA ASP D 214 -40.82 -12.05 4.82
C ASP D 214 -40.92 -11.21 6.11
N ASN D 215 -39.86 -11.20 6.95
CA ASN D 215 -39.88 -10.44 8.22
C ASN D 215 -39.99 -8.96 7.90
N PRO D 216 -41.00 -8.23 8.46
CA PRO D 216 -41.09 -6.78 8.20
C PRO D 216 -40.00 -5.97 8.90
N LEU D 217 -39.69 -4.79 8.38
CA LEU D 217 -38.73 -3.84 8.95
C LEU D 217 -39.48 -2.76 9.76
N ARG D 218 -39.12 -2.56 11.03
CA ARG D 218 -39.71 -1.53 11.88
C ARG D 218 -38.66 -0.46 12.15
N VAL D 219 -38.95 0.80 11.81
CA VAL D 219 -37.97 1.88 11.92
C VAL D 219 -38.41 2.89 12.97
N GLN D 220 -37.49 3.39 13.76
CA GLN D 220 -37.70 4.44 14.74
C GLN D 220 -36.65 5.53 14.52
N ILE D 221 -37.07 6.79 14.45
CA ILE D 221 -36.17 7.91 14.23
C ILE D 221 -36.34 8.91 15.34
N GLY D 222 -35.23 9.28 15.97
CA GLY D 222 -35.19 10.30 17.00
C GLY D 222 -34.49 11.54 16.49
N SER D 223 -34.14 12.46 17.39
CA SER D 223 -33.45 13.68 16.98
C SER D 223 -32.00 13.40 16.55
N ASN D 224 -31.29 12.46 17.20
CA ASN D 224 -29.89 12.17 16.91
C ASN D 224 -29.58 10.68 16.67
N ASN D 225 -30.63 9.85 16.49
CA ASN D 225 -30.44 8.43 16.27
C ASN D 225 -31.48 7.89 15.37
N ILE D 226 -31.19 6.75 14.76
CA ILE D 226 -32.13 5.96 13.98
C ILE D 226 -31.99 4.50 14.47
N ARG D 227 -33.09 3.74 14.47
CA ARG D 227 -33.10 2.34 14.89
C ARG D 227 -33.97 1.51 13.96
N ALA D 228 -33.51 0.33 13.60
CA ALA D 228 -34.23 -0.57 12.71
C ALA D 228 -34.32 -1.95 13.38
N HIS D 229 -35.54 -2.54 13.44
CA HIS D 229 -35.78 -3.87 13.98
C HIS D 229 -36.18 -4.83 12.83
N VAL D 230 -35.58 -6.03 12.79
CA VAL D 230 -35.95 -7.09 11.84
C VAL D 230 -35.77 -8.39 12.61
N GLY D 231 -36.87 -9.12 12.78
CA GLY D 231 -36.82 -10.35 13.56
C GLY D 231 -36.21 -10.07 14.94
N ASP D 232 -35.19 -10.84 15.33
CA ASP D 232 -34.56 -10.64 16.63
C ASP D 232 -33.27 -9.84 16.58
N PHE D 233 -33.13 -8.97 15.57
CA PHE D 233 -32.00 -8.05 15.42
C PHE D 233 -32.48 -6.61 15.60
N ILE D 234 -31.70 -5.82 16.31
CA ILE D 234 -31.97 -4.40 16.47
C ILE D 234 -30.69 -3.64 16.12
N PHE D 235 -30.77 -2.75 15.12
CA PHE D 235 -29.65 -1.94 14.69
C PHE D 235 -29.92 -0.50 15.10
N THR D 236 -28.98 0.14 15.79
CA THR D 236 -29.10 1.55 16.16
C THR D 236 -27.88 2.31 15.64
N SER D 237 -28.09 3.54 15.19
CA SER D 237 -26.99 4.36 14.69
C SER D 237 -27.21 5.80 15.10
N LYS D 238 -26.11 6.49 15.41
CA LYS D 238 -26.14 7.94 15.58
C LYS D 238 -26.39 8.57 14.21
N LEU D 239 -26.96 9.78 14.18
CA LEU D 239 -27.21 10.51 12.94
C LEU D 239 -26.11 11.52 12.70
N VAL D 240 -25.89 11.88 11.44
CA VAL D 240 -24.90 12.90 11.13
C VAL D 240 -25.58 14.25 11.34
N ASP D 241 -25.02 15.08 12.23
CA ASP D 241 -25.59 16.37 12.58
C ASP D 241 -25.03 17.44 11.63
N GLY D 242 -25.76 17.68 10.56
CA GLY D 242 -25.40 18.70 9.56
C GLY D 242 -26.59 19.06 8.69
N ARG D 243 -26.36 20.01 7.79
CA ARG D 243 -27.38 20.54 6.88
C ARG D 243 -27.18 19.91 5.50
N PHE D 244 -28.07 18.99 5.10
CA PHE D 244 -27.91 18.29 3.83
C PHE D 244 -28.39 19.17 2.70
N PRO D 245 -27.78 19.14 1.50
CA PRO D 245 -28.33 19.93 0.39
C PRO D 245 -29.80 19.62 0.11
N ASP D 246 -30.55 20.61 -0.37
CA ASP D 246 -31.95 20.42 -0.67
C ASP D 246 -32.10 19.91 -2.08
N TYR D 247 -32.49 18.66 -2.21
CA TYR D 247 -32.79 18.06 -3.51
C TYR D 247 -33.62 19.01 -4.38
N ARG D 248 -34.69 19.63 -3.82
CA ARG D 248 -35.61 20.55 -4.53
C ARG D 248 -34.87 21.60 -5.35
N ARG D 249 -33.91 22.26 -4.70
CA ARG D 249 -33.12 23.34 -5.26
C ARG D 249 -31.99 22.83 -6.22
N VAL D 250 -31.79 21.48 -6.34
CA VAL D 250 -30.77 20.84 -7.22
C VAL D 250 -31.40 20.23 -8.48
N LEU D 251 -32.64 19.78 -8.37
CA LEU D 251 -33.36 19.29 -9.53
C LEU D 251 -33.33 20.38 -10.63
N PRO D 252 -33.05 20.09 -11.92
CA PRO D 252 -33.02 21.21 -12.89
C PRO D 252 -34.28 22.06 -12.82
N LYS D 253 -34.10 23.40 -12.82
CA LYS D 253 -35.21 24.36 -12.66
C LYS D 253 -36.28 24.23 -13.75
N ASN D 254 -35.84 24.05 -15.01
CA ASN D 254 -36.76 23.85 -16.14
C ASN D 254 -36.08 23.08 -17.27
N PRO D 255 -36.72 22.03 -17.83
CA PRO D 255 -36.04 21.22 -18.84
C PRO D 255 -36.60 21.42 -20.25
N ASP D 256 -36.10 22.44 -20.98
CA ASP D 256 -36.57 22.70 -22.33
C ASP D 256 -36.33 21.54 -23.33
N LYS D 257 -35.23 20.78 -23.17
CA LYS D 257 -34.85 19.70 -24.10
C LYS D 257 -34.99 18.28 -23.45
N HIS D 258 -35.74 17.35 -24.11
CA HIS D 258 -36.07 16.00 -23.58
C HIS D 258 -35.68 14.82 -24.54
N LEU D 259 -34.87 13.82 -24.07
CA LEU D 259 -34.41 12.65 -24.86
C LEU D 259 -34.91 11.34 -24.24
N GLU D 260 -35.26 10.33 -25.04
CA GLU D 260 -35.67 9.02 -24.53
C GLU D 260 -34.99 7.91 -25.31
N ALA D 261 -34.49 6.85 -24.66
CA ALA D 261 -33.77 5.77 -25.33
C ALA D 261 -33.86 4.47 -24.55
N GLY D 262 -33.55 3.36 -25.23
CA GLY D 262 -33.43 2.06 -24.58
C GLY D 262 -32.30 2.07 -23.58
N CYS D 263 -32.56 1.66 -22.33
CA CYS D 263 -31.58 1.71 -21.25
C CYS D 263 -30.33 0.89 -21.56
N ASP D 264 -30.50 -0.37 -21.98
CA ASP D 264 -29.39 -1.26 -22.26
C ASP D 264 -28.53 -0.79 -23.44
N LEU D 265 -29.13 -0.40 -24.57
CA LEU D 265 -28.34 0.06 -25.71
C LEU D 265 -27.53 1.31 -25.34
N LEU D 266 -28.13 2.19 -24.54
CA LEU D 266 -27.48 3.42 -24.11
C LEU D 266 -26.31 3.06 -23.17
N LYS D 267 -26.52 2.10 -22.27
CA LYS D 267 -25.49 1.65 -21.35
C LYS D 267 -24.32 1.01 -22.09
N GLN D 268 -24.60 0.13 -23.05
CA GLN D 268 -23.55 -0.59 -23.75
C GLN D 268 -22.73 0.36 -24.64
N ALA D 269 -23.36 1.37 -25.21
CA ALA D 269 -22.65 2.35 -25.99
C ALA D 269 -21.72 3.17 -25.06
N PHE D 270 -22.23 3.68 -23.93
CA PHE D 270 -21.40 4.45 -22.99
C PHE D 270 -20.22 3.58 -22.47
N ALA D 271 -20.49 2.30 -22.17
CA ALA D 271 -19.47 1.37 -21.70
C ALA D 271 -18.39 1.13 -22.73
N ARG D 272 -18.75 0.99 -24.02
CA ARG D 272 -17.72 0.83 -25.04
C ARG D 272 -16.95 2.13 -25.23
N ALA D 273 -17.65 3.29 -25.23
CA ALA D 273 -16.98 4.59 -25.43
C ALA D 273 -15.98 4.88 -24.26
N ALA D 274 -16.34 4.47 -23.04
CA ALA D 274 -15.56 4.66 -21.84
C ALA D 274 -14.17 4.05 -21.94
N ILE D 275 -14.02 2.97 -22.74
CA ILE D 275 -12.73 2.30 -22.91
C ILE D 275 -11.68 3.25 -23.46
N LEU D 276 -12.08 4.13 -24.37
CA LEU D 276 -11.13 5.07 -24.96
C LEU D 276 -11.27 6.46 -24.37
N SER D 277 -11.78 6.55 -23.12
CA SER D 277 -11.81 7.81 -22.41
C SER D 277 -10.62 7.92 -21.48
N ASN D 278 -10.34 9.17 -21.07
CA ASN D 278 -9.19 9.46 -20.20
C ASN D 278 -9.42 8.69 -18.90
N GLU D 279 -8.45 7.87 -18.47
CA GLU D 279 -8.61 7.03 -17.27
C GLU D 279 -8.86 7.84 -15.98
N LYS D 280 -8.33 9.08 -15.89
CA LYS D 280 -8.53 9.91 -14.69
C LYS D 280 -9.84 10.73 -14.82
N PHE D 281 -9.99 11.52 -15.90
CA PHE D 281 -11.13 12.45 -16.07
C PHE D 281 -12.39 11.83 -16.69
N ARG D 282 -12.25 10.76 -17.49
CA ARG D 282 -13.41 9.95 -17.93
C ARG D 282 -14.43 10.73 -18.74
N GLY D 283 -13.96 11.76 -19.41
CA GLY D 283 -14.84 12.64 -20.17
C GLY D 283 -15.29 12.02 -21.47
N VAL D 284 -16.61 12.10 -21.75
CA VAL D 284 -17.20 11.74 -23.03
C VAL D 284 -18.06 12.93 -23.51
N ARG D 285 -18.28 13.02 -24.82
CA ARG D 285 -19.09 14.09 -25.42
C ARG D 285 -20.40 13.51 -25.94
N LEU D 286 -21.51 14.16 -25.63
CA LEU D 286 -22.81 13.74 -26.15
C LEU D 286 -23.24 14.75 -27.18
N TYR D 287 -23.54 14.28 -28.40
CA TYR D 287 -24.06 15.12 -29.49
C TYR D 287 -25.51 14.72 -29.78
N VAL D 288 -26.47 15.57 -29.39
CA VAL D 288 -27.89 15.23 -29.60
C VAL D 288 -28.45 15.94 -30.84
N SER D 289 -28.96 15.15 -31.79
CA SER D 289 -29.58 15.65 -33.00
C SER D 289 -30.95 15.04 -33.08
N GLU D 290 -31.72 15.40 -34.12
CA GLU D 290 -33.06 14.86 -34.31
C GLU D 290 -33.04 13.33 -34.33
N ASN D 291 -33.68 12.70 -33.33
CA ASN D 291 -33.76 11.25 -33.20
C ASN D 291 -32.39 10.54 -33.21
N GLN D 292 -31.33 11.24 -32.80
CA GLN D 292 -30.01 10.64 -32.80
C GLN D 292 -29.15 11.13 -31.65
N LEU D 293 -28.38 10.22 -31.05
CA LEU D 293 -27.37 10.54 -30.05
C LEU D 293 -26.01 10.02 -30.55
N LYS D 294 -25.00 10.87 -30.51
CA LYS D 294 -23.62 10.48 -30.84
C LYS D 294 -22.77 10.64 -29.59
N ILE D 295 -22.03 9.59 -29.21
CA ILE D 295 -21.16 9.61 -28.03
C ILE D 295 -19.73 9.49 -28.50
N THR D 296 -18.85 10.40 -28.12
CA THR D 296 -17.44 10.26 -28.50
C THR D 296 -16.55 10.27 -27.26
N ALA D 297 -15.43 9.57 -27.32
CA ALA D 297 -14.41 9.57 -26.26
C ALA D 297 -13.03 9.63 -26.90
N ASN D 298 -12.12 10.41 -26.31
CA ASN D 298 -10.72 10.37 -26.70
C ASN D 298 -9.83 10.41 -25.45
N ASN D 299 -8.58 9.98 -25.58
CA ASN D 299 -7.68 9.89 -24.45
C ASN D 299 -6.32 10.52 -24.83
N PRO D 300 -5.36 10.59 -23.88
CA PRO D 300 -4.10 11.23 -24.19
C PRO D 300 -3.31 10.50 -25.31
N GLU D 301 -3.61 9.21 -25.55
CA GLU D 301 -2.89 8.46 -26.63
C GLU D 301 -3.52 8.89 -28.00
N GLN D 302 -4.55 9.74 -28.00
CA GLN D 302 -5.26 10.19 -29.21
C GLN D 302 -6.04 9.04 -29.84
N GLU D 303 -6.48 8.09 -29.01
CA GLU D 303 -7.38 7.02 -29.47
C GLU D 303 -8.78 7.57 -29.40
N GLU D 304 -9.69 7.08 -30.24
CA GLU D 304 -11.03 7.65 -30.32
C GLU D 304 -12.08 6.56 -30.43
N ALA D 305 -13.18 6.70 -29.67
CA ALA D 305 -14.35 5.84 -29.74
C ALA D 305 -15.51 6.72 -30.22
N GLU D 306 -16.37 6.19 -31.09
CA GLU D 306 -17.60 6.89 -31.49
C GLU D 306 -18.78 5.91 -31.54
N GLU D 307 -19.89 6.26 -30.86
CA GLU D 307 -21.09 5.44 -30.88
C GLU D 307 -22.20 6.28 -31.42
N ILE D 308 -22.97 5.69 -32.35
CA ILE D 308 -24.19 6.29 -32.91
C ILE D 308 -25.34 5.28 -32.74
N LEU D 309 -26.45 5.72 -32.18
CA LEU D 309 -27.62 4.86 -31.97
C LEU D 309 -28.93 5.61 -32.27
N ASP D 310 -30.05 4.87 -32.38
CA ASP D 310 -31.36 5.46 -32.62
C ASP D 310 -31.99 5.85 -31.29
N VAL D 311 -32.58 7.05 -31.21
CA VAL D 311 -33.11 7.64 -29.99
C VAL D 311 -34.35 8.55 -30.31
N THR D 312 -35.18 8.93 -29.30
CA THR D 312 -36.33 9.80 -29.53
C THR D 312 -36.00 11.20 -29.00
N TYR D 313 -35.92 12.21 -29.87
CA TYR D 313 -35.63 13.57 -29.44
C TYR D 313 -36.19 14.61 -30.42
N SER D 314 -36.83 15.66 -29.88
CA SER D 314 -37.42 16.74 -30.68
C SER D 314 -37.11 18.10 -30.05
N GLY D 315 -35.94 18.62 -30.37
CA GLY D 315 -35.47 19.90 -29.84
C GLY D 315 -34.27 20.43 -30.59
N ALA D 316 -33.72 21.56 -30.12
CA ALA D 316 -32.55 22.16 -30.77
C ALA D 316 -31.29 21.37 -30.45
N GLU D 317 -30.37 21.31 -31.42
CA GLU D 317 -29.12 20.60 -31.23
C GLU D 317 -28.29 21.23 -30.12
N MET D 318 -27.57 20.39 -29.37
CA MET D 318 -26.59 20.84 -28.38
C MET D 318 -25.60 19.73 -28.10
N GLU D 319 -24.42 20.08 -27.64
CA GLU D 319 -23.41 19.10 -27.27
C GLU D 319 -23.14 19.29 -25.80
N ILE D 320 -22.92 18.21 -25.05
CA ILE D 320 -22.68 18.29 -23.61
C ILE D 320 -21.66 17.21 -23.20
N GLY D 321 -20.77 17.57 -22.28
CA GLY D 321 -19.73 16.68 -21.80
C GLY D 321 -20.10 16.03 -20.48
N PHE D 322 -19.78 14.75 -20.28
CA PHE D 322 -20.05 14.07 -19.00
C PHE D 322 -18.88 13.18 -18.60
N ASN D 323 -18.72 12.99 -17.28
CA ASN D 323 -17.88 11.95 -16.73
C ASN D 323 -18.65 10.64 -17.02
N VAL D 324 -18.07 9.77 -17.86
CA VAL D 324 -18.85 8.62 -18.29
C VAL D 324 -19.22 7.69 -17.11
N SER D 325 -18.37 7.63 -16.04
CA SER D 325 -18.64 6.75 -14.90
C SER D 325 -19.89 7.18 -14.16
N TYR D 326 -20.13 8.50 -14.07
CA TYR D 326 -21.37 8.99 -13.44
C TYR D 326 -22.61 8.59 -14.25
N VAL D 327 -22.49 8.59 -15.58
CA VAL D 327 -23.63 8.20 -16.43
C VAL D 327 -23.85 6.69 -16.30
N LEU D 328 -22.78 5.89 -16.38
CA LEU D 328 -22.91 4.43 -16.29
C LEU D 328 -23.47 4.02 -14.93
N ASP D 329 -23.08 4.71 -13.85
CA ASP D 329 -23.64 4.41 -12.51
C ASP D 329 -25.15 4.57 -12.50
N VAL D 330 -25.64 5.65 -13.12
CA VAL D 330 -27.10 5.90 -13.19
C VAL D 330 -27.77 4.80 -14.01
N LEU D 331 -27.22 4.50 -15.21
CA LEU D 331 -27.81 3.48 -16.08
C LEU D 331 -27.82 2.10 -15.43
N ASN D 332 -26.75 1.77 -14.70
CA ASN D 332 -26.68 0.50 -13.98
C ASN D 332 -27.72 0.44 -12.86
N ALA D 333 -28.01 1.58 -12.20
CA ALA D 333 -29.01 1.62 -11.12
C ALA D 333 -30.48 1.66 -11.69
N LEU D 334 -30.65 2.22 -12.88
CA LEU D 334 -31.95 2.26 -13.54
C LEU D 334 -32.07 1.02 -14.40
N LYS D 335 -32.21 -0.14 -13.74
CA LYS D 335 -32.35 -1.41 -14.43
C LYS D 335 -33.81 -1.42 -14.82
N CYS D 336 -34.08 -1.32 -16.12
CA CYS D 336 -35.40 -1.02 -16.66
C CYS D 336 -35.32 -1.22 -18.16
N GLU D 337 -36.28 -0.67 -18.94
CA GLU D 337 -36.20 -0.81 -20.40
C GLU D 337 -36.07 0.55 -21.12
N ASN D 338 -36.53 1.66 -20.55
CA ASN D 338 -36.39 2.94 -21.22
C ASN D 338 -36.10 4.02 -20.21
N VAL D 339 -35.16 4.92 -20.56
CA VAL D 339 -34.72 6.03 -19.72
C VAL D 339 -34.99 7.32 -20.47
N ARG D 340 -35.29 8.40 -19.74
CA ARG D 340 -35.47 9.72 -20.34
C ARG D 340 -34.54 10.72 -19.68
N MET D 341 -33.80 11.47 -20.51
CA MET D 341 -32.88 12.51 -20.06
C MET D 341 -33.56 13.84 -20.23
N MET D 342 -33.44 14.74 -19.27
CA MET D 342 -34.04 16.07 -19.39
C MET D 342 -32.95 17.14 -19.27
N LEU D 343 -32.56 17.71 -20.42
CA LEU D 343 -31.46 18.66 -20.54
C LEU D 343 -31.93 20.13 -20.60
N THR D 344 -31.06 21.06 -20.17
CA THR D 344 -31.31 22.50 -20.26
C THR D 344 -30.29 23.06 -21.27
N ASP D 345 -29.00 23.10 -20.90
CA ASP D 345 -27.94 23.53 -21.79
C ASP D 345 -26.64 22.81 -21.44
N SER D 346 -25.55 23.14 -22.13
CA SER D 346 -24.26 22.47 -21.97
C SER D 346 -23.57 22.72 -20.64
N VAL D 347 -23.94 23.77 -19.88
CA VAL D 347 -23.28 24.07 -18.60
C VAL D 347 -24.20 23.81 -17.40
N SER D 348 -25.33 23.16 -17.58
CA SER D 348 -26.23 22.94 -16.46
CA SER D 348 -26.24 22.95 -16.46
C SER D 348 -26.62 21.48 -16.27
N SER D 349 -27.12 21.20 -15.03
CA SER D 349 -27.59 19.91 -14.51
C SER D 349 -28.45 19.19 -15.50
N VAL D 350 -28.34 17.86 -15.56
CA VAL D 350 -29.18 17.00 -16.38
C VAL D 350 -29.89 15.98 -15.51
N GLN D 351 -31.19 15.77 -15.76
CA GLN D 351 -31.98 14.81 -14.99
C GLN D 351 -32.15 13.53 -15.80
N ILE D 352 -31.92 12.36 -15.17
CA ILE D 352 -32.03 11.04 -15.80
C ILE D 352 -32.97 10.15 -14.97
N GLU D 353 -34.24 10.10 -15.33
CA GLU D 353 -35.21 9.29 -14.59
C GLU D 353 -35.67 8.13 -15.47
N ASP D 354 -36.38 7.14 -14.91
CA ASP D 354 -36.94 6.07 -15.74
C ASP D 354 -38.05 6.70 -16.57
N ALA D 355 -38.24 6.20 -17.80
CA ALA D 355 -39.30 6.70 -18.70
C ALA D 355 -40.70 6.50 -18.07
N ALA D 356 -40.85 5.41 -17.31
CA ALA D 356 -42.12 5.00 -16.76
C ALA D 356 -42.43 5.61 -15.38
N SER D 357 -41.43 5.77 -14.51
CA SER D 357 -41.66 6.17 -13.12
C SER D 357 -40.89 7.42 -12.69
N GLN D 358 -41.45 8.13 -11.68
CA GLN D 358 -40.83 9.30 -11.07
C GLN D 358 -40.28 9.02 -9.64
N SER D 359 -40.57 7.82 -9.06
CA SER D 359 -40.02 7.38 -7.77
C SER D 359 -38.53 7.68 -7.61
N ALA D 360 -37.69 7.33 -8.63
CA ALA D 360 -36.25 7.64 -8.60
C ALA D 360 -35.88 8.67 -9.64
N ALA D 361 -35.03 9.63 -9.26
CA ALA D 361 -34.52 10.62 -10.20
C ALA D 361 -33.03 10.79 -9.98
N TYR D 362 -32.28 11.06 -11.05
CA TYR D 362 -30.83 11.23 -10.97
C TYR D 362 -30.45 12.53 -11.61
N VAL D 363 -29.54 13.27 -10.97
CA VAL D 363 -29.07 14.53 -11.50
C VAL D 363 -27.55 14.45 -11.64
N VAL D 364 -27.04 14.70 -12.85
CA VAL D 364 -25.60 14.66 -13.10
C VAL D 364 -25.18 16.00 -13.67
N MET D 365 -24.20 16.65 -13.03
CA MET D 365 -23.65 17.91 -13.51
C MET D 365 -22.64 17.63 -14.63
N PRO D 366 -22.65 18.41 -15.75
CA PRO D 366 -21.71 18.11 -16.85
C PRO D 366 -20.27 18.49 -16.56
N MET D 367 -19.41 18.22 -17.54
CA MET D 367 -18.01 18.66 -17.51
C MET D 367 -17.78 19.59 -18.68
N ARG D 368 -16.68 20.32 -18.60
CA ARG D 368 -16.16 21.08 -19.72
C ARG D 368 -14.94 20.32 -20.17
N LEU D 369 -14.95 19.80 -21.41
CA LEU D 369 -13.80 19.10 -21.98
C LEU D 369 -12.87 20.07 -22.75
N GLN E 2 -16.98 19.55 11.76
CA GLN E 2 -16.35 20.65 11.06
C GLN E 2 -17.38 21.39 10.21
N ASP E 4 -18.63 24.17 7.28
CA ASP E 4 -18.18 24.67 5.99
C ASP E 4 -17.87 26.15 6.06
N LEU E 5 -16.76 26.54 5.47
CA LEU E 5 -16.35 27.93 5.37
C LEU E 5 -17.15 28.67 4.31
N PHE E 6 -17.65 27.93 3.32
CA PHE E 6 -18.50 28.46 2.23
C PHE E 6 -19.07 27.24 1.51
N GLN F 2 21.17 -16.34 -10.29
CA GLN F 2 22.05 -16.13 -9.15
C GLN F 2 22.35 -17.49 -8.56
N ASP F 4 23.70 -20.17 -5.62
CA ASP F 4 23.72 -20.25 -4.14
C ASP F 4 25.12 -20.21 -3.60
N LEU F 5 25.31 -19.48 -2.51
CA LEU F 5 26.63 -19.42 -1.87
C LEU F 5 26.88 -20.70 -1.03
N PHE F 6 25.80 -21.37 -0.63
CA PHE F 6 25.86 -22.60 0.18
C PHE F 6 24.49 -23.27 0.14
N GLN G 2 10.50 -22.98 12.87
CA GLN G 2 10.32 -23.78 11.67
C GLN G 2 11.65 -24.35 11.21
N ASP G 4 14.26 -26.42 8.63
CA ASP G 4 14.45 -26.51 7.17
C ASP G 4 14.22 -27.91 6.73
N LEU G 5 13.48 -28.08 5.65
CA LEU G 5 13.23 -29.37 5.04
C LEU G 5 14.50 -29.88 4.33
N PHE G 6 15.32 -28.95 3.83
CA PHE G 6 16.62 -29.26 3.22
C PHE G 6 17.51 -28.04 3.25
N GLN H 2 -14.96 19.35 -14.29
CA GLN H 2 -16.21 18.94 -13.67
C GLN H 2 -16.82 20.11 -12.94
N ASP H 4 -19.53 22.07 -10.44
CA ASP H 4 -20.19 21.80 -9.17
C ASP H 4 -21.68 21.76 -9.37
N LEU H 5 -22.32 20.78 -8.76
CA LEU H 5 -23.77 20.66 -8.81
C LEU H 5 -24.42 21.70 -7.87
N PHE H 6 -23.68 22.11 -6.84
CA PHE H 6 -24.14 23.10 -5.84
C PHE H 6 -22.94 23.52 -4.98
#